data_1NNV
#
_entry.id   1NNV
#
_entity_poly.entity_id   1
_entity_poly.type   'polypeptide(L)'
_entity_poly.pdbx_seq_one_letter_code
;GSHMTTEIKKLDPDTAIDIAYDIFLEMAGENLDPADILLFNLQFEERGGVEFVETADDWEEEIGVLIDPEEYAEVWVGLV
NEQDEMDDVFAKFLISHREEDREFHVIWKK
;
_entity_poly.pdbx_strand_id   A
#
# COMPACT_ATOMS: atom_id res chain seq x y z
N MET A 4 -15.51 -0.19 -20.71
CA MET A 4 -14.44 -0.70 -21.61
C MET A 4 -14.33 0.14 -22.87
N THR A 5 -13.64 1.27 -22.76
CA THR A 5 -13.46 2.16 -23.90
C THR A 5 -11.96 2.31 -24.23
N THR A 6 -11.11 1.75 -23.38
CA THR A 6 -9.66 1.83 -23.59
C THR A 6 -9.02 0.45 -23.43
N GLU A 7 -7.73 0.44 -23.10
CA GLU A 7 -7.00 -0.81 -22.91
C GLU A 7 -6.59 -0.98 -21.45
N ILE A 8 -6.00 0.06 -20.89
CA ILE A 8 -5.56 0.04 -19.50
C ILE A 8 -6.46 0.90 -18.63
N LYS A 9 -7.01 0.31 -17.58
CA LYS A 9 -7.90 1.03 -16.67
C LYS A 9 -7.31 1.10 -15.26
N LYS A 10 -7.46 2.26 -14.62
CA LYS A 10 -6.94 2.45 -13.28
C LYS A 10 -8.01 2.11 -12.23
N LEU A 11 -7.68 2.28 -10.96
CA LEU A 11 -8.61 1.99 -9.89
C LEU A 11 -9.02 3.26 -9.17
N ASP A 12 -10.29 3.32 -8.74
CA ASP A 12 -10.81 4.48 -8.04
C ASP A 12 -10.09 4.69 -6.71
N PRO A 13 -9.98 5.94 -6.25
CA PRO A 13 -9.31 6.28 -5.00
C PRO A 13 -9.85 5.46 -3.82
N ASP A 14 -11.16 5.48 -3.63
CA ASP A 14 -11.80 4.75 -2.56
C ASP A 14 -11.77 3.25 -2.82
N THR A 15 -11.85 2.88 -4.09
CA THR A 15 -11.84 1.47 -4.48
C THR A 15 -10.49 0.83 -4.16
N ALA A 16 -9.42 1.46 -4.63
CA ALA A 16 -8.07 0.95 -4.40
C ALA A 16 -7.77 0.87 -2.90
N ILE A 17 -8.07 1.95 -2.18
CA ILE A 17 -7.84 2.00 -0.75
C ILE A 17 -8.65 0.93 -0.03
N ASP A 18 -9.88 0.73 -0.46
CA ASP A 18 -10.77 -0.27 0.13
C ASP A 18 -10.13 -1.65 0.07
N ILE A 19 -9.75 -2.08 -1.13
CA ILE A 19 -9.13 -3.38 -1.32
C ILE A 19 -7.85 -3.52 -0.50
N ALA A 20 -6.94 -2.56 -0.66
CA ALA A 20 -5.68 -2.57 0.05
C ALA A 20 -5.91 -2.59 1.56
N TYR A 21 -6.90 -1.82 2.02
CA TYR A 21 -7.22 -1.75 3.44
C TYR A 21 -7.47 -3.14 4.00
N ASP A 22 -8.30 -3.92 3.32
CA ASP A 22 -8.63 -5.27 3.75
C ASP A 22 -7.38 -6.16 3.71
N ILE A 23 -6.47 -5.85 2.79
CA ILE A 23 -5.24 -6.61 2.65
C ILE A 23 -4.28 -6.31 3.80
N PHE A 24 -4.38 -5.12 4.37
CA PHE A 24 -3.53 -4.74 5.47
C PHE A 24 -4.01 -5.39 6.77
N LEU A 25 -5.31 -5.64 6.83
CA LEU A 25 -5.93 -6.26 8.00
C LEU A 25 -5.71 -7.76 8.02
N GLU A 26 -5.69 -8.37 6.85
CA GLU A 26 -5.52 -9.81 6.72
C GLU A 26 -4.04 -10.20 6.55
N MET A 27 -3.28 -9.39 5.81
CA MET A 27 -1.87 -9.69 5.59
C MET A 27 -1.04 -9.35 6.81
N ALA A 28 -1.21 -8.13 7.33
CA ALA A 28 -0.47 -7.68 8.51
C ALA A 28 -0.44 -8.75 9.59
N GLY A 29 0.64 -9.52 9.62
CA GLY A 29 0.77 -10.58 10.62
C GLY A 29 2.21 -10.99 10.85
N GLU A 30 2.54 -12.23 10.51
CA GLU A 30 3.89 -12.75 10.68
C GLU A 30 4.88 -12.03 9.77
N ASN A 31 4.41 -11.67 8.57
CA ASN A 31 5.26 -10.97 7.60
C ASN A 31 5.73 -9.63 8.15
N LEU A 32 4.95 -9.06 9.07
CA LEU A 32 5.28 -7.78 9.66
C LEU A 32 6.04 -7.97 10.98
N ASP A 33 6.90 -7.01 11.31
CA ASP A 33 7.69 -7.06 12.54
C ASP A 33 6.79 -7.03 13.78
N PRO A 34 7.09 -7.88 14.78
CA PRO A 34 6.29 -7.95 16.02
C PRO A 34 6.04 -6.57 16.64
N ALA A 35 7.10 -5.90 17.08
CA ALA A 35 6.96 -4.59 17.70
C ALA A 35 6.07 -3.67 16.87
N ASP A 36 6.25 -3.69 15.56
CA ASP A 36 5.47 -2.87 14.65
C ASP A 36 4.01 -3.30 14.65
N ILE A 37 3.77 -4.57 14.92
CA ILE A 37 2.40 -5.10 14.96
C ILE A 37 1.64 -4.49 16.15
N LEU A 38 2.29 -4.50 17.31
CA LEU A 38 1.69 -3.95 18.52
C LEU A 38 1.32 -2.49 18.32
N LEU A 39 2.32 -1.66 18.04
CA LEU A 39 2.10 -0.23 17.84
C LEU A 39 0.92 0.04 16.92
N PHE A 40 0.83 -0.71 15.83
CA PHE A 40 -0.26 -0.57 14.87
C PHE A 40 -1.60 -0.93 15.52
N ASN A 41 -1.56 -1.79 16.54
CA ASN A 41 -2.76 -2.21 17.23
C ASN A 41 -3.24 -1.16 18.23
N LEU A 42 -2.29 -0.51 18.90
CA LEU A 42 -2.63 0.51 19.89
C LEU A 42 -2.86 1.87 19.23
N GLN A 43 -2.04 2.19 18.24
CA GLN A 43 -2.17 3.46 17.53
C GLN A 43 -2.39 3.24 16.05
N PHE A 44 -3.63 3.47 15.61
CA PHE A 44 -4.01 3.32 14.21
C PHE A 44 -5.34 4.02 13.96
N GLU A 45 -6.24 3.91 14.92
CA GLU A 45 -7.54 4.54 14.82
C GLU A 45 -7.37 6.06 14.80
N GLU A 46 -6.85 6.60 15.89
CA GLU A 46 -6.62 8.04 16.00
C GLU A 46 -5.48 8.47 15.09
N ARG A 47 -4.55 7.56 14.82
CA ARG A 47 -3.41 7.86 13.96
C ARG A 47 -3.39 6.91 12.76
N GLY A 48 -4.47 6.93 11.97
CA GLY A 48 -4.54 6.07 10.81
C GLY A 48 -4.02 6.74 9.55
N GLY A 49 -3.21 6.02 8.79
CA GLY A 49 -2.66 6.56 7.56
C GLY A 49 -2.68 5.56 6.44
N VAL A 50 -3.31 5.92 5.33
CA VAL A 50 -3.39 5.05 4.17
C VAL A 50 -3.47 5.86 2.88
N GLU A 51 -2.37 6.53 2.56
CA GLU A 51 -2.31 7.36 1.36
C GLU A 51 -2.07 6.53 0.10
N PHE A 52 -2.90 6.75 -0.91
CA PHE A 52 -2.79 6.02 -2.16
C PHE A 52 -1.88 6.76 -3.15
N VAL A 53 -0.60 6.40 -3.15
CA VAL A 53 0.36 7.03 -4.04
C VAL A 53 0.44 6.29 -5.37
N GLU A 54 1.28 6.80 -6.28
CA GLU A 54 1.44 6.17 -7.59
C GLU A 54 2.76 5.41 -7.67
N THR A 55 3.03 4.83 -8.82
CA THR A 55 4.26 4.07 -9.03
C THR A 55 5.46 5.00 -9.13
N ALA A 56 6.65 4.42 -9.02
CA ALA A 56 7.89 5.19 -9.10
C ALA A 56 8.95 4.45 -9.91
N ASP A 57 10.05 5.12 -10.19
CA ASP A 57 11.15 4.52 -10.95
C ASP A 57 12.14 3.84 -10.02
N ASP A 58 12.24 4.33 -8.80
CA ASP A 58 13.16 3.76 -7.81
C ASP A 58 12.53 2.58 -7.08
N TRP A 59 11.91 1.68 -7.84
CA TRP A 59 11.27 0.51 -7.25
C TRP A 59 12.23 -0.67 -7.23
N GLU A 60 12.97 -0.84 -8.32
CA GLU A 60 13.94 -1.93 -8.44
C GLU A 60 15.08 -1.77 -7.44
N GLU A 61 14.76 -1.84 -6.16
CA GLU A 61 15.75 -1.70 -5.10
C GLU A 61 15.20 -2.25 -3.78
N GLU A 62 13.99 -1.84 -3.44
CA GLU A 62 13.35 -2.29 -2.21
C GLU A 62 12.74 -3.68 -2.38
N ILE A 63 11.64 -3.77 -3.11
CA ILE A 63 10.98 -5.06 -3.35
C ILE A 63 11.90 -6.02 -4.09
N GLY A 64 12.78 -5.47 -4.92
CA GLY A 64 13.71 -6.30 -5.66
C GLY A 64 13.20 -6.68 -7.04
N VAL A 65 12.67 -5.69 -7.76
CA VAL A 65 12.15 -5.91 -9.12
C VAL A 65 11.61 -4.62 -9.71
N LEU A 66 11.99 -4.33 -10.94
CA LEU A 66 11.53 -3.12 -11.62
C LEU A 66 10.03 -3.18 -11.89
N ILE A 67 9.37 -2.05 -11.73
CA ILE A 67 7.93 -1.97 -11.95
C ILE A 67 7.57 -0.88 -12.96
N ASP A 68 6.53 -1.12 -13.75
CA ASP A 68 6.10 -0.17 -14.75
C ASP A 68 5.40 1.02 -14.08
N PRO A 69 5.91 2.25 -14.29
CA PRO A 69 5.32 3.45 -13.68
C PRO A 69 3.96 3.78 -14.30
N GLU A 70 3.19 4.60 -13.59
CA GLU A 70 1.86 5.02 -14.05
C GLU A 70 1.04 3.83 -14.56
N GLU A 71 1.40 2.62 -14.11
CA GLU A 71 0.70 1.41 -14.52
C GLU A 71 0.47 0.48 -13.34
N TYR A 72 0.66 0.99 -12.13
CA TYR A 72 0.46 0.19 -10.93
C TYR A 72 -0.07 1.05 -9.78
N ALA A 73 -0.89 0.44 -8.93
CA ALA A 73 -1.47 1.16 -7.81
C ALA A 73 -0.57 1.04 -6.58
N GLU A 74 0.00 2.17 -6.18
CA GLU A 74 0.89 2.22 -5.02
C GLU A 74 0.11 2.63 -3.77
N VAL A 75 0.11 1.75 -2.78
CA VAL A 75 -0.60 2.04 -1.52
C VAL A 75 0.37 2.03 -0.34
N TRP A 76 0.24 3.04 0.51
CA TRP A 76 1.08 3.17 1.70
C TRP A 76 0.19 3.22 2.94
N VAL A 77 0.33 2.24 3.82
CA VAL A 77 -0.47 2.20 5.04
C VAL A 77 0.43 2.36 6.27
N GLY A 78 0.34 3.53 6.91
CA GLY A 78 1.16 3.79 8.07
C GLY A 78 0.40 4.34 9.25
N LEU A 79 0.98 5.37 9.87
CA LEU A 79 0.38 6.03 11.04
C LEU A 79 0.57 7.54 10.93
N VAL A 80 -0.51 8.29 11.02
CA VAL A 80 -0.44 9.75 10.91
C VAL A 80 -0.84 10.42 12.21
N ASN A 81 -0.72 11.75 12.25
CA ASN A 81 -1.07 12.53 13.42
C ASN A 81 -2.40 13.23 13.23
N GLU A 82 -2.69 14.22 14.08
CA GLU A 82 -3.94 14.97 13.99
C GLU A 82 -3.88 16.03 12.89
N GLN A 83 -2.72 16.15 12.23
CA GLN A 83 -2.55 17.13 11.16
C GLN A 83 -2.71 16.48 9.79
N ASP A 84 -2.86 15.16 9.75
CA ASP A 84 -3.01 14.43 8.50
C ASP A 84 -1.74 14.54 7.66
N GLU A 85 -0.89 13.53 7.77
CA GLU A 85 0.37 13.50 7.03
C GLU A 85 0.66 12.10 6.51
N MET A 86 1.95 11.75 6.41
CA MET A 86 2.35 10.43 5.93
C MET A 86 3.86 10.27 5.95
N ASP A 87 4.45 10.44 7.13
CA ASP A 87 5.90 10.32 7.28
C ASP A 87 6.28 9.02 7.98
N ASP A 88 5.28 8.21 8.33
CA ASP A 88 5.52 6.95 9.00
C ASP A 88 4.71 5.82 8.36
N VAL A 89 5.27 5.23 7.32
CA VAL A 89 4.60 4.14 6.62
C VAL A 89 4.97 2.78 7.22
N PHE A 90 3.97 1.93 7.42
CA PHE A 90 4.19 0.61 8.00
C PHE A 90 4.44 -0.43 6.91
N ALA A 91 3.57 -0.44 5.91
CA ALA A 91 3.68 -1.39 4.80
C ALA A 91 3.16 -0.77 3.52
N LYS A 92 3.84 -1.00 2.40
CA LYS A 92 3.42 -0.44 1.12
C LYS A 92 2.95 -1.55 0.18
N PHE A 93 1.80 -1.36 -0.45
CA PHE A 93 1.23 -2.36 -1.36
C PHE A 93 1.28 -1.91 -2.82
N LEU A 94 1.48 -2.87 -3.71
CA LEU A 94 1.52 -2.59 -5.15
C LEU A 94 0.55 -3.51 -5.90
N ILE A 95 -0.58 -2.96 -6.35
CA ILE A 95 -1.58 -3.75 -7.05
C ILE A 95 -1.65 -3.39 -8.54
N SER A 96 -1.54 -4.40 -9.39
CA SER A 96 -1.58 -4.20 -10.84
C SER A 96 -2.94 -3.67 -11.29
N HIS A 97 -3.00 -2.36 -11.52
CA HIS A 97 -4.24 -1.69 -11.94
C HIS A 97 -5.06 -2.56 -12.90
N ARG A 98 -4.46 -2.96 -14.01
CA ARG A 98 -5.13 -3.78 -15.01
C ARG A 98 -5.94 -4.91 -14.38
N GLU A 99 -6.85 -5.47 -15.16
CA GLU A 99 -7.70 -6.55 -14.69
C GLU A 99 -7.01 -7.91 -14.86
N GLU A 100 -6.47 -8.14 -16.06
CA GLU A 100 -5.78 -9.40 -16.34
C GLU A 100 -4.52 -9.49 -15.49
N ASP A 101 -4.31 -10.64 -14.87
CA ASP A 101 -3.16 -10.84 -14.01
C ASP A 101 -3.21 -9.86 -12.86
N ARG A 102 -3.31 -10.38 -11.64
CA ARG A 102 -3.37 -9.54 -10.45
C ARG A 102 -2.14 -9.73 -9.58
N GLU A 103 -1.14 -8.88 -9.79
CA GLU A 103 0.09 -8.95 -9.04
C GLU A 103 0.08 -7.94 -7.89
N PHE A 104 -0.15 -8.44 -6.68
CA PHE A 104 -0.18 -7.58 -5.50
C PHE A 104 0.88 -8.01 -4.49
N HIS A 105 1.89 -7.18 -4.33
CA HIS A 105 2.98 -7.49 -3.39
C HIS A 105 3.23 -6.32 -2.43
N VAL A 106 3.02 -6.57 -1.15
CA VAL A 106 3.22 -5.56 -0.13
C VAL A 106 4.58 -5.69 0.54
N ILE A 107 5.12 -4.57 1.00
CA ILE A 107 6.42 -4.57 1.67
C ILE A 107 6.28 -4.21 3.14
N TRP A 108 6.88 -5.03 4.01
CA TRP A 108 6.81 -4.80 5.45
C TRP A 108 8.17 -4.40 6.02
N LYS A 109 8.20 -3.32 6.79
CA LYS A 109 9.42 -2.82 7.42
C LYS A 109 10.64 -3.01 6.51
N LYS A 110 10.91 -2.02 5.67
CA LYS A 110 12.06 -2.09 4.77
C LYS A 110 13.31 -1.51 5.42
N MET A 4 -5.94 -8.65 -28.98
CA MET A 4 -5.64 -7.23 -28.63
C MET A 4 -6.76 -6.62 -27.80
N THR A 5 -6.70 -6.82 -26.49
CA THR A 5 -7.70 -6.27 -25.58
C THR A 5 -7.04 -5.73 -24.32
N THR A 6 -6.03 -4.90 -24.51
CA THR A 6 -5.30 -4.30 -23.40
C THR A 6 -5.93 -2.98 -22.97
N GLU A 7 -7.18 -3.05 -22.50
CA GLU A 7 -7.89 -1.85 -22.04
C GLU A 7 -7.47 -1.47 -20.64
N ILE A 8 -6.94 -0.26 -20.49
CA ILE A 8 -6.50 0.23 -19.19
C ILE A 8 -7.60 1.00 -18.47
N LYS A 9 -7.85 0.63 -17.22
CA LYS A 9 -8.88 1.28 -16.41
C LYS A 9 -8.29 1.76 -15.09
N LYS A 10 -8.69 2.95 -14.65
CA LYS A 10 -8.19 3.51 -13.40
C LYS A 10 -9.06 3.10 -12.22
N LEU A 11 -8.62 3.47 -11.02
CA LEU A 11 -9.34 3.15 -9.79
C LEU A 11 -9.62 4.40 -8.98
N ASP A 12 -10.71 4.38 -8.22
CA ASP A 12 -11.08 5.52 -7.39
C ASP A 12 -10.28 5.52 -6.09
N PRO A 13 -9.98 6.72 -5.56
CA PRO A 13 -9.20 6.86 -4.31
C PRO A 13 -9.80 6.03 -3.18
N ASP A 14 -11.08 6.24 -2.90
CA ASP A 14 -11.77 5.51 -1.84
C ASP A 14 -11.88 4.03 -2.18
N THR A 15 -11.97 3.73 -3.47
CA THR A 15 -12.09 2.35 -3.93
C THR A 15 -10.81 1.57 -3.67
N ALA A 16 -9.68 2.12 -4.11
CA ALA A 16 -8.40 1.47 -3.92
C ALA A 16 -8.04 1.41 -2.43
N ILE A 17 -8.09 2.56 -1.78
CA ILE A 17 -7.78 2.64 -0.34
C ILE A 17 -8.51 1.54 0.43
N ASP A 18 -9.71 1.21 -0.04
CA ASP A 18 -10.51 0.18 0.59
C ASP A 18 -9.90 -1.20 0.34
N ILE A 19 -9.35 -1.39 -0.85
CA ILE A 19 -8.73 -2.66 -1.22
C ILE A 19 -7.55 -2.96 -0.31
N ALA A 20 -6.52 -2.11 -0.36
CA ALA A 20 -5.33 -2.29 0.46
C ALA A 20 -5.68 -2.48 1.93
N TYR A 21 -6.65 -1.71 2.41
CA TYR A 21 -7.07 -1.79 3.80
C TYR A 21 -7.43 -3.23 4.18
N ASP A 22 -8.38 -3.80 3.44
CA ASP A 22 -8.81 -5.17 3.71
C ASP A 22 -7.65 -6.15 3.53
N ILE A 23 -6.71 -5.80 2.66
CA ILE A 23 -5.54 -6.65 2.41
C ILE A 23 -4.56 -6.58 3.58
N PHE A 24 -4.60 -5.49 4.32
CA PHE A 24 -3.71 -5.30 5.46
C PHE A 24 -4.18 -6.16 6.63
N LEU A 25 -5.45 -6.02 6.99
CA LEU A 25 -6.02 -6.77 8.09
C LEU A 25 -6.06 -8.28 7.82
N GLU A 26 -6.00 -8.64 6.54
CA GLU A 26 -6.05 -10.05 6.16
C GLU A 26 -4.65 -10.64 5.94
N MET A 27 -3.80 -9.92 5.21
CA MET A 27 -2.44 -10.41 4.93
C MET A 27 -1.50 -10.17 6.10
N ALA A 28 -1.60 -9.01 6.73
CA ALA A 28 -0.74 -8.68 7.87
C ALA A 28 -0.78 -9.78 8.93
N GLY A 29 0.33 -9.93 9.66
CA GLY A 29 0.40 -10.95 10.70
C GLY A 29 1.12 -12.20 10.23
N GLU A 30 2.21 -12.02 9.50
CA GLU A 30 2.98 -13.16 8.99
C GLU A 30 4.29 -12.70 8.34
N ASN A 31 4.30 -11.48 7.79
CA ASN A 31 5.49 -10.96 7.16
C ASN A 31 6.00 -9.73 7.90
N LEU A 32 5.08 -8.92 8.42
CA LEU A 32 5.45 -7.72 9.17
C LEU A 32 6.14 -8.08 10.47
N ASP A 33 7.25 -7.40 10.75
CA ASP A 33 8.03 -7.65 11.96
C ASP A 33 7.18 -7.56 13.24
N PRO A 34 7.50 -8.38 14.25
CA PRO A 34 6.76 -8.40 15.53
C PRO A 34 6.52 -7.01 16.10
N ALA A 35 7.59 -6.23 16.24
CA ALA A 35 7.49 -4.88 16.78
C ALA A 35 6.43 -4.07 16.03
N ASP A 36 6.57 -4.03 14.71
CA ASP A 36 5.64 -3.29 13.87
C ASP A 36 4.20 -3.75 14.13
N ILE A 37 4.04 -5.03 14.47
CA ILE A 37 2.71 -5.56 14.76
C ILE A 37 2.13 -4.87 15.99
N LEU A 38 2.94 -4.79 17.03
CA LEU A 38 2.53 -4.14 18.28
C LEU A 38 1.93 -2.77 18.00
N LEU A 39 2.70 -1.91 17.35
CA LEU A 39 2.24 -0.56 17.03
C LEU A 39 1.06 -0.61 16.07
N PHE A 40 1.28 -1.15 14.88
CA PHE A 40 0.22 -1.26 13.87
C PHE A 40 -1.11 -1.70 14.47
N ASN A 41 -1.06 -2.49 15.54
CA ASN A 41 -2.27 -2.99 16.19
C ASN A 41 -2.86 -1.95 17.14
N LEU A 42 -2.21 -1.78 18.29
CA LEU A 42 -2.65 -0.86 19.32
C LEU A 42 -2.49 0.60 18.89
N GLN A 43 -1.51 0.86 18.05
CA GLN A 43 -1.23 2.22 17.58
C GLN A 43 -1.99 2.53 16.29
N PHE A 44 -3.10 1.86 16.07
CA PHE A 44 -3.92 2.08 14.86
C PHE A 44 -5.15 2.92 15.19
N GLU A 45 -5.85 2.54 16.25
CA GLU A 45 -7.06 3.25 16.67
C GLU A 45 -6.75 4.73 16.89
N GLU A 46 -5.63 5.01 17.54
CA GLU A 46 -5.22 6.38 17.82
C GLU A 46 -4.48 6.98 16.63
N ARG A 47 -3.64 6.17 15.98
CA ARG A 47 -2.88 6.64 14.83
C ARG A 47 -3.02 5.67 13.66
N GLY A 48 -4.12 5.78 12.93
CA GLY A 48 -4.35 4.90 11.80
C GLY A 48 -4.84 5.65 10.57
N GLY A 49 -3.96 5.78 9.57
CA GLY A 49 -4.32 6.47 8.35
C GLY A 49 -3.70 5.84 7.13
N VAL A 50 -4.41 5.87 6.01
CA VAL A 50 -3.91 5.30 4.78
C VAL A 50 -4.09 6.28 3.61
N GLU A 51 -2.98 6.81 3.11
CA GLU A 51 -3.02 7.75 2.00
C GLU A 51 -2.85 7.05 0.67
N PHE A 52 -3.44 7.62 -0.38
CA PHE A 52 -3.35 7.06 -1.72
C PHE A 52 -2.35 7.84 -2.57
N VAL A 53 -1.19 7.24 -2.82
CA VAL A 53 -0.16 7.87 -3.62
C VAL A 53 -0.07 7.23 -5.00
N GLU A 54 0.87 7.71 -5.81
CA GLU A 54 1.05 7.17 -7.16
C GLU A 54 2.36 6.39 -7.26
N THR A 55 2.56 5.73 -8.40
CA THR A 55 3.77 4.94 -8.62
C THR A 55 5.00 5.84 -8.67
N ALA A 56 6.18 5.24 -8.55
CA ALA A 56 7.43 5.98 -8.59
C ALA A 56 8.40 5.39 -9.61
N ASP A 57 9.39 6.17 -9.98
CA ASP A 57 10.40 5.74 -10.95
C ASP A 57 11.65 5.24 -10.25
N ASP A 58 11.47 4.58 -9.12
CA ASP A 58 12.58 4.05 -8.34
C ASP A 58 12.13 2.92 -7.44
N TRP A 59 11.15 2.15 -7.91
CA TRP A 59 10.61 1.03 -7.15
C TRP A 59 11.50 -0.20 -7.28
N GLU A 60 12.34 -0.24 -8.31
CA GLU A 60 13.24 -1.36 -8.53
C GLU A 60 14.35 -1.38 -7.50
N GLU A 61 13.98 -1.50 -6.23
CA GLU A 61 14.95 -1.52 -5.14
C GLU A 61 14.36 -2.15 -3.89
N GLU A 62 13.15 -1.71 -3.53
CA GLU A 62 12.47 -2.24 -2.34
C GLU A 62 11.72 -3.52 -2.66
N ILE A 63 10.72 -3.43 -3.53
CA ILE A 63 9.93 -4.60 -3.90
C ILE A 63 10.71 -5.50 -4.84
N GLY A 64 11.62 -4.90 -5.61
CA GLY A 64 12.43 -5.67 -6.55
C GLY A 64 11.63 -6.17 -7.73
N VAL A 65 11.39 -5.27 -8.70
CA VAL A 65 10.63 -5.62 -9.91
C VAL A 65 10.19 -4.36 -10.63
N LEU A 66 10.26 -4.38 -11.96
CA LEU A 66 9.86 -3.24 -12.77
C LEU A 66 8.39 -2.88 -12.52
N ILE A 67 8.11 -1.59 -12.41
CA ILE A 67 6.75 -1.13 -12.17
C ILE A 67 6.36 0.02 -13.09
N ASP A 68 5.61 -0.29 -14.14
CA ASP A 68 5.16 0.72 -15.09
C ASP A 68 4.33 1.78 -14.37
N PRO A 69 4.88 3.00 -14.19
CA PRO A 69 4.17 4.08 -13.50
C PRO A 69 2.85 4.43 -14.18
N GLU A 70 1.95 5.06 -13.42
CA GLU A 70 0.65 5.46 -13.93
C GLU A 70 -0.32 4.29 -14.07
N GLU A 71 0.17 3.06 -13.92
CA GLU A 71 -0.68 1.89 -14.03
C GLU A 71 -0.71 1.08 -12.73
N TYR A 72 -0.27 1.69 -11.63
CA TYR A 72 -0.26 1.03 -10.34
C TYR A 72 -0.70 1.98 -9.24
N ALA A 73 -1.62 1.52 -8.39
CA ALA A 73 -2.12 2.33 -7.30
C ALA A 73 -1.29 2.11 -6.04
N GLU A 74 -0.57 3.15 -5.63
CA GLU A 74 0.27 3.06 -4.44
C GLU A 74 -0.49 3.47 -3.19
N VAL A 75 -0.45 2.61 -2.18
CA VAL A 75 -1.11 2.89 -0.91
C VAL A 75 -0.15 2.74 0.24
N TRP A 76 -0.19 3.67 1.18
CA TRP A 76 0.68 3.65 2.35
C TRP A 76 -0.13 3.57 3.63
N VAL A 77 0.35 2.77 4.58
CA VAL A 77 -0.34 2.62 5.86
C VAL A 77 0.63 2.82 7.03
N GLY A 78 0.44 3.93 7.75
CA GLY A 78 1.30 4.24 8.87
C GLY A 78 0.57 4.96 9.98
N LEU A 79 1.31 5.71 10.79
CA LEU A 79 0.70 6.46 11.90
C LEU A 79 0.88 7.96 11.72
N VAL A 80 0.52 8.46 10.54
CA VAL A 80 0.65 9.89 10.22
C VAL A 80 0.18 10.77 11.38
N ASN A 81 0.41 12.07 11.25
CA ASN A 81 0.03 13.03 12.28
C ASN A 81 -0.94 14.08 11.72
N GLU A 82 -1.14 15.15 12.47
CA GLU A 82 -2.02 16.22 12.05
C GLU A 82 -1.53 16.87 10.76
N GLN A 83 -0.22 16.82 10.55
CA GLN A 83 0.39 17.40 9.36
C GLN A 83 0.15 16.50 8.14
N ASP A 84 0.07 15.19 8.38
CA ASP A 84 -0.17 14.22 7.31
C ASP A 84 1.09 13.99 6.48
N GLU A 85 2.24 14.19 7.10
CA GLU A 85 3.52 14.01 6.40
C GLU A 85 4.10 12.61 6.65
N MET A 86 3.21 11.68 7.00
CA MET A 86 3.61 10.29 7.26
C MET A 86 5.03 10.17 7.81
N ASP A 87 5.14 10.14 9.13
CA ASP A 87 6.44 10.03 9.78
C ASP A 87 6.94 8.59 9.79
N ASP A 88 6.00 7.65 9.78
CA ASP A 88 6.36 6.23 9.80
C ASP A 88 5.34 5.40 9.02
N VAL A 89 5.85 4.64 8.05
CA VAL A 89 5.00 3.77 7.24
C VAL A 89 5.27 2.31 7.61
N PHE A 90 4.21 1.60 7.97
CA PHE A 90 4.34 0.20 8.37
C PHE A 90 4.22 -0.73 7.17
N ALA A 91 3.51 -0.29 6.14
CA ALA A 91 3.34 -1.10 4.94
C ALA A 91 2.91 -0.24 3.76
N LYS A 92 3.27 -0.68 2.55
CA LYS A 92 2.91 0.03 1.33
C LYS A 92 2.35 -0.98 0.34
N PHE A 93 1.32 -0.60 -0.40
CA PHE A 93 0.71 -1.52 -1.35
C PHE A 93 0.74 -1.01 -2.79
N LEU A 94 0.84 -1.95 -3.72
CA LEU A 94 0.86 -1.65 -5.15
C LEU A 94 -0.12 -2.58 -5.86
N ILE A 95 -1.15 -2.02 -6.50
CA ILE A 95 -2.13 -2.84 -7.21
C ILE A 95 -2.29 -2.42 -8.66
N SER A 96 -2.43 -3.41 -9.53
CA SER A 96 -2.59 -3.17 -10.97
C SER A 96 -3.95 -2.52 -11.25
N HIS A 97 -3.93 -1.35 -11.87
CA HIS A 97 -5.17 -0.64 -12.19
C HIS A 97 -5.98 -1.39 -13.24
N ARG A 98 -5.29 -2.10 -14.13
CA ARG A 98 -5.97 -2.87 -15.18
C ARG A 98 -6.97 -3.84 -14.60
N GLU A 99 -7.67 -4.55 -15.47
CA GLU A 99 -8.68 -5.52 -15.05
C GLU A 99 -8.18 -6.96 -15.19
N GLU A 100 -7.64 -7.29 -16.37
CA GLU A 100 -7.13 -8.63 -16.61
C GLU A 100 -5.79 -8.82 -15.89
N ASP A 101 -5.72 -9.82 -15.04
CA ASP A 101 -4.52 -10.10 -14.27
C ASP A 101 -4.22 -8.94 -13.34
N ARG A 102 -4.35 -9.18 -12.04
CA ARG A 102 -4.10 -8.14 -11.05
C ARG A 102 -2.99 -8.57 -10.10
N GLU A 103 -1.87 -7.83 -10.15
CA GLU A 103 -0.73 -8.13 -9.29
C GLU A 103 -0.70 -7.18 -8.08
N PHE A 104 -0.47 -7.74 -6.91
CA PHE A 104 -0.41 -6.95 -5.68
C PHE A 104 0.89 -7.22 -4.93
N HIS A 105 1.47 -6.16 -4.37
CA HIS A 105 2.70 -6.26 -3.63
C HIS A 105 2.62 -5.45 -2.34
N VAL A 106 3.38 -5.84 -1.32
CA VAL A 106 3.38 -5.12 -0.06
C VAL A 106 4.72 -5.22 0.65
N ILE A 107 5.16 -4.10 1.20
CA ILE A 107 6.43 -4.05 1.92
C ILE A 107 6.20 -3.73 3.39
N TRP A 108 6.79 -4.52 4.27
CA TRP A 108 6.65 -4.32 5.71
C TRP A 108 7.94 -3.81 6.32
N LYS A 109 7.82 -3.04 7.39
CA LYS A 109 8.99 -2.48 8.07
C LYS A 109 9.85 -3.59 8.67
N LYS A 110 11.11 -3.26 8.96
CA LYS A 110 12.04 -4.24 9.53
C LYS A 110 12.93 -3.57 10.58
N MET A 4 -13.93 -3.44 -29.58
CA MET A 4 -13.13 -4.69 -29.55
C MET A 4 -11.88 -4.53 -28.70
N THR A 5 -11.08 -3.51 -29.01
CA THR A 5 -9.85 -3.24 -28.28
C THR A 5 -10.17 -2.82 -26.85
N THR A 6 -9.81 -3.68 -25.89
CA THR A 6 -10.05 -3.40 -24.48
C THR A 6 -9.09 -2.33 -23.97
N GLU A 7 -9.63 -1.35 -23.27
CA GLU A 7 -8.83 -0.27 -22.71
C GLU A 7 -8.72 -0.39 -21.19
N ILE A 8 -7.53 -0.13 -20.67
CA ILE A 8 -7.29 -0.21 -19.23
C ILE A 8 -7.54 1.14 -18.55
N LYS A 9 -8.41 1.14 -17.56
CA LYS A 9 -8.75 2.36 -16.83
C LYS A 9 -7.98 2.43 -15.52
N LYS A 10 -8.32 3.41 -14.69
CA LYS A 10 -7.66 3.59 -13.40
C LYS A 10 -8.65 3.43 -12.25
N LEU A 11 -8.33 2.53 -11.33
CA LEU A 11 -9.19 2.28 -10.17
C LEU A 11 -9.53 3.58 -9.45
N ASP A 12 -10.62 3.56 -8.69
CA ASP A 12 -11.05 4.74 -7.94
C ASP A 12 -10.26 4.84 -6.63
N PRO A 13 -9.93 6.07 -6.21
CA PRO A 13 -9.18 6.30 -4.97
C PRO A 13 -9.74 5.53 -3.79
N ASP A 14 -11.02 5.76 -3.49
CA ASP A 14 -11.68 5.09 -2.39
C ASP A 14 -11.63 3.58 -2.56
N THR A 15 -11.85 3.11 -3.78
CA THR A 15 -11.83 1.68 -4.08
C THR A 15 -10.54 1.03 -3.58
N ALA A 16 -9.42 1.44 -4.16
CA ALA A 16 -8.11 0.89 -3.76
C ALA A 16 -7.96 0.88 -2.24
N ILE A 17 -8.30 2.00 -1.61
CA ILE A 17 -8.18 2.15 -0.15
C ILE A 17 -8.86 1.00 0.60
N ASP A 18 -10.06 0.61 0.18
CA ASP A 18 -10.78 -0.48 0.86
C ASP A 18 -10.11 -1.82 0.58
N ILE A 19 -9.67 -2.01 -0.66
CA ILE A 19 -9.03 -3.26 -1.05
C ILE A 19 -7.69 -3.43 -0.33
N ALA A 20 -6.74 -2.55 -0.66
CA ALA A 20 -5.41 -2.59 -0.04
C ALA A 20 -5.52 -2.69 1.49
N TYR A 21 -6.44 -1.92 2.06
CA TYR A 21 -6.65 -1.93 3.50
C TYR A 21 -6.92 -3.34 3.98
N ASP A 22 -7.87 -4.02 3.33
CA ASP A 22 -8.22 -5.39 3.68
C ASP A 22 -6.97 -6.26 3.72
N ILE A 23 -6.02 -5.98 2.83
CA ILE A 23 -4.78 -6.73 2.77
C ILE A 23 -4.02 -6.59 4.09
N PHE A 24 -3.50 -5.39 4.35
CA PHE A 24 -2.75 -5.11 5.58
C PHE A 24 -3.40 -5.76 6.80
N LEU A 25 -4.73 -5.93 6.74
CA LEU A 25 -5.46 -6.53 7.85
C LEU A 25 -5.18 -8.03 7.98
N GLU A 26 -5.20 -8.74 6.85
CA GLU A 26 -4.96 -10.18 6.85
C GLU A 26 -3.52 -10.52 6.50
N MET A 27 -2.87 -9.65 5.74
CA MET A 27 -1.48 -9.87 5.34
C MET A 27 -0.51 -9.57 6.48
N ALA A 28 -0.72 -8.44 7.15
CA ALA A 28 0.14 -8.04 8.26
C ALA A 28 0.18 -9.10 9.35
N GLY A 29 0.84 -8.79 10.46
CA GLY A 29 0.93 -9.73 11.56
C GLY A 29 1.53 -11.06 11.13
N GLU A 30 2.44 -11.00 10.16
CA GLU A 30 3.09 -12.20 9.64
C GLU A 30 4.42 -11.88 8.96
N ASN A 31 4.54 -10.67 8.40
CA ASN A 31 5.76 -10.27 7.71
C ASN A 31 6.43 -9.08 8.39
N LEU A 32 5.66 -8.34 9.20
CA LEU A 32 6.19 -7.17 9.90
C LEU A 32 6.57 -7.52 11.34
N ASP A 33 7.39 -6.67 11.95
CA ASP A 33 7.83 -6.87 13.32
C ASP A 33 6.64 -6.83 14.28
N PRO A 34 6.53 -7.80 15.20
CA PRO A 34 5.43 -7.87 16.17
C PRO A 34 5.05 -6.50 16.74
N ALA A 35 6.03 -5.60 16.82
CA ALA A 35 5.79 -4.26 17.35
C ALA A 35 4.61 -3.59 16.64
N ASP A 36 4.67 -3.53 15.32
CA ASP A 36 3.62 -2.91 14.53
C ASP A 36 2.26 -3.55 14.81
N ILE A 37 2.27 -4.84 15.13
CA ILE A 37 1.04 -5.56 15.43
C ILE A 37 0.37 -4.96 16.65
N LEU A 38 1.15 -4.79 17.72
CA LEU A 38 0.63 -4.21 18.95
C LEU A 38 0.26 -2.75 18.73
N LEU A 39 1.17 -2.01 18.12
CA LEU A 39 0.95 -0.59 17.83
C LEU A 39 -0.31 -0.41 16.97
N PHE A 40 -0.32 -1.09 15.83
CA PHE A 40 -1.45 -1.02 14.91
C PHE A 40 -2.77 -1.31 15.64
N ASN A 41 -2.69 -2.06 16.73
CA ASN A 41 -3.87 -2.42 17.51
C ASN A 41 -4.33 -1.24 18.37
N LEU A 42 -3.50 -0.83 19.31
CA LEU A 42 -3.83 0.29 20.20
C LEU A 42 -3.90 1.60 19.44
N GLN A 43 -3.18 1.68 18.33
CA GLN A 43 -3.16 2.88 17.51
C GLN A 43 -4.06 2.73 16.28
N PHE A 44 -3.66 3.33 15.16
CA PHE A 44 -4.43 3.27 13.93
C PHE A 44 -5.72 4.08 14.05
N GLU A 45 -6.55 3.73 15.03
CA GLU A 45 -7.80 4.44 15.26
C GLU A 45 -7.53 5.90 15.61
N GLU A 46 -6.45 6.13 16.35
CA GLU A 46 -6.07 7.48 16.76
C GLU A 46 -4.98 8.02 15.85
N ARG A 47 -3.99 7.19 15.54
CA ARG A 47 -2.88 7.61 14.68
C ARG A 47 -2.83 6.75 13.42
N GLY A 48 -3.96 6.65 12.72
CA GLY A 48 -4.02 5.86 11.51
C GLY A 48 -3.58 6.66 10.29
N GLY A 49 -2.71 6.06 9.49
CA GLY A 49 -2.24 6.73 8.30
C GLY A 49 -2.03 5.78 7.13
N VAL A 50 -2.84 5.94 6.09
CA VAL A 50 -2.74 5.10 4.91
C VAL A 50 -3.21 5.90 3.70
N GLU A 51 -2.26 6.43 2.93
CA GLU A 51 -2.58 7.24 1.76
C GLU A 51 -2.30 6.52 0.45
N PHE A 52 -3.13 6.79 -0.56
CA PHE A 52 -2.99 6.20 -1.87
C PHE A 52 -2.00 6.98 -2.72
N VAL A 53 -0.76 6.51 -2.77
CA VAL A 53 0.29 7.17 -3.55
C VAL A 53 0.34 6.65 -4.99
N GLU A 54 1.21 7.23 -5.78
CA GLU A 54 1.36 6.83 -7.18
C GLU A 54 2.69 6.11 -7.39
N THR A 55 2.89 5.60 -8.61
CA THR A 55 4.13 4.89 -8.93
C THR A 55 5.30 5.86 -9.07
N ALA A 56 6.50 5.31 -9.02
CA ALA A 56 7.71 6.12 -9.13
C ALA A 56 8.81 5.35 -9.87
N ASP A 57 9.91 6.05 -10.17
CA ASP A 57 11.03 5.43 -10.87
C ASP A 57 12.03 4.84 -9.88
N ASP A 58 11.90 5.21 -8.61
CA ASP A 58 12.79 4.72 -7.57
C ASP A 58 12.21 3.47 -6.89
N TRP A 59 11.70 2.56 -7.69
CA TRP A 59 11.12 1.33 -7.17
C TRP A 59 12.11 0.17 -7.27
N GLU A 60 12.98 0.23 -8.27
CA GLU A 60 13.97 -0.81 -8.49
C GLU A 60 15.03 -0.81 -7.36
N GLU A 61 14.56 -1.04 -6.14
CA GLU A 61 15.44 -1.06 -4.98
C GLU A 61 14.76 -1.76 -3.80
N GLU A 62 13.50 -1.40 -3.57
CA GLU A 62 12.73 -1.98 -2.47
C GLU A 62 12.27 -3.39 -2.83
N ILE A 63 11.21 -3.48 -3.63
CA ILE A 63 10.68 -4.77 -4.04
C ILE A 63 11.60 -5.48 -5.02
N GLY A 64 12.36 -4.69 -5.79
CA GLY A 64 13.27 -5.27 -6.76
C GLY A 64 12.55 -5.81 -7.98
N VAL A 65 12.22 -4.93 -8.91
CA VAL A 65 11.52 -5.31 -10.15
C VAL A 65 11.07 -4.07 -10.90
N LEU A 66 11.09 -4.16 -12.23
CA LEU A 66 10.68 -3.03 -13.06
C LEU A 66 9.17 -2.83 -12.98
N ILE A 67 8.76 -1.71 -12.39
CA ILE A 67 7.33 -1.40 -12.25
C ILE A 67 6.92 -0.26 -13.17
N ASP A 68 6.23 -0.60 -14.25
CA ASP A 68 5.78 0.41 -15.21
C ASP A 68 4.93 1.48 -14.50
N PRO A 69 5.48 2.69 -14.32
CA PRO A 69 4.76 3.77 -13.65
C PRO A 69 3.48 4.16 -14.38
N GLU A 70 2.54 4.76 -13.66
CA GLU A 70 1.27 5.19 -14.22
C GLU A 70 0.31 4.02 -14.46
N GLU A 71 0.80 2.79 -14.32
CA GLU A 71 -0.05 1.61 -14.52
C GLU A 71 -0.13 0.75 -13.26
N TYR A 72 0.19 1.34 -12.11
CA TYR A 72 0.12 0.63 -10.84
C TYR A 72 -0.39 1.52 -9.72
N ALA A 73 -1.23 0.95 -8.86
CA ALA A 73 -1.79 1.69 -7.74
C ALA A 73 -0.92 1.53 -6.51
N GLU A 74 -0.32 2.63 -6.06
CA GLU A 74 0.55 2.60 -4.90
C GLU A 74 -0.21 3.02 -3.64
N VAL A 75 -0.11 2.21 -2.60
CA VAL A 75 -0.77 2.49 -1.34
C VAL A 75 0.18 2.25 -0.17
N TRP A 76 0.27 3.22 0.73
CA TRP A 76 1.13 3.11 1.90
C TRP A 76 0.30 3.07 3.17
N VAL A 77 0.65 2.17 4.08
CA VAL A 77 -0.07 2.04 5.34
C VAL A 77 0.88 2.09 6.53
N GLY A 78 0.80 3.17 7.30
CA GLY A 78 1.67 3.32 8.44
C GLY A 78 1.01 4.02 9.61
N LEU A 79 1.71 5.01 10.16
CA LEU A 79 1.20 5.79 11.29
C LEU A 79 1.51 7.27 11.09
N VAL A 80 0.76 8.14 11.76
CA VAL A 80 0.98 9.58 11.62
C VAL A 80 0.65 10.30 12.92
N ASN A 81 0.76 11.63 12.89
CA ASN A 81 0.48 12.45 14.07
C ASN A 81 -0.67 13.41 13.79
N GLU A 82 -0.88 14.37 14.69
CA GLU A 82 -1.94 15.35 14.54
C GLU A 82 -1.62 16.34 13.43
N GLN A 83 -0.33 16.58 13.20
CA GLN A 83 0.11 17.51 12.16
C GLN A 83 -0.25 16.99 10.77
N ASP A 84 -0.60 15.72 10.67
CA ASP A 84 -0.97 15.13 9.39
C ASP A 84 0.26 14.99 8.48
N GLU A 85 1.14 14.05 8.82
CA GLU A 85 2.35 13.83 8.04
C GLU A 85 2.64 12.33 7.94
N MET A 86 3.24 11.92 6.83
CA MET A 86 3.58 10.51 6.62
C MET A 86 5.07 10.33 6.41
N ASP A 87 5.74 9.80 7.42
CA ASP A 87 7.18 9.57 7.35
C ASP A 87 7.57 8.20 7.93
N ASP A 88 6.60 7.48 8.47
CA ASP A 88 6.84 6.16 9.05
C ASP A 88 5.82 5.15 8.53
N VAL A 89 6.15 4.53 7.42
CA VAL A 89 5.26 3.54 6.80
C VAL A 89 5.56 2.14 7.34
N PHE A 90 4.50 1.38 7.62
CA PHE A 90 4.65 0.03 8.13
C PHE A 90 4.73 -0.96 6.96
N ALA A 91 3.80 -0.82 6.04
CA ALA A 91 3.75 -1.67 4.86
C ALA A 91 3.41 -0.83 3.64
N LYS A 92 3.60 -1.38 2.45
CA LYS A 92 3.31 -0.68 1.22
C LYS A 92 2.82 -1.69 0.18
N PHE A 93 1.76 -1.35 -0.56
CA PHE A 93 1.22 -2.28 -1.54
C PHE A 93 1.08 -1.66 -2.92
N LEU A 94 1.33 -2.49 -3.94
CA LEU A 94 1.22 -2.08 -5.32
C LEU A 94 0.42 -3.13 -6.08
N ILE A 95 -0.66 -2.71 -6.73
CA ILE A 95 -1.52 -3.65 -7.46
C ILE A 95 -1.81 -3.18 -8.88
N SER A 96 -1.86 -4.13 -9.80
CA SER A 96 -2.13 -3.85 -11.20
C SER A 96 -3.55 -3.30 -11.37
N HIS A 97 -3.64 -2.08 -11.91
CA HIS A 97 -4.94 -1.45 -12.13
C HIS A 97 -5.78 -2.24 -13.12
N ARG A 98 -5.11 -3.02 -13.98
CA ARG A 98 -5.80 -3.82 -14.99
C ARG A 98 -6.86 -4.72 -14.35
N GLU A 99 -7.62 -5.42 -15.19
CA GLU A 99 -8.66 -6.31 -14.73
C GLU A 99 -8.18 -7.76 -14.71
N GLU A 100 -7.91 -8.30 -15.90
CA GLU A 100 -7.43 -9.67 -16.02
C GLU A 100 -5.99 -9.78 -15.52
N ASP A 101 -5.74 -10.76 -14.68
CA ASP A 101 -4.41 -10.96 -14.12
C ASP A 101 -4.03 -9.75 -13.26
N ARG A 102 -3.91 -9.96 -11.96
CA ARG A 102 -3.56 -8.89 -11.05
C ARG A 102 -2.33 -9.23 -10.22
N GLU A 103 -1.26 -8.46 -10.42
CA GLU A 103 -0.02 -8.67 -9.69
C GLU A 103 0.06 -7.72 -8.50
N PHE A 104 0.17 -8.29 -7.30
CA PHE A 104 0.24 -7.50 -6.09
C PHE A 104 1.49 -7.82 -5.27
N HIS A 105 2.06 -6.80 -4.66
CA HIS A 105 3.25 -6.97 -3.83
C HIS A 105 3.20 -6.05 -2.62
N VAL A 106 4.11 -6.25 -1.66
CA VAL A 106 4.13 -5.43 -0.45
C VAL A 106 5.52 -5.29 0.16
N ILE A 107 5.80 -4.10 0.68
CA ILE A 107 7.08 -3.82 1.34
C ILE A 107 6.88 -3.60 2.83
N TRP A 108 7.35 -4.54 3.64
CA TRP A 108 7.21 -4.43 5.09
C TRP A 108 8.47 -3.84 5.73
N LYS A 109 8.30 -3.12 6.83
CA LYS A 109 9.42 -2.50 7.53
C LYS A 109 10.18 -3.54 8.34
N LYS A 110 11.46 -3.25 8.59
CA LYS A 110 12.31 -4.15 9.37
C LYS A 110 13.10 -3.39 10.43
N MET A 4 -15.54 -0.64 -26.87
CA MET A 4 -14.17 -0.21 -27.26
C MET A 4 -13.99 1.29 -27.07
N THR A 5 -13.83 1.70 -25.81
CA THR A 5 -13.65 3.11 -25.49
C THR A 5 -12.42 3.31 -24.58
N THR A 6 -11.64 2.25 -24.40
CA THR A 6 -10.44 2.32 -23.57
C THR A 6 -9.68 1.00 -23.58
N GLU A 7 -8.36 1.07 -23.71
CA GLU A 7 -7.52 -0.12 -23.73
C GLU A 7 -7.17 -0.56 -22.32
N ILE A 8 -6.60 0.35 -21.55
CA ILE A 8 -6.21 0.05 -20.17
C ILE A 8 -7.07 0.84 -19.18
N LYS A 9 -7.66 0.13 -18.23
CA LYS A 9 -8.51 0.76 -17.22
C LYS A 9 -7.69 1.18 -16.01
N LYS A 10 -8.38 1.66 -14.97
CA LYS A 10 -7.71 2.09 -13.76
C LYS A 10 -8.49 1.65 -12.52
N LEU A 11 -7.99 2.02 -11.34
CA LEU A 11 -8.64 1.67 -10.08
C LEU A 11 -9.20 2.92 -9.40
N ASP A 12 -10.39 2.78 -8.83
CA ASP A 12 -11.03 3.89 -8.14
C ASP A 12 -10.31 4.20 -6.84
N PRO A 13 -10.32 5.47 -6.40
CA PRO A 13 -9.65 5.89 -5.16
C PRO A 13 -10.03 5.02 -3.98
N ASP A 14 -11.32 4.99 -3.66
CA ASP A 14 -11.82 4.20 -2.55
C ASP A 14 -11.67 2.70 -2.83
N THR A 15 -11.63 2.35 -4.11
CA THR A 15 -11.49 0.95 -4.50
C THR A 15 -10.06 0.46 -4.31
N ALA A 16 -9.09 1.29 -4.71
CA ALA A 16 -7.69 0.95 -4.58
C ALA A 16 -7.29 0.85 -3.11
N ILE A 17 -7.96 1.60 -2.26
CA ILE A 17 -7.68 1.58 -0.83
C ILE A 17 -8.34 0.37 -0.17
N ASP A 18 -9.66 0.28 -0.30
CA ASP A 18 -10.42 -0.83 0.29
C ASP A 18 -9.73 -2.17 0.04
N ILE A 19 -9.20 -2.36 -1.16
CA ILE A 19 -8.52 -3.61 -1.49
C ILE A 19 -7.19 -3.71 -0.74
N ALA A 20 -6.43 -2.62 -0.70
CA ALA A 20 -5.14 -2.60 -0.01
C ALA A 20 -5.36 -2.82 1.48
N TYR A 21 -6.33 -2.13 2.04
CA TYR A 21 -6.65 -2.24 3.46
C TYR A 21 -6.83 -3.70 3.84
N ASP A 22 -7.60 -4.43 3.03
CA ASP A 22 -7.85 -5.84 3.26
C ASP A 22 -6.54 -6.63 3.21
N ILE A 23 -5.58 -6.12 2.44
CA ILE A 23 -4.28 -6.77 2.31
C ILE A 23 -3.43 -6.56 3.56
N PHE A 24 -3.62 -5.43 4.24
CA PHE A 24 -2.86 -5.15 5.45
C PHE A 24 -3.29 -6.08 6.57
N LEU A 25 -4.59 -6.17 6.81
CA LEU A 25 -5.11 -7.02 7.86
C LEU A 25 -4.97 -8.50 7.51
N GLU A 26 -4.72 -8.80 6.24
CA GLU A 26 -4.57 -10.18 5.80
C GLU A 26 -3.11 -10.61 5.79
N MET A 27 -2.26 -9.81 5.15
CA MET A 27 -0.84 -10.13 5.05
C MET A 27 -0.12 -9.87 6.37
N ALA A 28 -0.41 -8.75 7.01
CA ALA A 28 0.24 -8.40 8.28
C ALA A 28 0.19 -9.57 9.27
N GLY A 29 1.03 -9.50 10.29
CA GLY A 29 1.07 -10.56 11.29
C GLY A 29 1.77 -11.80 10.79
N GLU A 30 2.77 -11.61 9.92
CA GLU A 30 3.51 -12.74 9.37
C GLU A 30 4.95 -12.34 9.01
N ASN A 31 5.12 -11.10 8.57
CA ASN A 31 6.43 -10.61 8.19
C ASN A 31 6.77 -9.31 8.92
N LEU A 32 5.78 -8.44 9.09
CA LEU A 32 5.97 -7.17 9.77
C LEU A 32 6.54 -7.38 11.17
N ASP A 33 7.48 -6.51 11.56
CA ASP A 33 8.12 -6.59 12.86
C ASP A 33 7.10 -6.53 14.01
N PRO A 34 7.26 -7.38 15.03
CA PRO A 34 6.35 -7.42 16.19
C PRO A 34 6.07 -6.04 16.78
N ALA A 35 7.13 -5.30 17.09
CA ALA A 35 6.97 -3.96 17.68
C ALA A 35 6.03 -3.10 16.83
N ASP A 36 6.40 -2.91 15.57
CA ASP A 36 5.60 -2.10 14.66
C ASP A 36 4.15 -2.56 14.66
N ILE A 37 3.94 -3.85 14.92
CA ILE A 37 2.58 -4.41 14.97
C ILE A 37 1.86 -3.86 16.20
N LEU A 38 2.54 -3.92 17.34
CA LEU A 38 1.98 -3.43 18.60
C LEU A 38 1.32 -2.07 18.40
N LEU A 39 2.10 -1.09 17.94
CA LEU A 39 1.58 0.26 17.71
C LEU A 39 0.42 0.19 16.71
N PHE A 40 0.64 -0.54 15.63
CA PHE A 40 -0.37 -0.69 14.58
C PHE A 40 -1.74 -1.06 15.14
N ASN A 41 -1.81 -2.10 15.97
CA ASN A 41 -3.09 -2.53 16.54
C ASN A 41 -3.51 -1.66 17.73
N LEU A 42 -2.56 -1.30 18.58
CA LEU A 42 -2.87 -0.47 19.73
C LEU A 42 -3.15 0.98 19.31
N GLN A 43 -2.89 1.28 18.03
CA GLN A 43 -3.13 2.61 17.48
C GLN A 43 -4.00 2.51 16.22
N PHE A 44 -3.66 3.29 15.19
CA PHE A 44 -4.40 3.27 13.92
C PHE A 44 -5.77 3.93 14.07
N GLU A 45 -6.57 3.45 15.02
CA GLU A 45 -7.91 3.98 15.26
C GLU A 45 -7.90 5.51 15.43
N GLU A 46 -6.89 6.02 16.13
CA GLU A 46 -6.81 7.45 16.36
C GLU A 46 -5.40 7.99 16.09
N ARG A 47 -4.68 7.33 15.20
CA ARG A 47 -3.32 7.76 14.86
C ARG A 47 -3.11 7.81 13.34
N GLY A 48 -4.12 7.40 12.57
CA GLY A 48 -4.00 7.42 11.13
C GLY A 48 -4.52 6.15 10.49
N GLY A 49 -4.77 6.21 9.18
CA GLY A 49 -5.28 5.05 8.48
C GLY A 49 -4.43 4.67 7.28
N VAL A 50 -5.00 4.78 6.09
CA VAL A 50 -4.29 4.44 4.86
C VAL A 50 -4.45 5.54 3.82
N GLU A 51 -3.35 5.88 3.15
CA GLU A 51 -3.37 6.90 2.11
C GLU A 51 -2.88 6.34 0.78
N PHE A 52 -3.62 6.61 -0.29
CA PHE A 52 -3.25 6.12 -1.61
C PHE A 52 -2.35 7.12 -2.33
N VAL A 53 -1.10 6.73 -2.54
CA VAL A 53 -0.13 7.57 -3.22
C VAL A 53 0.15 7.05 -4.63
N GLU A 54 1.06 7.72 -5.34
CA GLU A 54 1.41 7.31 -6.69
C GLU A 54 2.68 6.48 -6.71
N THR A 55 2.99 5.89 -7.86
CA THR A 55 4.18 5.07 -8.01
C THR A 55 5.44 5.91 -7.96
N ALA A 56 6.55 5.28 -7.62
CA ALA A 56 7.83 5.96 -7.54
C ALA A 56 8.40 6.16 -8.95
N ASP A 57 9.72 6.31 -9.05
CA ASP A 57 10.36 6.49 -10.33
C ASP A 57 10.73 5.14 -10.92
N ASP A 58 11.25 4.26 -10.06
CA ASP A 58 11.64 2.92 -10.48
C ASP A 58 12.34 2.20 -9.33
N TRP A 59 11.89 0.98 -9.03
CA TRP A 59 12.48 0.18 -7.99
C TRP A 59 12.08 -1.27 -8.14
N GLU A 60 12.96 -2.14 -7.68
CA GLU A 60 12.75 -3.57 -7.75
C GLU A 60 13.84 -4.31 -6.99
N GLU A 61 14.34 -3.68 -5.94
CA GLU A 61 15.41 -4.26 -5.13
C GLU A 61 14.92 -4.60 -3.71
N GLU A 62 13.88 -3.89 -3.27
CA GLU A 62 13.33 -4.14 -1.94
C GLU A 62 12.17 -5.14 -2.01
N ILE A 63 11.18 -4.85 -2.85
CA ILE A 63 10.04 -5.73 -3.01
C ILE A 63 10.40 -6.96 -3.85
N GLY A 64 11.11 -6.73 -4.95
CA GLY A 64 11.52 -7.82 -5.81
C GLY A 64 10.70 -7.90 -7.09
N VAL A 65 10.63 -6.81 -7.84
CA VAL A 65 9.89 -6.77 -9.09
C VAL A 65 9.89 -5.38 -9.71
N LEU A 66 10.03 -5.32 -11.03
CA LEU A 66 10.04 -4.05 -11.74
C LEU A 66 8.77 -3.27 -11.49
N ILE A 67 8.92 -1.96 -11.30
CA ILE A 67 7.78 -1.08 -11.03
C ILE A 67 7.52 -0.14 -12.21
N ASP A 68 6.28 -0.11 -12.67
CA ASP A 68 5.90 0.75 -13.79
C ASP A 68 5.11 1.96 -13.31
N PRO A 69 5.69 3.17 -13.42
CA PRO A 69 5.02 4.41 -12.99
C PRO A 69 3.76 4.69 -13.80
N GLU A 70 2.85 5.45 -13.21
CA GLU A 70 1.58 5.80 -13.85
C GLU A 70 0.80 4.56 -14.30
N GLU A 71 1.25 3.39 -13.88
CA GLU A 71 0.61 2.13 -14.23
C GLU A 71 0.41 1.24 -13.00
N TYR A 72 0.96 1.68 -11.87
CA TYR A 72 0.86 0.92 -10.62
C TYR A 72 0.27 1.78 -9.51
N ALA A 73 -0.53 1.16 -8.66
CA ALA A 73 -1.14 1.87 -7.53
C ALA A 73 -0.31 1.67 -6.28
N GLU A 74 0.03 2.78 -5.63
CA GLU A 74 0.83 2.73 -4.41
C GLU A 74 -0.01 3.15 -3.20
N VAL A 75 -0.17 2.23 -2.27
CA VAL A 75 -0.94 2.50 -1.06
C VAL A 75 -0.07 2.33 0.18
N TRP A 76 -0.08 3.34 1.04
CA TRP A 76 0.72 3.31 2.26
C TRP A 76 -0.17 3.06 3.47
N VAL A 77 0.35 2.30 4.44
CA VAL A 77 -0.39 2.01 5.64
C VAL A 77 0.49 2.13 6.88
N GLY A 78 0.34 3.24 7.57
CA GLY A 78 1.14 3.49 8.76
C GLY A 78 0.45 4.39 9.77
N LEU A 79 1.10 5.52 10.05
CA LEU A 79 0.56 6.50 10.98
C LEU A 79 0.86 7.92 10.50
N VAL A 80 -0.05 8.84 10.78
CA VAL A 80 0.13 10.24 10.36
C VAL A 80 0.25 11.17 11.55
N ASN A 81 0.46 12.45 11.28
CA ASN A 81 0.59 13.45 12.33
C ASN A 81 -0.65 14.33 12.41
N GLU A 82 -0.53 15.45 13.12
CA GLU A 82 -1.65 16.37 13.27
C GLU A 82 -2.08 16.94 11.92
N GLN A 83 -1.17 16.92 10.95
CA GLN A 83 -1.46 17.45 9.62
C GLN A 83 -2.25 16.42 8.79
N ASP A 84 -1.54 15.47 8.21
CA ASP A 84 -2.17 14.44 7.39
C ASP A 84 -1.13 13.55 6.70
N GLU A 85 0.00 14.15 6.34
CA GLU A 85 1.08 13.41 5.68
C GLU A 85 1.51 12.22 6.52
N MET A 86 1.64 11.06 5.87
CA MET A 86 2.05 9.84 6.56
C MET A 86 3.57 9.69 6.56
N ASP A 87 4.22 10.41 7.46
CA ASP A 87 5.68 10.35 7.56
C ASP A 87 6.13 9.06 8.24
N ASP A 88 5.17 8.29 8.75
CA ASP A 88 5.47 7.03 9.42
C ASP A 88 4.75 5.88 8.72
N VAL A 89 5.37 5.38 7.66
CA VAL A 89 4.81 4.28 6.88
C VAL A 89 5.26 2.93 7.43
N PHE A 90 4.30 2.05 7.71
CA PHE A 90 4.59 0.73 8.24
C PHE A 90 4.79 -0.26 7.09
N ALA A 91 4.07 -0.03 6.00
CA ALA A 91 4.15 -0.89 4.84
C ALA A 91 3.61 -0.19 3.60
N LYS A 92 4.15 -0.52 2.44
CA LYS A 92 3.69 0.06 1.19
C LYS A 92 3.06 -1.04 0.34
N PHE A 93 1.97 -0.70 -0.36
CA PHE A 93 1.27 -1.69 -1.17
C PHE A 93 1.29 -1.30 -2.65
N LEU A 94 1.44 -2.31 -3.49
CA LEU A 94 1.48 -2.11 -4.94
C LEU A 94 0.43 -2.97 -5.63
N ILE A 95 0.02 -2.55 -6.81
CA ILE A 95 -0.98 -3.31 -7.57
C ILE A 95 -1.01 -2.89 -9.04
N SER A 96 -0.70 -3.83 -9.92
CA SER A 96 -0.72 -3.58 -11.36
C SER A 96 -2.15 -3.59 -11.86
N HIS A 97 -2.70 -2.41 -12.13
CA HIS A 97 -4.09 -2.29 -12.60
C HIS A 97 -4.33 -3.21 -13.81
N ARG A 98 -5.10 -4.25 -13.58
CA ARG A 98 -5.43 -5.22 -14.61
C ARG A 98 -6.63 -6.07 -14.20
N GLU A 99 -6.86 -7.16 -14.91
CA GLU A 99 -7.97 -8.05 -14.60
C GLU A 99 -7.56 -9.53 -14.70
N GLU A 100 -7.00 -9.91 -15.85
CA GLU A 100 -6.58 -11.30 -16.05
C GLU A 100 -5.17 -11.53 -15.51
N ASP A 101 -4.59 -10.47 -14.98
CA ASP A 101 -3.26 -10.52 -14.42
C ASP A 101 -3.02 -9.33 -13.50
N ARG A 102 -3.08 -9.57 -12.19
CA ARG A 102 -2.88 -8.51 -11.21
C ARG A 102 -1.80 -8.91 -10.20
N GLU A 103 -0.74 -8.11 -10.13
CA GLU A 103 0.35 -8.38 -9.22
C GLU A 103 0.36 -7.38 -8.08
N PHE A 104 0.07 -7.86 -6.87
CA PHE A 104 0.05 -7.01 -5.69
C PHE A 104 1.08 -7.48 -4.67
N HIS A 105 1.77 -6.53 -4.04
CA HIS A 105 2.79 -6.87 -3.04
C HIS A 105 2.88 -5.78 -1.98
N VAL A 106 3.63 -6.08 -0.92
CA VAL A 106 3.80 -5.12 0.17
C VAL A 106 5.12 -5.28 0.90
N ILE A 107 5.69 -4.15 1.32
CA ILE A 107 6.94 -4.17 2.07
C ILE A 107 6.71 -3.79 3.52
N TRP A 108 7.41 -4.45 4.42
CA TRP A 108 7.28 -4.18 5.85
C TRP A 108 8.55 -3.57 6.42
N LYS A 109 8.41 -2.73 7.44
CA LYS A 109 9.55 -2.07 8.07
C LYS A 109 10.53 -3.11 8.62
N LYS A 110 11.77 -2.68 8.84
CA LYS A 110 12.80 -3.57 9.36
C LYS A 110 13.58 -2.90 10.49
N MET A 4 -4.78 6.45 -26.71
CA MET A 4 -6.08 7.09 -27.05
C MET A 4 -7.25 6.18 -26.73
N THR A 5 -7.31 5.03 -27.39
CA THR A 5 -8.39 4.07 -27.17
C THR A 5 -8.34 3.52 -25.74
N THR A 6 -7.12 3.41 -25.20
CA THR A 6 -6.91 2.90 -23.84
C THR A 6 -7.72 1.63 -23.59
N GLU A 7 -7.04 0.49 -23.62
CA GLU A 7 -7.69 -0.79 -23.39
C GLU A 7 -7.56 -1.22 -21.94
N ILE A 8 -6.51 -0.75 -21.28
CA ILE A 8 -6.28 -1.08 -19.88
C ILE A 8 -7.20 -0.30 -18.98
N LYS A 9 -7.70 -0.95 -17.92
CA LYS A 9 -8.60 -0.30 -16.98
C LYS A 9 -7.83 0.37 -15.85
N LYS A 10 -8.56 0.96 -14.91
CA LYS A 10 -7.93 1.64 -13.78
C LYS A 10 -8.71 1.38 -12.49
N LEU A 11 -8.27 1.99 -11.40
CA LEU A 11 -8.92 1.84 -10.11
C LEU A 11 -9.19 3.19 -9.46
N ASP A 12 -10.31 3.28 -8.75
CA ASP A 12 -10.69 4.53 -8.09
C ASP A 12 -9.90 4.70 -6.78
N PRO A 13 -9.61 5.95 -6.40
CA PRO A 13 -8.87 6.24 -5.16
C PRO A 13 -9.47 5.56 -3.94
N ASP A 14 -10.76 5.77 -3.73
CA ASP A 14 -11.46 5.17 -2.60
C ASP A 14 -11.56 3.65 -2.75
N THR A 15 -11.61 3.20 -4.00
CA THR A 15 -11.71 1.77 -4.28
C THR A 15 -10.45 1.03 -3.85
N ALA A 16 -9.30 1.47 -4.36
CA ALA A 16 -8.03 0.86 -4.02
C ALA A 16 -7.79 0.88 -2.52
N ILE A 17 -8.03 2.03 -1.89
CA ILE A 17 -7.84 2.18 -0.45
C ILE A 17 -8.65 1.14 0.31
N ASP A 18 -9.90 0.94 -0.12
CA ASP A 18 -10.78 -0.03 0.53
C ASP A 18 -10.17 -1.43 0.50
N ILE A 19 -9.79 -1.87 -0.70
CA ILE A 19 -9.19 -3.19 -0.86
C ILE A 19 -7.90 -3.31 -0.07
N ALA A 20 -6.93 -2.45 -0.37
CA ALA A 20 -5.65 -2.47 0.32
C ALA A 20 -5.83 -2.50 1.83
N TYR A 21 -6.88 -1.84 2.31
CA TYR A 21 -7.16 -1.80 3.74
C TYR A 21 -7.45 -3.20 4.28
N ASP A 22 -8.40 -3.89 3.64
CA ASP A 22 -8.76 -5.24 4.05
C ASP A 22 -7.54 -6.14 4.10
N ILE A 23 -6.57 -5.87 3.23
CA ILE A 23 -5.35 -6.66 3.17
C ILE A 23 -4.50 -6.43 4.43
N PHE A 24 -3.90 -5.24 4.53
CA PHE A 24 -3.06 -4.89 5.67
C PHE A 24 -3.65 -5.39 6.99
N LEU A 25 -4.98 -5.48 7.05
CA LEU A 25 -5.67 -5.93 8.25
C LEU A 25 -5.57 -7.44 8.43
N GLU A 26 -5.66 -8.17 7.34
CA GLU A 26 -5.62 -9.64 7.38
C GLU A 26 -4.20 -10.19 7.19
N MET A 27 -3.39 -9.55 6.36
CA MET A 27 -2.04 -10.04 6.10
C MET A 27 -1.04 -9.58 7.16
N ALA A 28 -1.20 -8.36 7.66
CA ALA A 28 -0.29 -7.84 8.67
C ALA A 28 -0.34 -8.67 9.94
N GLY A 29 0.83 -9.07 10.43
CA GLY A 29 0.90 -9.87 11.64
C GLY A 29 1.53 -11.23 11.42
N GLU A 30 2.65 -11.24 10.69
CA GLU A 30 3.35 -12.49 10.38
C GLU A 30 4.65 -12.25 9.62
N ASN A 31 4.72 -11.13 8.89
CA ASN A 31 5.91 -10.80 8.12
C ASN A 31 6.50 -9.46 8.56
N LEU A 32 5.62 -8.54 8.94
CA LEU A 32 6.04 -7.21 9.40
C LEU A 32 6.85 -7.31 10.69
N ASP A 33 7.91 -6.51 10.77
CA ASP A 33 8.80 -6.50 11.95
C ASP A 33 8.01 -6.52 13.26
N PRO A 34 8.48 -7.29 14.25
CA PRO A 34 7.83 -7.39 15.56
C PRO A 34 7.44 -6.03 16.13
N ALA A 35 8.40 -5.12 16.21
CA ALA A 35 8.16 -3.79 16.75
C ALA A 35 6.96 -3.11 16.05
N ASP A 36 7.06 -2.98 14.73
CA ASP A 36 6.00 -2.34 13.96
C ASP A 36 4.65 -3.00 14.23
N ILE A 37 4.67 -4.28 14.58
CA ILE A 37 3.43 -5.00 14.87
C ILE A 37 2.77 -4.42 16.13
N LEU A 38 3.59 -4.21 17.16
CA LEU A 38 3.11 -3.66 18.42
C LEU A 38 2.42 -2.31 18.20
N LEU A 39 3.14 -1.38 17.56
CA LEU A 39 2.59 -0.06 17.29
C LEU A 39 1.32 -0.15 16.45
N PHE A 40 1.45 -0.74 15.26
CA PHE A 40 0.32 -0.90 14.36
C PHE A 40 -0.89 -1.48 15.08
N ASN A 41 -0.65 -2.27 16.12
CA ASN A 41 -1.72 -2.89 16.89
C ASN A 41 -2.30 -1.91 17.90
N LEU A 42 -1.42 -1.21 18.61
CA LEU A 42 -1.85 -0.25 19.62
C LEU A 42 -2.37 1.04 19.01
N GLN A 43 -1.45 1.92 18.59
CA GLN A 43 -1.82 3.20 18.00
C GLN A 43 -2.21 3.07 16.53
N PHE A 44 -3.47 2.72 16.29
CA PHE A 44 -3.98 2.60 14.93
C PHE A 44 -5.33 3.31 14.79
N GLU A 45 -6.09 3.34 15.88
CA GLU A 45 -7.40 3.99 15.90
C GLU A 45 -7.34 5.37 15.24
N GLU A 46 -6.64 6.31 15.89
CA GLU A 46 -6.53 7.67 15.38
C GLU A 46 -5.26 7.84 14.54
N ARG A 47 -4.17 7.22 14.98
CA ARG A 47 -2.90 7.33 14.28
C ARG A 47 -2.93 6.51 12.99
N GLY A 48 -3.53 5.33 13.05
CA GLY A 48 -3.60 4.46 11.90
C GLY A 48 -4.24 5.13 10.69
N GLY A 49 -3.43 5.33 9.65
CA GLY A 49 -3.92 5.95 8.44
C GLY A 49 -3.37 5.28 7.20
N VAL A 50 -4.11 5.31 6.11
CA VAL A 50 -3.67 4.68 4.87
C VAL A 50 -3.91 5.61 3.67
N GLU A 51 -2.83 6.20 3.17
CA GLU A 51 -2.92 7.11 2.03
C GLU A 51 -2.66 6.38 0.72
N PHE A 52 -3.31 6.83 -0.34
CA PHE A 52 -3.15 6.22 -1.66
C PHE A 52 -2.15 6.99 -2.50
N VAL A 53 -1.24 6.26 -3.15
CA VAL A 53 -0.22 6.87 -3.99
C VAL A 53 -0.15 6.18 -5.34
N GLU A 54 0.71 6.69 -6.22
CA GLU A 54 0.87 6.11 -7.56
C GLU A 54 2.25 5.52 -7.73
N THR A 55 2.33 4.46 -8.54
CA THR A 55 3.60 3.77 -8.81
C THR A 55 4.72 4.78 -9.11
N ALA A 56 5.96 4.30 -9.08
CA ALA A 56 7.11 5.15 -9.34
C ALA A 56 7.86 4.68 -10.58
N ASP A 57 9.04 5.25 -10.81
CA ASP A 57 9.86 4.90 -11.96
C ASP A 57 11.19 4.28 -11.52
N ASP A 58 11.12 3.44 -10.49
CA ASP A 58 12.31 2.78 -9.96
C ASP A 58 11.94 1.86 -8.81
N TRP A 59 10.89 1.07 -9.00
CA TRP A 59 10.43 0.14 -7.97
C TRP A 59 11.39 -1.04 -7.83
N GLU A 60 12.20 -1.27 -8.86
CA GLU A 60 13.16 -2.38 -8.84
C GLU A 60 14.25 -2.14 -7.80
N GLU A 61 13.85 -2.07 -6.54
CA GLU A 61 14.77 -1.85 -5.44
C GLU A 61 14.26 -2.56 -4.18
N GLU A 62 13.04 -2.22 -3.77
CA GLU A 62 12.43 -2.85 -2.60
C GLU A 62 12.02 -4.27 -2.95
N ILE A 63 11.13 -4.39 -3.93
CA ILE A 63 10.65 -5.69 -4.38
C ILE A 63 11.60 -6.25 -5.44
N GLY A 64 12.34 -5.37 -6.11
CA GLY A 64 13.28 -5.78 -7.14
C GLY A 64 12.66 -5.86 -8.51
N VAL A 65 11.57 -6.61 -8.63
CA VAL A 65 10.89 -6.78 -9.90
C VAL A 65 10.59 -5.44 -10.59
N LEU A 66 10.48 -5.47 -11.90
CA LEU A 66 10.18 -4.25 -12.66
C LEU A 66 8.70 -3.90 -12.54
N ILE A 67 8.41 -2.62 -12.33
CA ILE A 67 7.04 -2.17 -12.17
C ILE A 67 6.75 -0.95 -13.05
N ASP A 68 5.83 -1.12 -14.00
CA ASP A 68 5.46 -0.04 -14.90
C ASP A 68 4.61 1.00 -14.18
N PRO A 69 5.05 2.27 -14.17
CA PRO A 69 4.31 3.35 -13.51
C PRO A 69 2.96 3.61 -14.15
N GLU A 70 2.02 4.13 -13.36
CA GLU A 70 0.68 4.42 -13.85
C GLU A 70 -0.07 3.14 -14.23
N GLU A 71 0.55 1.98 -14.00
CA GLU A 71 -0.07 0.70 -14.32
C GLU A 71 -0.42 -0.07 -13.05
N TYR A 72 0.15 0.35 -11.92
CA TYR A 72 -0.11 -0.32 -10.64
C TYR A 72 -0.59 0.68 -9.60
N ALA A 73 -1.33 0.18 -8.62
CA ALA A 73 -1.85 1.03 -7.55
C ALA A 73 -1.08 0.79 -6.26
N GLU A 74 -0.49 1.84 -5.72
CA GLU A 74 0.28 1.73 -4.49
C GLU A 74 -0.36 2.48 -3.34
N VAL A 75 -0.24 1.91 -2.15
CA VAL A 75 -0.81 2.52 -0.94
C VAL A 75 0.11 2.31 0.25
N TRP A 76 0.19 3.32 1.11
CA TRP A 76 1.04 3.24 2.29
C TRP A 76 0.20 3.26 3.56
N VAL A 77 0.59 2.47 4.54
CA VAL A 77 -0.14 2.40 5.81
C VAL A 77 0.77 2.66 7.00
N GLY A 78 0.52 3.76 7.71
CA GLY A 78 1.33 4.10 8.86
C GLY A 78 0.56 4.89 9.92
N LEU A 79 1.27 5.79 10.60
CA LEU A 79 0.68 6.64 11.64
C LEU A 79 0.83 8.10 11.26
N VAL A 80 -0.07 8.97 11.75
CA VAL A 80 0.01 10.39 11.45
C VAL A 80 -0.67 11.22 12.52
N ASN A 81 -0.89 12.51 12.23
CA ASN A 81 -1.53 13.42 13.17
C ASN A 81 -2.94 13.76 12.70
N GLU A 82 -3.47 14.89 13.15
CA GLU A 82 -4.81 15.32 12.77
C GLU A 82 -4.79 16.10 11.46
N GLN A 83 -3.60 16.44 10.98
CA GLN A 83 -3.45 17.19 9.73
C GLN A 83 -3.78 16.32 8.52
N ASP A 84 -3.95 15.02 8.74
CA ASP A 84 -4.26 14.08 7.66
C ASP A 84 -3.11 14.00 6.66
N GLU A 85 -2.08 13.25 7.04
CA GLU A 85 -0.91 13.07 6.19
C GLU A 85 -0.30 11.69 6.42
N MET A 86 1.01 11.56 6.28
CA MET A 86 1.67 10.28 6.50
C MET A 86 3.03 10.47 7.17
N ASP A 87 4.06 10.78 6.38
CA ASP A 87 5.40 11.00 6.92
C ASP A 87 5.78 9.92 7.95
N ASP A 88 5.41 8.68 7.66
CA ASP A 88 5.70 7.55 8.55
C ASP A 88 4.94 6.31 8.09
N VAL A 89 5.47 5.65 7.07
CA VAL A 89 4.85 4.45 6.52
C VAL A 89 5.36 3.19 7.21
N PHE A 90 4.43 2.29 7.55
CA PHE A 90 4.79 1.03 8.19
C PHE A 90 4.95 -0.05 7.12
N ALA A 91 4.00 -0.09 6.19
CA ALA A 91 4.03 -1.03 5.09
C ALA A 91 3.64 -0.33 3.80
N LYS A 92 3.93 -0.94 2.66
CA LYS A 92 3.61 -0.35 1.37
C LYS A 92 3.08 -1.44 0.44
N PHE A 93 2.04 -1.14 -0.34
CA PHE A 93 1.44 -2.14 -1.21
C PHE A 93 1.48 -1.75 -2.68
N LEU A 94 1.46 -2.77 -3.54
CA LEU A 94 1.46 -2.60 -4.98
C LEU A 94 0.52 -3.62 -5.62
N ILE A 95 -0.47 -3.12 -6.35
CA ILE A 95 -1.44 -4.00 -7.00
C ILE A 95 -1.72 -3.59 -8.43
N SER A 96 -1.55 -4.53 -9.36
CA SER A 96 -1.79 -4.27 -10.78
C SER A 96 -3.19 -3.71 -11.00
N HIS A 97 -3.27 -2.56 -11.67
CA HIS A 97 -4.55 -1.91 -11.95
C HIS A 97 -5.49 -2.86 -12.68
N ARG A 98 -4.96 -3.61 -13.64
CA ARG A 98 -5.76 -4.55 -14.41
C ARG A 98 -6.46 -5.55 -13.50
N GLU A 99 -7.68 -5.94 -13.87
CA GLU A 99 -8.46 -6.88 -13.09
C GLU A 99 -7.94 -8.30 -13.27
N GLU A 100 -7.42 -8.58 -14.46
CA GLU A 100 -6.88 -9.91 -14.76
C GLU A 100 -5.62 -10.17 -13.95
N ASP A 101 -5.32 -11.44 -13.70
CA ASP A 101 -4.14 -11.83 -12.93
C ASP A 101 -4.28 -11.40 -11.47
N ARG A 102 -4.28 -10.09 -11.24
CA ARG A 102 -4.41 -9.55 -9.89
C ARG A 102 -3.19 -9.94 -9.04
N GLU A 103 -2.13 -9.13 -9.16
CA GLU A 103 -0.91 -9.38 -8.41
C GLU A 103 -0.69 -8.29 -7.36
N PHE A 104 -0.57 -8.71 -6.10
CA PHE A 104 -0.36 -7.78 -5.00
C PHE A 104 0.96 -8.06 -4.30
N HIS A 105 1.68 -6.99 -3.94
CA HIS A 105 2.95 -7.13 -3.25
C HIS A 105 3.08 -6.09 -2.15
N VAL A 106 3.42 -6.55 -0.95
CA VAL A 106 3.57 -5.66 0.20
C VAL A 106 4.95 -5.72 0.83
N ILE A 107 5.45 -4.56 1.24
CA ILE A 107 6.76 -4.48 1.88
C ILE A 107 6.63 -4.00 3.31
N TRP A 108 7.27 -4.70 4.23
CA TRP A 108 7.24 -4.32 5.64
C TRP A 108 8.58 -3.76 6.09
N LYS A 109 8.53 -2.85 7.05
CA LYS A 109 9.75 -2.23 7.59
C LYS A 109 10.67 -3.28 8.19
N LYS A 110 11.94 -2.94 8.33
CA LYS A 110 12.93 -3.84 8.90
C LYS A 110 13.69 -3.17 10.04
N MET A 4 -7.27 -6.43 -30.88
CA MET A 4 -6.81 -5.16 -30.27
C MET A 4 -7.98 -4.33 -29.76
N THR A 5 -8.44 -4.65 -28.54
CA THR A 5 -9.55 -3.94 -27.93
C THR A 5 -9.37 -3.85 -26.41
N THR A 6 -8.12 -3.93 -25.97
CA THR A 6 -7.82 -3.86 -24.54
C THR A 6 -7.89 -2.41 -24.05
N GLU A 7 -8.78 -2.16 -23.11
CA GLU A 7 -8.95 -0.82 -22.54
C GLU A 7 -8.48 -0.78 -21.10
N ILE A 8 -7.31 -0.19 -20.87
CA ILE A 8 -6.74 -0.10 -19.53
C ILE A 8 -7.52 0.89 -18.67
N LYS A 9 -7.93 0.44 -17.49
CA LYS A 9 -8.67 1.29 -16.57
C LYS A 9 -7.75 1.86 -15.50
N LYS A 10 -8.25 2.85 -14.78
CA LYS A 10 -7.47 3.50 -13.74
C LYS A 10 -8.19 3.49 -12.40
N LEU A 11 -7.60 2.81 -11.41
CA LEU A 11 -8.17 2.71 -10.08
C LEU A 11 -8.35 4.10 -9.46
N ASP A 12 -9.24 4.20 -8.48
CA ASP A 12 -9.51 5.46 -7.81
C ASP A 12 -8.73 5.54 -6.49
N PRO A 13 -8.53 6.77 -5.97
CA PRO A 13 -7.80 6.98 -4.72
C PRO A 13 -8.45 6.25 -3.55
N ASP A 14 -9.71 6.56 -3.30
CA ASP A 14 -10.46 5.93 -2.20
C ASP A 14 -10.57 4.43 -2.42
N THR A 15 -10.62 4.02 -3.68
CA THR A 15 -10.74 2.60 -4.02
C THR A 15 -9.49 1.83 -3.58
N ALA A 16 -8.32 2.38 -3.90
CA ALA A 16 -7.06 1.74 -3.53
C ALA A 16 -6.91 1.69 -2.01
N ILE A 17 -7.11 2.83 -1.36
CA ILE A 17 -7.00 2.92 0.09
C ILE A 17 -7.80 1.81 0.78
N ASP A 18 -8.94 1.48 0.20
CA ASP A 18 -9.80 0.43 0.74
C ASP A 18 -9.16 -0.94 0.55
N ILE A 19 -8.52 -1.13 -0.60
CA ILE A 19 -7.88 -2.40 -0.91
C ILE A 19 -6.68 -2.62 0.01
N ALA A 20 -5.67 -1.75 -0.10
CA ALA A 20 -4.48 -1.87 0.73
C ALA A 20 -4.84 -2.08 2.19
N TYR A 21 -5.88 -1.38 2.65
CA TYR A 21 -6.33 -1.49 4.04
C TYR A 21 -6.64 -2.95 4.36
N ASP A 22 -7.45 -3.58 3.51
CA ASP A 22 -7.81 -4.97 3.70
C ASP A 22 -6.59 -5.88 3.53
N ILE A 23 -5.65 -5.44 2.71
CA ILE A 23 -4.43 -6.20 2.46
C ILE A 23 -3.60 -6.31 3.74
N PHE A 24 -3.42 -5.20 4.44
CA PHE A 24 -2.64 -5.21 5.67
C PHE A 24 -3.32 -6.09 6.72
N LEU A 25 -4.60 -5.83 6.96
CA LEU A 25 -5.36 -6.58 7.95
C LEU A 25 -5.40 -8.08 7.65
N GLU A 26 -5.19 -8.45 6.39
CA GLU A 26 -5.23 -9.86 6.01
C GLU A 26 -3.83 -10.45 5.79
N MET A 27 -2.99 -9.76 5.03
CA MET A 27 -1.64 -10.24 4.75
C MET A 27 -0.77 -10.24 6.00
N ALA A 28 -0.63 -9.07 6.63
CA ALA A 28 0.19 -8.94 7.83
C ALA A 28 -0.08 -10.07 8.83
N GLY A 29 0.77 -10.16 9.85
CA GLY A 29 0.62 -11.18 10.85
C GLY A 29 1.96 -11.68 11.37
N GLU A 30 2.86 -11.99 10.43
CA GLU A 30 4.19 -12.47 10.78
C GLU A 30 5.23 -11.98 9.78
N ASN A 31 4.92 -10.88 9.09
CA ASN A 31 5.82 -10.32 8.10
C ASN A 31 6.55 -9.10 8.64
N LEU A 32 5.80 -8.18 9.26
CA LEU A 32 6.38 -6.98 9.82
C LEU A 32 6.84 -7.21 11.26
N ASP A 33 7.96 -6.59 11.62
CA ASP A 33 8.50 -6.73 12.97
C ASP A 33 7.40 -6.62 14.03
N PRO A 34 7.58 -7.28 15.18
CA PRO A 34 6.60 -7.25 16.27
C PRO A 34 6.22 -5.82 16.68
N ALA A 35 7.07 -4.87 16.34
CA ALA A 35 6.83 -3.47 16.68
C ALA A 35 5.47 -3.00 16.18
N ASP A 36 5.16 -3.29 14.91
CA ASP A 36 3.90 -2.89 14.31
C ASP A 36 2.75 -3.76 14.82
N ILE A 37 3.06 -5.01 15.18
CA ILE A 37 2.05 -5.92 15.68
C ILE A 37 1.37 -5.38 16.92
N LEU A 38 2.17 -4.94 17.89
CA LEU A 38 1.65 -4.39 19.12
C LEU A 38 1.09 -2.99 18.90
N LEU A 39 1.81 -2.18 18.14
CA LEU A 39 1.36 -0.82 17.84
C LEU A 39 -0.01 -0.83 17.19
N PHE A 40 -0.07 -1.41 15.99
CA PHE A 40 -1.32 -1.51 15.25
C PHE A 40 -2.46 -1.97 16.15
N ASN A 41 -2.12 -2.76 17.16
CA ASN A 41 -3.12 -3.29 18.09
C ASN A 41 -3.71 -2.18 18.98
N LEU A 42 -3.01 -1.85 20.07
CA LEU A 42 -3.48 -0.83 20.98
C LEU A 42 -3.53 0.57 20.34
N GLN A 43 -2.96 0.71 19.14
CA GLN A 43 -2.98 2.01 18.47
C GLN A 43 -2.97 1.87 16.95
N PHE A 44 -4.05 2.33 16.32
CA PHE A 44 -4.20 2.31 14.87
C PHE A 44 -5.41 3.13 14.46
N GLU A 45 -6.47 3.04 15.25
CA GLU A 45 -7.70 3.77 14.99
C GLU A 45 -7.44 5.27 14.89
N GLU A 46 -7.03 5.86 16.01
CA GLU A 46 -6.76 7.30 16.05
C GLU A 46 -5.54 7.66 15.20
N ARG A 47 -4.51 6.82 15.24
CA ARG A 47 -3.30 7.06 14.46
C ARG A 47 -3.33 6.31 13.13
N GLY A 48 -4.53 6.09 12.61
CA GLY A 48 -4.68 5.38 11.35
C GLY A 48 -4.79 6.32 10.17
N GLY A 49 -3.87 6.19 9.23
CA GLY A 49 -3.88 7.04 8.06
C GLY A 49 -3.27 6.35 6.85
N VAL A 50 -4.11 5.78 5.99
CA VAL A 50 -3.63 5.11 4.79
C VAL A 50 -3.65 6.07 3.62
N GLU A 51 -2.48 6.67 3.32
CA GLU A 51 -2.38 7.63 2.24
C GLU A 51 -2.21 6.95 0.89
N PHE A 52 -2.92 7.47 -0.11
CA PHE A 52 -2.86 6.93 -1.46
C PHE A 52 -1.80 7.65 -2.28
N VAL A 53 -0.77 6.90 -2.69
CA VAL A 53 0.32 7.47 -3.47
C VAL A 53 0.26 6.99 -4.92
N GLU A 54 1.33 7.24 -5.67
CA GLU A 54 1.39 6.83 -7.06
C GLU A 54 2.74 6.20 -7.37
N THR A 55 2.78 5.33 -8.36
CA THR A 55 4.01 4.66 -8.75
C THR A 55 5.10 5.66 -9.08
N ALA A 56 6.34 5.19 -9.09
CA ALA A 56 7.49 6.04 -9.38
C ALA A 56 8.03 5.76 -10.78
N ASP A 57 9.34 5.98 -10.96
CA ASP A 57 9.99 5.73 -12.22
C ASP A 57 10.50 4.29 -12.26
N ASP A 58 9.78 3.40 -11.57
CA ASP A 58 10.13 1.97 -11.52
C ASP A 58 11.26 1.72 -10.53
N TRP A 59 10.89 1.47 -9.27
CA TRP A 59 11.89 1.19 -8.24
C TRP A 59 12.04 -0.30 -8.01
N GLU A 60 12.16 -1.05 -9.10
CA GLU A 60 12.33 -2.49 -9.05
C GLU A 60 13.71 -2.85 -8.48
N GLU A 61 13.95 -2.44 -7.24
CA GLU A 61 15.23 -2.71 -6.58
C GLU A 61 15.01 -3.30 -5.19
N GLU A 62 14.00 -2.80 -4.47
CA GLU A 62 13.68 -3.31 -3.14
C GLU A 62 12.66 -4.42 -3.24
N ILE A 63 11.70 -4.27 -4.16
CA ILE A 63 10.68 -5.27 -4.38
C ILE A 63 11.09 -6.19 -5.53
N GLY A 64 11.89 -5.67 -6.44
CA GLY A 64 12.37 -6.45 -7.58
C GLY A 64 11.46 -6.35 -8.79
N VAL A 65 10.17 -6.48 -8.57
CA VAL A 65 9.19 -6.43 -9.66
C VAL A 65 9.20 -5.07 -10.36
N LEU A 66 8.67 -5.05 -11.58
CA LEU A 66 8.62 -3.82 -12.37
C LEU A 66 7.47 -2.94 -11.90
N ILE A 67 7.74 -1.64 -11.76
CA ILE A 67 6.73 -0.70 -11.31
C ILE A 67 6.35 0.29 -12.41
N ASP A 68 5.33 -0.06 -13.20
CA ASP A 68 4.89 0.80 -14.28
C ASP A 68 4.08 1.97 -13.71
N PRO A 69 4.59 3.21 -13.84
CA PRO A 69 3.95 4.41 -13.31
C PRO A 69 2.43 4.46 -13.52
N GLU A 70 1.99 4.66 -14.76
CA GLU A 70 0.57 4.78 -15.07
C GLU A 70 -0.17 3.44 -15.04
N GLU A 71 0.48 2.38 -14.59
CA GLU A 71 -0.15 1.07 -14.53
C GLU A 71 -0.18 0.51 -13.11
N TYR A 72 0.61 1.12 -12.22
CA TYR A 72 0.69 0.67 -10.83
C TYR A 72 0.28 1.78 -9.88
N ALA A 73 -0.38 1.40 -8.79
CA ALA A 73 -0.81 2.35 -7.77
C ALA A 73 -0.02 2.12 -6.49
N GLU A 74 0.36 3.19 -5.81
CA GLU A 74 1.13 3.06 -4.58
C GLU A 74 0.32 3.52 -3.36
N VAL A 75 0.45 2.76 -2.27
CA VAL A 75 -0.24 3.07 -1.04
C VAL A 75 0.67 2.83 0.15
N TRP A 76 0.64 3.74 1.11
CA TRP A 76 1.48 3.62 2.30
C TRP A 76 0.64 3.54 3.57
N VAL A 77 0.95 2.57 4.42
CA VAL A 77 0.24 2.39 5.68
C VAL A 77 1.21 2.47 6.85
N GLY A 78 1.04 3.52 7.66
CA GLY A 78 1.91 3.72 8.80
C GLY A 78 1.16 4.12 10.05
N LEU A 79 1.56 5.26 10.62
CA LEU A 79 0.94 5.78 11.83
C LEU A 79 0.95 7.31 11.81
N VAL A 80 0.12 7.89 10.95
CA VAL A 80 0.04 9.33 10.81
C VAL A 80 -0.25 10.03 12.14
N ASN A 81 -0.20 11.35 12.10
CA ASN A 81 -0.46 12.17 13.29
C ASN A 81 -1.96 12.51 13.39
N GLU A 82 -2.28 13.67 13.94
CA GLU A 82 -3.67 14.09 14.09
C GLU A 82 -4.04 15.21 13.12
N GLN A 83 -3.05 15.73 12.39
CA GLN A 83 -3.31 16.83 11.45
C GLN A 83 -2.97 16.41 10.01
N ASP A 84 -3.21 15.14 9.69
CA ASP A 84 -2.95 14.64 8.33
C ASP A 84 -1.48 14.79 7.95
N GLU A 85 -0.68 13.78 8.29
CA GLU A 85 0.74 13.77 7.98
C GLU A 85 1.25 12.34 7.95
N MET A 86 2.34 12.10 7.23
CA MET A 86 2.92 10.77 7.14
C MET A 86 4.44 10.81 7.13
N ASP A 87 5.05 10.47 8.25
CA ASP A 87 6.50 10.45 8.38
C ASP A 87 7.02 9.06 8.69
N ASP A 88 6.15 8.19 9.18
CA ASP A 88 6.53 6.83 9.52
C ASP A 88 5.61 5.82 8.84
N VAL A 89 6.14 5.11 7.85
CA VAL A 89 5.38 4.11 7.11
C VAL A 89 5.79 2.70 7.54
N PHE A 90 4.80 1.83 7.71
CA PHE A 90 5.07 0.45 8.11
C PHE A 90 5.25 -0.44 6.90
N ALA A 91 4.53 -0.11 5.83
CA ALA A 91 4.62 -0.88 4.60
C ALA A 91 4.14 -0.07 3.40
N LYS A 92 4.32 -0.63 2.21
CA LYS A 92 3.89 0.02 0.97
C LYS A 92 3.08 -0.99 0.16
N PHE A 93 2.09 -0.52 -0.59
CA PHE A 93 1.26 -1.41 -1.36
C PHE A 93 1.22 -1.02 -2.83
N LEU A 94 1.37 -2.03 -3.68
CA LEU A 94 1.34 -1.83 -5.13
C LEU A 94 0.25 -2.69 -5.74
N ILE A 95 -0.52 -2.12 -6.66
CA ILE A 95 -1.60 -2.85 -7.30
C ILE A 95 -1.85 -2.38 -8.73
N SER A 96 -1.64 -3.27 -9.68
CA SER A 96 -1.85 -2.96 -11.10
C SER A 96 -3.19 -2.24 -11.31
N HIS A 97 -3.23 -1.37 -12.32
CA HIS A 97 -4.45 -0.63 -12.62
C HIS A 97 -5.34 -1.38 -13.61
N ARG A 98 -5.19 -2.70 -13.67
CA ARG A 98 -5.99 -3.51 -14.58
C ARG A 98 -7.24 -4.04 -13.87
N GLU A 99 -8.18 -4.54 -14.66
CA GLU A 99 -9.42 -5.07 -14.11
C GLU A 99 -9.36 -6.59 -13.98
N GLU A 100 -9.14 -7.26 -15.11
CA GLU A 100 -9.06 -8.72 -15.12
C GLU A 100 -7.65 -9.17 -14.76
N ASP A 101 -7.53 -9.95 -13.69
CA ASP A 101 -6.23 -10.44 -13.24
C ASP A 101 -5.38 -9.26 -12.80
N ARG A 102 -5.14 -9.16 -11.49
CA ARG A 102 -4.35 -8.07 -10.94
C ARG A 102 -3.31 -8.59 -9.95
N GLU A 103 -2.11 -8.01 -10.01
CA GLU A 103 -1.03 -8.40 -9.11
C GLU A 103 -0.82 -7.35 -8.04
N PHE A 104 -0.53 -7.78 -6.83
CA PHE A 104 -0.30 -6.86 -5.72
C PHE A 104 0.88 -7.32 -4.88
N HIS A 105 1.68 -6.37 -4.41
CA HIS A 105 2.85 -6.68 -3.60
C HIS A 105 3.07 -5.62 -2.52
N VAL A 106 3.26 -6.08 -1.29
CA VAL A 106 3.48 -5.17 -0.17
C VAL A 106 4.82 -5.42 0.51
N ILE A 107 5.48 -4.33 0.90
CA ILE A 107 6.77 -4.43 1.58
C ILE A 107 6.63 -4.13 3.06
N TRP A 108 7.26 -4.95 3.88
CA TRP A 108 7.20 -4.78 5.34
C TRP A 108 8.53 -4.25 5.87
N LYS A 109 8.46 -3.46 6.93
CA LYS A 109 9.66 -2.89 7.54
C LYS A 109 10.29 -3.88 8.52
N LYS A 110 11.58 -3.72 8.76
CA LYS A 110 12.30 -4.60 9.67
C LYS A 110 13.45 -3.87 10.34
N MET A 4 -13.25 3.72 -29.34
CA MET A 4 -12.33 4.60 -28.58
C MET A 4 -13.03 5.21 -27.36
N THR A 5 -12.49 4.94 -26.18
CA THR A 5 -13.06 5.47 -24.95
C THR A 5 -12.07 5.31 -23.79
N THR A 6 -11.57 4.10 -23.59
CA THR A 6 -10.63 3.83 -22.53
C THR A 6 -9.99 2.45 -22.70
N GLU A 7 -8.70 2.43 -23.05
CA GLU A 7 -7.99 1.18 -23.26
C GLU A 7 -7.65 0.52 -21.91
N ILE A 8 -6.90 1.24 -21.09
CA ILE A 8 -6.51 0.72 -19.78
C ILE A 8 -7.42 1.25 -18.68
N LYS A 9 -7.87 0.35 -17.81
CA LYS A 9 -8.76 0.73 -16.71
C LYS A 9 -7.96 0.93 -15.42
N LYS A 10 -8.19 2.07 -14.77
CA LYS A 10 -7.49 2.37 -13.53
C LYS A 10 -8.30 1.94 -12.32
N LEU A 11 -7.85 2.35 -11.13
CA LEU A 11 -8.54 2.00 -9.89
C LEU A 11 -8.95 3.25 -9.12
N ASP A 12 -10.10 3.19 -8.46
CA ASP A 12 -10.60 4.31 -7.69
C ASP A 12 -9.84 4.45 -6.37
N PRO A 13 -9.68 5.70 -5.88
CA PRO A 13 -8.97 5.96 -4.62
C PRO A 13 -9.50 5.12 -3.47
N ASP A 14 -10.81 5.10 -3.30
CA ASP A 14 -11.45 4.34 -2.24
C ASP A 14 -11.37 2.85 -2.53
N THR A 15 -11.38 2.50 -3.80
CA THR A 15 -11.31 1.09 -4.21
C THR A 15 -9.98 0.48 -3.85
N ALA A 16 -8.89 1.15 -4.20
CA ALA A 16 -7.55 0.66 -3.90
C ALA A 16 -7.30 0.63 -2.39
N ILE A 17 -7.71 1.69 -1.71
CA ILE A 17 -7.54 1.78 -0.27
C ILE A 17 -8.27 0.64 0.44
N ASP A 18 -9.41 0.24 -0.12
CA ASP A 18 -10.20 -0.84 0.46
C ASP A 18 -9.48 -2.18 0.34
N ILE A 19 -8.89 -2.43 -0.83
CA ILE A 19 -8.18 -3.67 -1.08
C ILE A 19 -6.93 -3.77 -0.19
N ALA A 20 -6.08 -2.76 -0.27
CA ALA A 20 -4.86 -2.74 0.54
C ALA A 20 -5.17 -2.88 2.02
N TYR A 21 -6.23 -2.22 2.47
CA TYR A 21 -6.63 -2.28 3.87
C TYR A 21 -6.87 -3.73 4.30
N ASP A 22 -7.68 -4.45 3.54
CA ASP A 22 -7.98 -5.84 3.84
C ASP A 22 -6.71 -6.69 3.82
N ILE A 23 -5.77 -6.31 2.97
CA ILE A 23 -4.51 -7.03 2.85
C ILE A 23 -3.61 -6.76 4.05
N PHE A 24 -3.76 -5.58 4.65
CA PHE A 24 -2.97 -5.21 5.82
C PHE A 24 -3.51 -5.91 7.07
N LEU A 25 -4.79 -6.24 7.03
CA LEU A 25 -5.45 -6.90 8.14
C LEU A 25 -5.13 -8.38 8.18
N GLU A 26 -4.94 -8.96 7.01
CA GLU A 26 -4.63 -10.38 6.89
C GLU A 26 -3.13 -10.64 6.76
N MET A 27 -2.43 -9.79 6.02
CA MET A 27 -0.99 -9.96 5.83
C MET A 27 -0.21 -9.54 7.06
N ALA A 28 -0.49 -8.35 7.58
CA ALA A 28 0.21 -7.84 8.75
C ALA A 28 0.24 -8.88 9.88
N GLY A 29 1.43 -9.40 10.16
CA GLY A 29 1.57 -10.40 11.20
C GLY A 29 3.01 -10.75 11.49
N GLU A 30 3.49 -11.84 10.89
CA GLU A 30 4.86 -12.30 11.09
C GLU A 30 5.80 -11.74 10.02
N ASN A 31 5.25 -11.02 9.04
CA ASN A 31 6.06 -10.44 7.97
C ASN A 31 6.52 -9.03 8.35
N LEU A 32 5.70 -8.34 9.12
CA LEU A 32 6.02 -6.97 9.55
C LEU A 32 6.72 -6.99 10.90
N ASP A 33 7.75 -6.15 11.04
CA ASP A 33 8.53 -6.07 12.27
C ASP A 33 7.65 -5.99 13.52
N PRO A 34 7.95 -6.80 14.55
CA PRO A 34 7.18 -6.83 15.81
C PRO A 34 6.79 -5.45 16.31
N ALA A 35 7.79 -4.58 16.53
CA ALA A 35 7.52 -3.23 17.01
C ALA A 35 6.39 -2.58 16.23
N ASP A 36 6.58 -2.50 14.92
CA ASP A 36 5.58 -1.92 14.03
C ASP A 36 4.20 -2.49 14.29
N ILE A 37 4.16 -3.73 14.79
CA ILE A 37 2.89 -4.39 15.09
C ILE A 37 2.22 -3.70 16.29
N LEU A 38 2.97 -3.58 17.38
CA LEU A 38 2.47 -2.94 18.60
C LEU A 38 1.83 -1.60 18.29
N LEU A 39 2.63 -0.67 17.73
CA LEU A 39 2.13 0.65 17.39
C LEU A 39 0.84 0.56 16.57
N PHE A 40 0.83 -0.40 15.65
CA PHE A 40 -0.33 -0.62 14.80
C PHE A 40 -1.53 -1.08 15.64
N ASN A 41 -1.25 -1.81 16.71
CA ASN A 41 -2.31 -2.31 17.59
C ASN A 41 -2.77 -1.22 18.55
N LEU A 42 -1.83 -0.45 19.06
CA LEU A 42 -2.12 0.62 20.00
C LEU A 42 -2.68 1.86 19.30
N GLN A 43 -2.11 2.21 18.15
CA GLN A 43 -2.55 3.39 17.42
C GLN A 43 -2.83 3.05 15.95
N PHE A 44 -4.12 3.02 15.62
CA PHE A 44 -4.56 2.73 14.25
C PHE A 44 -6.02 3.11 14.08
N GLU A 45 -6.85 2.72 15.05
CA GLU A 45 -8.26 3.03 15.02
C GLU A 45 -8.48 4.54 15.14
N GLU A 46 -7.57 5.17 15.86
CA GLU A 46 -7.62 6.61 16.08
C GLU A 46 -6.45 7.32 15.38
N ARG A 47 -5.38 6.57 15.14
CA ARG A 47 -4.19 7.12 14.49
C ARG A 47 -3.74 6.25 13.33
N GLY A 48 -4.70 5.60 12.67
CA GLY A 48 -4.37 4.74 11.55
C GLY A 48 -5.05 5.17 10.26
N GLY A 49 -4.24 5.60 9.30
CA GLY A 49 -4.77 6.03 8.01
C GLY A 49 -4.05 5.38 6.84
N VAL A 50 -4.62 5.48 5.65
CA VAL A 50 -4.03 4.90 4.46
C VAL A 50 -4.32 5.76 3.24
N GLU A 51 -3.26 6.22 2.56
CA GLU A 51 -3.42 7.06 1.39
C GLU A 51 -2.98 6.32 0.11
N PHE A 52 -3.38 6.87 -1.03
CA PHE A 52 -3.05 6.27 -2.31
C PHE A 52 -1.99 7.09 -3.04
N VAL A 53 -0.77 6.55 -3.10
CA VAL A 53 0.34 7.24 -3.76
C VAL A 53 0.63 6.61 -5.13
N GLU A 54 1.64 7.15 -5.81
CA GLU A 54 2.02 6.65 -7.12
C GLU A 54 3.21 5.71 -7.03
N THR A 55 3.71 5.27 -8.19
CA THR A 55 4.86 4.36 -8.23
C THR A 55 6.17 5.14 -8.33
N ALA A 56 7.27 4.46 -8.01
CA ALA A 56 8.59 5.08 -8.07
C ALA A 56 9.12 5.07 -9.50
N ASP A 57 10.44 5.21 -9.63
CA ASP A 57 11.07 5.21 -10.94
C ASP A 57 11.45 3.79 -11.33
N ASP A 58 12.04 3.06 -10.39
CA ASP A 58 12.46 1.68 -10.63
C ASP A 58 12.92 1.04 -9.32
N TRP A 59 12.35 -0.12 -9.01
CA TRP A 59 12.70 -0.83 -7.79
C TRP A 59 13.90 -1.75 -7.98
N GLU A 60 13.67 -2.89 -8.65
CA GLU A 60 14.73 -3.87 -8.91
C GLU A 60 15.61 -4.07 -7.68
N GLU A 61 15.02 -3.93 -6.50
CA GLU A 61 15.77 -4.10 -5.25
C GLU A 61 14.86 -4.49 -4.09
N GLU A 62 13.65 -3.93 -4.05
CA GLU A 62 12.71 -4.23 -2.99
C GLU A 62 11.95 -5.52 -3.24
N ILE A 63 11.00 -5.49 -4.17
CA ILE A 63 10.20 -6.67 -4.50
C ILE A 63 10.93 -7.60 -5.46
N GLY A 64 11.50 -7.03 -6.51
CA GLY A 64 12.21 -7.83 -7.49
C GLY A 64 11.61 -7.73 -8.88
N VAL A 65 11.76 -6.56 -9.49
CA VAL A 65 11.24 -6.32 -10.85
C VAL A 65 11.44 -4.87 -11.25
N LEU A 66 11.59 -4.62 -12.55
CA LEU A 66 11.81 -3.27 -13.05
C LEU A 66 10.62 -2.35 -12.81
N ILE A 67 9.55 -2.93 -12.31
CA ILE A 67 8.33 -2.19 -12.00
C ILE A 67 7.76 -1.50 -13.23
N ASP A 68 6.43 -1.55 -13.34
CA ASP A 68 5.72 -0.92 -14.45
C ASP A 68 4.89 0.24 -13.93
N PRO A 69 5.51 1.42 -13.73
CA PRO A 69 4.78 2.59 -13.23
C PRO A 69 3.55 2.90 -14.06
N GLU A 70 2.70 3.78 -13.55
CA GLU A 70 1.47 4.15 -14.24
C GLU A 70 0.61 2.92 -14.54
N GLU A 71 0.96 1.78 -13.92
CA GLU A 71 0.22 0.55 -14.12
C GLU A 71 -0.04 -0.18 -12.79
N TYR A 72 0.49 0.38 -11.69
CA TYR A 72 0.31 -0.22 -10.38
C TYR A 72 -0.13 0.84 -9.36
N ALA A 73 -1.01 0.44 -8.46
CA ALA A 73 -1.51 1.34 -7.43
C ALA A 73 -0.65 1.26 -6.18
N GLU A 74 -0.12 2.39 -5.74
CA GLU A 74 0.72 2.44 -4.54
C GLU A 74 -0.08 2.91 -3.34
N VAL A 75 -0.16 2.07 -2.31
CA VAL A 75 -0.90 2.40 -1.11
C VAL A 75 0.00 2.33 0.13
N TRP A 76 -0.14 3.32 1.00
CA TRP A 76 0.64 3.38 2.22
C TRP A 76 -0.25 3.24 3.45
N VAL A 77 0.23 2.52 4.46
CA VAL A 77 -0.54 2.31 5.68
C VAL A 77 0.28 2.63 6.92
N GLY A 78 0.02 3.79 7.50
CA GLY A 78 0.73 4.21 8.70
C GLY A 78 -0.09 5.12 9.58
N LEU A 79 0.55 5.67 10.61
CA LEU A 79 -0.13 6.59 11.54
C LEU A 79 0.26 8.03 11.21
N VAL A 80 -0.60 9.00 11.51
CA VAL A 80 -0.32 10.41 11.25
C VAL A 80 -1.00 11.31 12.27
N ASN A 81 -1.02 12.60 11.99
CA ASN A 81 -1.65 13.57 12.89
C ASN A 81 -3.01 14.01 12.35
N GLU A 82 -3.58 15.04 12.98
CA GLU A 82 -4.88 15.55 12.57
C GLU A 82 -4.77 16.47 11.35
N GLN A 83 -3.54 16.87 11.01
CA GLN A 83 -3.30 17.74 9.87
C GLN A 83 -3.45 16.97 8.55
N ASP A 84 -3.65 15.66 8.63
CA ASP A 84 -3.80 14.84 7.44
C ASP A 84 -2.52 14.81 6.62
N GLU A 85 -1.65 13.86 6.94
CA GLU A 85 -0.38 13.71 6.23
C GLU A 85 0.07 12.25 6.27
N MET A 86 1.32 12.01 5.89
CA MET A 86 1.87 10.66 5.88
C MET A 86 3.39 10.66 5.88
N ASP A 87 3.96 10.62 7.08
CA ASP A 87 5.42 10.62 7.23
C ASP A 87 5.89 9.35 7.93
N ASP A 88 4.95 8.57 8.46
CA ASP A 88 5.29 7.33 9.16
C ASP A 88 4.47 6.16 8.61
N VAL A 89 4.96 5.56 7.53
CA VAL A 89 4.28 4.42 6.91
C VAL A 89 4.76 3.11 7.52
N PHE A 90 3.83 2.18 7.72
CA PHE A 90 4.19 0.88 8.28
C PHE A 90 4.33 -0.16 7.18
N ALA A 91 3.59 0.03 6.10
CA ALA A 91 3.64 -0.90 4.97
C ALA A 91 3.31 -0.18 3.68
N LYS A 92 3.56 -0.84 2.55
CA LYS A 92 3.27 -0.27 1.24
C LYS A 92 2.76 -1.38 0.33
N PHE A 93 1.76 -1.09 -0.48
CA PHE A 93 1.18 -2.11 -1.35
C PHE A 93 1.22 -1.73 -2.81
N LEU A 94 1.41 -2.75 -3.65
CA LEU A 94 1.44 -2.58 -5.10
C LEU A 94 0.41 -3.50 -5.73
N ILE A 95 -0.55 -2.92 -6.45
CA ILE A 95 -1.60 -3.71 -7.08
C ILE A 95 -1.78 -3.35 -8.55
N SER A 96 -1.62 -4.35 -9.43
CA SER A 96 -1.77 -4.14 -10.86
C SER A 96 -3.14 -3.54 -11.18
N HIS A 97 -3.14 -2.35 -11.75
CA HIS A 97 -4.39 -1.67 -12.11
C HIS A 97 -5.25 -2.54 -13.01
N ARG A 98 -4.61 -3.26 -13.93
CA ARG A 98 -5.32 -4.12 -14.86
C ARG A 98 -6.09 -5.21 -14.11
N GLU A 99 -6.82 -6.02 -14.86
CA GLU A 99 -7.62 -7.09 -14.27
C GLU A 99 -6.92 -8.44 -14.42
N GLU A 100 -6.18 -8.59 -15.52
CA GLU A 100 -5.47 -9.83 -15.78
C GLU A 100 -4.17 -9.90 -14.98
N ASP A 101 -3.74 -11.10 -14.64
CA ASP A 101 -2.52 -11.30 -13.86
C ASP A 101 -2.53 -10.46 -12.59
N ARG A 102 -3.68 -10.41 -11.94
CA ARG A 102 -3.82 -9.64 -10.70
C ARG A 102 -2.73 -10.00 -9.70
N GLU A 103 -1.73 -9.12 -9.59
CA GLU A 103 -0.61 -9.35 -8.67
C GLU A 103 -0.56 -8.26 -7.60
N PHE A 104 -0.31 -8.66 -6.35
CA PHE A 104 -0.23 -7.73 -5.24
C PHE A 104 0.99 -8.04 -4.36
N HIS A 105 1.68 -7.00 -3.94
CA HIS A 105 2.86 -7.16 -3.09
C HIS A 105 2.89 -6.09 -2.00
N VAL A 106 3.64 -6.34 -0.92
CA VAL A 106 3.72 -5.39 0.18
C VAL A 106 5.04 -5.46 0.93
N ILE A 107 5.54 -4.30 1.34
CA ILE A 107 6.78 -4.22 2.10
C ILE A 107 6.52 -3.76 3.53
N TRP A 108 7.26 -4.36 4.47
CA TRP A 108 7.11 -4.00 5.88
C TRP A 108 8.40 -3.42 6.43
N LYS A 109 8.27 -2.53 7.42
CA LYS A 109 9.42 -1.90 8.04
C LYS A 109 10.29 -2.93 8.77
N LYS A 110 11.55 -2.58 8.99
CA LYS A 110 12.48 -3.47 9.67
C LYS A 110 13.36 -2.70 10.64
N MET A 4 0.03 0.76 -23.05
CA MET A 4 -0.27 1.38 -24.36
C MET A 4 -0.82 0.36 -25.35
N THR A 5 -1.29 0.84 -26.51
CA THR A 5 -1.85 -0.03 -27.54
C THR A 5 -3.13 -0.71 -27.04
N THR A 6 -3.68 -0.21 -25.94
CA THR A 6 -4.91 -0.77 -25.39
C THR A 6 -5.78 0.33 -24.78
N GLU A 7 -6.78 -0.06 -24.00
CA GLU A 7 -7.68 0.89 -23.36
C GLU A 7 -8.10 0.41 -21.98
N ILE A 8 -7.17 0.40 -21.05
CA ILE A 8 -7.43 -0.04 -19.69
C ILE A 8 -7.94 1.11 -18.83
N LYS A 9 -8.89 0.82 -17.94
CA LYS A 9 -9.45 1.83 -17.06
C LYS A 9 -8.71 1.87 -15.73
N LYS A 10 -9.05 2.85 -14.89
CA LYS A 10 -8.42 2.99 -13.59
C LYS A 10 -9.42 2.71 -12.47
N LEU A 11 -9.06 1.82 -11.56
CA LEU A 11 -9.92 1.46 -10.44
C LEU A 11 -10.17 2.67 -9.54
N ASP A 12 -11.40 2.77 -9.03
CA ASP A 12 -11.79 3.88 -8.17
C ASP A 12 -10.75 4.17 -7.10
N PRO A 13 -10.88 5.30 -6.38
CA PRO A 13 -9.95 5.70 -5.33
C PRO A 13 -10.23 4.98 -4.01
N ASP A 14 -11.43 5.17 -3.48
CA ASP A 14 -11.82 4.54 -2.23
C ASP A 14 -11.90 3.03 -2.37
N THR A 15 -12.20 2.56 -3.58
CA THR A 15 -12.30 1.13 -3.86
C THR A 15 -11.01 0.42 -3.49
N ALA A 16 -9.91 0.85 -4.09
CA ALA A 16 -8.61 0.24 -3.82
C ALA A 16 -8.23 0.41 -2.35
N ILE A 17 -8.28 1.65 -1.88
CA ILE A 17 -7.94 1.95 -0.49
C ILE A 17 -8.59 0.94 0.46
N ASP A 18 -9.80 0.52 0.13
CA ASP A 18 -10.52 -0.45 0.95
C ASP A 18 -9.87 -1.82 0.85
N ILE A 19 -9.44 -2.17 -0.36
CA ILE A 19 -8.80 -3.46 -0.59
C ILE A 19 -7.51 -3.57 0.21
N ALA A 20 -6.54 -2.72 -0.10
CA ALA A 20 -5.26 -2.72 0.60
C ALA A 20 -5.45 -2.75 2.11
N TYR A 21 -6.42 -1.98 2.59
CA TYR A 21 -6.72 -1.93 4.02
C TYR A 21 -6.90 -3.34 4.57
N ASP A 22 -7.81 -4.10 3.95
CA ASP A 22 -8.06 -5.47 4.37
C ASP A 22 -6.80 -6.31 4.20
N ILE A 23 -5.93 -5.89 3.28
CA ILE A 23 -4.69 -6.60 3.04
C ILE A 23 -3.67 -6.31 4.14
N PHE A 24 -3.84 -5.19 4.83
CA PHE A 24 -2.94 -4.81 5.91
C PHE A 24 -3.31 -5.55 7.19
N LEU A 25 -4.60 -5.82 7.35
CA LEU A 25 -5.08 -6.54 8.53
C LEU A 25 -4.87 -8.04 8.40
N GLU A 26 -4.69 -8.52 7.18
CA GLU A 26 -4.49 -9.94 6.94
C GLU A 26 -3.01 -10.28 6.68
N MET A 27 -2.34 -9.43 5.90
CA MET A 27 -0.94 -9.66 5.58
C MET A 27 -0.02 -9.27 6.73
N ALA A 28 -0.28 -8.10 7.32
CA ALA A 28 0.55 -7.62 8.43
C ALA A 28 0.49 -8.57 9.61
N GLY A 29 1.48 -8.47 10.50
CA GLY A 29 1.53 -9.33 11.66
C GLY A 29 2.37 -10.57 11.43
N GLU A 30 3.49 -10.41 10.75
CA GLU A 30 4.39 -11.54 10.46
C GLU A 30 5.60 -11.12 9.62
N ASN A 31 5.48 -10.00 8.90
CA ASN A 31 6.58 -9.52 8.06
C ASN A 31 7.19 -8.25 8.63
N LEU A 32 6.34 -7.33 9.07
CA LEU A 32 6.79 -6.06 9.65
C LEU A 32 7.33 -6.26 11.06
N ASP A 33 8.26 -5.41 11.46
CA ASP A 33 8.86 -5.48 12.79
C ASP A 33 7.78 -5.60 13.87
N PRO A 34 8.14 -6.18 15.04
CA PRO A 34 7.21 -6.36 16.15
C PRO A 34 6.58 -5.04 16.62
N ALA A 35 7.32 -3.95 16.48
CA ALA A 35 6.83 -2.64 16.89
C ALA A 35 5.44 -2.36 16.33
N ASP A 36 5.32 -2.39 15.00
CA ASP A 36 4.05 -2.14 14.34
C ASP A 36 3.03 -3.20 14.69
N ILE A 37 3.49 -4.41 15.00
CA ILE A 37 2.59 -5.50 15.34
C ILE A 37 1.77 -5.13 16.59
N LEU A 38 2.44 -4.55 17.57
CA LEU A 38 1.78 -4.14 18.81
C LEU A 38 1.04 -2.81 18.61
N LEU A 39 1.70 -1.86 17.95
CA LEU A 39 1.11 -0.55 17.71
C LEU A 39 -0.15 -0.64 16.85
N PHE A 40 0.05 -0.96 15.57
CA PHE A 40 -1.06 -1.08 14.63
C PHE A 40 -2.19 -1.95 15.19
N ASN A 41 -1.86 -2.85 16.11
CA ASN A 41 -2.86 -3.72 16.71
C ASN A 41 -3.70 -2.97 17.73
N LEU A 42 -3.03 -2.30 18.66
CA LEU A 42 -3.71 -1.55 19.71
C LEU A 42 -4.39 -0.30 19.14
N GLN A 43 -3.59 0.69 18.77
CA GLN A 43 -4.10 1.94 18.22
C GLN A 43 -4.53 1.76 16.76
N PHE A 44 -4.17 2.73 15.90
CA PHE A 44 -4.53 2.69 14.48
C PHE A 44 -5.91 3.34 14.26
N GLU A 45 -6.74 3.29 15.29
CA GLU A 45 -8.08 3.86 15.21
C GLU A 45 -8.03 5.33 14.80
N GLU A 46 -7.44 6.16 15.64
CA GLU A 46 -7.32 7.59 15.36
C GLU A 46 -5.93 7.95 14.82
N ARG A 47 -4.92 7.21 15.27
CA ARG A 47 -3.55 7.46 14.83
C ARG A 47 -3.24 6.75 13.52
N GLY A 48 -3.98 5.69 13.24
CA GLY A 48 -3.78 4.94 12.01
C GLY A 48 -4.38 5.62 10.81
N GLY A 49 -3.57 5.79 9.77
CA GLY A 49 -4.04 6.42 8.55
C GLY A 49 -3.47 5.77 7.31
N VAL A 50 -4.18 5.87 6.19
CA VAL A 50 -3.73 5.28 4.94
C VAL A 50 -4.03 6.22 3.77
N GLU A 51 -2.99 6.54 3.00
CA GLU A 51 -3.14 7.43 1.86
C GLU A 51 -3.01 6.67 0.55
N PHE A 52 -3.57 7.24 -0.53
CA PHE A 52 -3.53 6.61 -1.84
C PHE A 52 -2.67 7.42 -2.79
N VAL A 53 -1.55 6.84 -3.23
CA VAL A 53 -0.64 7.52 -4.15
C VAL A 53 -0.62 6.80 -5.51
N GLU A 54 0.22 7.29 -6.41
CA GLU A 54 0.34 6.69 -7.74
C GLU A 54 1.70 6.02 -7.91
N THR A 55 1.85 5.24 -8.96
CA THR A 55 3.11 4.54 -9.23
C THR A 55 4.27 5.53 -9.26
N ALA A 56 5.47 5.02 -8.97
CA ALA A 56 6.67 5.84 -8.95
C ALA A 56 7.29 5.93 -10.34
N ASP A 57 8.54 6.36 -10.39
CA ASP A 57 9.26 6.47 -11.65
C ASP A 57 10.09 5.21 -11.89
N ASP A 58 9.52 4.07 -11.51
CA ASP A 58 10.19 2.77 -11.68
C ASP A 58 11.20 2.54 -10.57
N TRP A 59 10.89 1.61 -9.68
CA TRP A 59 11.77 1.29 -8.56
C TRP A 59 11.91 -0.22 -8.37
N GLU A 60 11.79 -0.96 -9.47
CA GLU A 60 11.91 -2.42 -9.42
C GLU A 60 13.30 -2.84 -8.93
N GLU A 61 13.50 -2.73 -7.62
CA GLU A 61 14.78 -3.09 -7.01
C GLU A 61 14.61 -3.49 -5.55
N GLU A 62 13.67 -2.84 -4.86
CA GLU A 62 13.41 -3.14 -3.45
C GLU A 62 12.30 -4.18 -3.31
N ILE A 63 11.18 -3.96 -3.99
CA ILE A 63 10.06 -4.89 -3.93
C ILE A 63 10.39 -6.19 -4.66
N GLY A 64 11.12 -6.08 -5.76
CA GLY A 64 11.49 -7.25 -6.53
C GLY A 64 10.54 -7.55 -7.67
N VAL A 65 10.40 -6.60 -8.59
CA VAL A 65 9.51 -6.77 -9.75
C VAL A 65 9.44 -5.49 -10.57
N LEU A 66 9.41 -5.64 -11.89
CA LEU A 66 9.34 -4.49 -12.79
C LEU A 66 8.12 -3.62 -12.46
N ILE A 67 8.34 -2.31 -12.44
CA ILE A 67 7.25 -1.37 -12.13
C ILE A 67 6.76 -0.66 -13.38
N ASP A 68 5.45 -0.70 -13.59
CA ASP A 68 4.85 -0.04 -14.75
C ASP A 68 3.86 1.03 -14.29
N PRO A 69 4.19 2.33 -14.49
CA PRO A 69 3.31 3.43 -14.07
C PRO A 69 1.98 3.39 -14.80
N GLU A 70 0.96 4.00 -14.19
CA GLU A 70 -0.37 4.03 -14.76
C GLU A 70 -0.95 2.62 -14.92
N GLU A 71 -0.25 1.62 -14.36
CA GLU A 71 -0.70 0.24 -14.43
C GLU A 71 -0.86 -0.38 -13.04
N TYR A 72 -0.50 0.39 -12.01
CA TYR A 72 -0.61 -0.09 -10.64
C TYR A 72 -0.91 1.05 -9.66
N ALA A 73 -1.85 0.81 -8.76
CA ALA A 73 -2.22 1.81 -7.75
C ALA A 73 -1.37 1.62 -6.50
N GLU A 74 -0.67 2.67 -6.08
CA GLU A 74 0.18 2.58 -4.91
C GLU A 74 -0.50 3.24 -3.71
N VAL A 75 -0.73 2.45 -2.66
CA VAL A 75 -1.37 2.95 -1.45
C VAL A 75 -0.53 2.60 -0.22
N TRP A 76 -0.17 3.62 0.55
CA TRP A 76 0.64 3.42 1.75
C TRP A 76 -0.22 3.17 2.97
N VAL A 77 0.22 2.27 3.83
CA VAL A 77 -0.49 1.93 5.06
C VAL A 77 0.43 2.01 6.26
N GLY A 78 0.39 3.14 6.96
CA GLY A 78 1.25 3.33 8.11
C GLY A 78 0.59 4.05 9.26
N LEU A 79 1.36 4.91 9.91
CA LEU A 79 0.87 5.70 11.06
C LEU A 79 1.46 7.09 11.01
N VAL A 80 0.99 7.98 11.88
CA VAL A 80 1.50 9.35 11.92
C VAL A 80 1.34 9.96 13.31
N ASN A 81 2.05 11.05 13.57
CA ASN A 81 1.97 11.73 14.85
C ASN A 81 0.86 12.78 14.85
N GLU A 82 1.00 13.83 15.65
CA GLU A 82 0.00 14.88 15.72
C GLU A 82 0.32 16.01 14.73
N GLN A 83 1.03 15.67 13.66
CA GLN A 83 1.40 16.65 12.65
C GLN A 83 0.63 16.43 11.35
N ASP A 84 -0.23 15.41 11.33
CA ASP A 84 -1.03 15.09 10.15
C ASP A 84 -0.16 14.91 8.91
N GLU A 85 1.01 14.31 9.08
CA GLU A 85 1.93 14.06 7.97
C GLU A 85 1.77 12.64 7.45
N MET A 86 2.80 12.13 6.77
CA MET A 86 2.75 10.78 6.23
C MET A 86 4.15 10.29 5.86
N ASP A 87 5.14 10.74 6.61
CA ASP A 87 6.53 10.35 6.37
C ASP A 87 6.90 9.10 7.16
N ASP A 88 5.94 8.57 7.93
CA ASP A 88 6.17 7.37 8.73
C ASP A 88 5.24 6.25 8.31
N VAL A 89 5.53 5.66 7.16
CA VAL A 89 4.71 4.57 6.63
C VAL A 89 5.22 3.22 7.12
N PHE A 90 4.30 2.28 7.30
CA PHE A 90 4.65 0.94 7.76
C PHE A 90 4.94 0.04 6.58
N ALA A 91 4.11 0.17 5.55
CA ALA A 91 4.26 -0.63 4.33
C ALA A 91 3.60 0.07 3.15
N LYS A 92 3.96 -0.34 1.94
CA LYS A 92 3.38 0.23 0.73
C LYS A 92 2.65 -0.86 -0.02
N PHE A 93 1.53 -0.53 -0.65
CA PHE A 93 0.75 -1.53 -1.36
C PHE A 93 0.54 -1.14 -2.82
N LEU A 94 0.70 -2.12 -3.70
CA LEU A 94 0.50 -1.91 -5.13
C LEU A 94 -0.59 -2.84 -5.65
N ILE A 95 -1.61 -2.28 -6.27
CA ILE A 95 -2.71 -3.07 -6.81
C ILE A 95 -2.84 -2.88 -8.31
N SER A 96 -2.77 -3.99 -9.04
CA SER A 96 -2.89 -3.95 -10.49
C SER A 96 -4.30 -3.51 -10.89
N HIS A 97 -4.38 -2.50 -11.73
CA HIS A 97 -5.68 -1.98 -12.18
C HIS A 97 -6.33 -2.90 -13.20
N ARG A 98 -5.62 -3.95 -13.60
CA ARG A 98 -6.15 -4.91 -14.58
C ARG A 98 -6.97 -5.98 -13.88
N GLU A 99 -8.26 -6.03 -14.20
CA GLU A 99 -9.16 -7.02 -13.59
C GLU A 99 -8.62 -8.43 -13.75
N GLU A 100 -8.06 -8.73 -14.92
CA GLU A 100 -7.50 -10.04 -15.19
C GLU A 100 -6.22 -10.26 -14.39
N ASP A 101 -5.95 -11.51 -14.02
CA ASP A 101 -4.75 -11.86 -13.26
C ASP A 101 -4.84 -11.30 -11.84
N ARG A 102 -4.84 -9.99 -11.72
CA ARG A 102 -4.91 -9.33 -10.42
C ARG A 102 -3.70 -9.70 -9.56
N GLU A 103 -2.66 -8.87 -9.63
CA GLU A 103 -1.44 -9.10 -8.86
C GLU A 103 -1.24 -8.00 -7.82
N PHE A 104 -0.68 -8.36 -6.66
CA PHE A 104 -0.45 -7.40 -5.60
C PHE A 104 0.92 -7.60 -4.94
N HIS A 105 1.55 -6.49 -4.56
CA HIS A 105 2.84 -6.53 -3.90
C HIS A 105 2.89 -5.53 -2.76
N VAL A 106 3.68 -5.83 -1.72
CA VAL A 106 3.78 -4.94 -0.57
C VAL A 106 5.15 -5.01 0.11
N ILE A 107 5.63 -3.86 0.57
CA ILE A 107 6.90 -3.79 1.27
C ILE A 107 6.70 -3.47 2.75
N TRP A 108 7.46 -4.15 3.60
CA TRP A 108 7.36 -3.93 5.04
C TRP A 108 8.65 -3.34 5.59
N LYS A 109 8.51 -2.51 6.61
CA LYS A 109 9.68 -1.86 7.23
C LYS A 109 10.48 -2.86 8.06
N LYS A 110 11.77 -2.60 8.19
CA LYS A 110 12.64 -3.48 8.96
C LYS A 110 13.75 -2.69 9.65
N MET A 4 -6.57 -2.83 -22.65
CA MET A 4 -5.91 -3.99 -23.32
C MET A 4 -5.78 -3.75 -24.82
N THR A 5 -6.92 -3.50 -25.47
CA THR A 5 -6.93 -3.25 -26.91
C THR A 5 -6.19 -1.96 -27.25
N THR A 6 -6.49 -0.90 -26.49
CA THR A 6 -5.84 0.39 -26.70
C THR A 6 -5.76 1.18 -25.40
N GLU A 7 -6.84 1.16 -24.63
CA GLU A 7 -6.89 1.88 -23.36
C GLU A 7 -6.93 0.89 -22.20
N ILE A 8 -6.70 1.40 -20.99
CA ILE A 8 -6.70 0.58 -19.79
C ILE A 8 -7.67 1.13 -18.74
N LYS A 9 -8.19 0.24 -17.90
CA LYS A 9 -9.13 0.64 -16.86
C LYS A 9 -8.38 0.99 -15.57
N LYS A 10 -8.65 2.17 -15.03
CA LYS A 10 -8.00 2.62 -13.81
C LYS A 10 -8.84 2.30 -12.59
N LEU A 11 -8.35 2.72 -11.41
CA LEU A 11 -9.07 2.48 -10.16
C LEU A 11 -9.38 3.80 -9.46
N ASP A 12 -10.35 3.77 -8.55
CA ASP A 12 -10.74 4.96 -7.81
C ASP A 12 -9.90 5.11 -6.54
N PRO A 13 -9.62 6.34 -6.12
CA PRO A 13 -8.82 6.61 -4.91
C PRO A 13 -9.34 5.85 -3.70
N ASP A 14 -10.63 6.03 -3.39
CA ASP A 14 -11.25 5.37 -2.26
C ASP A 14 -11.32 3.86 -2.48
N THR A 15 -11.50 3.46 -3.73
CA THR A 15 -11.60 2.04 -4.07
C THR A 15 -10.25 1.34 -3.87
N ALA A 16 -9.18 1.96 -4.36
CA ALA A 16 -7.84 1.39 -4.23
C ALA A 16 -7.47 1.23 -2.76
N ILE A 17 -7.91 2.18 -1.94
CA ILE A 17 -7.64 2.14 -0.51
C ILE A 17 -8.26 0.89 0.10
N ASP A 18 -9.57 0.76 -0.05
CA ASP A 18 -10.29 -0.40 0.48
C ASP A 18 -9.59 -1.70 0.12
N ILE A 19 -8.93 -1.72 -1.02
CA ILE A 19 -8.21 -2.91 -1.48
C ILE A 19 -6.97 -3.17 -0.61
N ALA A 20 -6.06 -2.19 -0.58
CA ALA A 20 -4.84 -2.30 0.20
C ALA A 20 -5.15 -2.45 1.68
N TYR A 21 -6.04 -1.61 2.20
CA TYR A 21 -6.43 -1.65 3.60
C TYR A 21 -6.85 -3.05 4.01
N ASP A 22 -7.66 -3.68 3.16
CA ASP A 22 -8.15 -5.03 3.43
C ASP A 22 -6.99 -6.02 3.47
N ILE A 23 -6.02 -5.84 2.57
CA ILE A 23 -4.86 -6.71 2.53
C ILE A 23 -3.86 -6.35 3.63
N PHE A 24 -4.02 -5.17 4.20
CA PHE A 24 -3.14 -4.72 5.26
C PHE A 24 -3.43 -5.46 6.55
N LEU A 25 -4.65 -5.32 7.06
CA LEU A 25 -5.05 -5.99 8.29
C LEU A 25 -5.29 -7.49 8.08
N GLU A 26 -5.22 -7.94 6.82
CA GLU A 26 -5.43 -9.35 6.51
C GLU A 26 -4.09 -10.10 6.41
N MET A 27 -3.19 -9.57 5.59
CA MET A 27 -1.88 -10.19 5.39
C MET A 27 -0.96 -9.95 6.59
N ALA A 28 -1.05 -8.76 7.19
CA ALA A 28 -0.22 -8.39 8.34
C ALA A 28 0.20 -9.60 9.16
N GLY A 29 1.44 -9.57 9.65
CA GLY A 29 1.96 -10.67 10.43
C GLY A 29 3.12 -11.33 9.72
N GLU A 30 2.80 -12.28 8.83
CA GLU A 30 3.83 -12.96 8.07
C GLU A 30 4.38 -12.00 7.03
N ASN A 31 5.10 -11.00 7.52
CA ASN A 31 5.71 -9.99 6.66
C ASN A 31 6.25 -8.83 7.49
N LEU A 32 5.45 -8.39 8.46
CA LEU A 32 5.83 -7.28 9.33
C LEU A 32 6.65 -7.77 10.52
N ASP A 33 7.36 -6.85 11.17
CA ASP A 33 8.18 -7.19 12.33
C ASP A 33 7.36 -7.13 13.62
N PRO A 34 7.72 -7.95 14.62
CA PRO A 34 7.01 -8.01 15.90
C PRO A 34 6.82 -6.63 16.54
N ALA A 35 7.91 -5.91 16.74
CA ALA A 35 7.86 -4.59 17.36
C ALA A 35 6.86 -3.67 16.66
N ASP A 36 7.09 -3.44 15.37
CA ASP A 36 6.21 -2.58 14.58
C ASP A 36 4.76 -3.07 14.63
N ILE A 37 4.58 -4.36 14.90
CA ILE A 37 3.24 -4.92 14.99
C ILE A 37 2.55 -4.44 16.27
N LEU A 38 3.33 -4.37 17.35
CA LEU A 38 2.80 -3.92 18.63
C LEU A 38 2.26 -2.51 18.53
N LEU A 39 3.08 -1.59 18.02
CA LEU A 39 2.67 -0.19 17.86
C LEU A 39 1.42 -0.11 17.00
N PHE A 40 1.43 -0.82 15.89
CA PHE A 40 0.29 -0.85 14.97
C PHE A 40 -0.99 -1.26 15.70
N ASN A 41 -0.84 -1.95 16.83
CA ASN A 41 -1.98 -2.41 17.60
C ASN A 41 -2.57 -1.32 18.49
N LEU A 42 -1.72 -0.53 19.13
CA LEU A 42 -2.20 0.52 20.03
C LEU A 42 -2.11 1.92 19.43
N GLN A 43 -1.92 2.04 18.12
CA GLN A 43 -1.84 3.35 17.49
C GLN A 43 -2.39 3.35 16.06
N PHE A 44 -3.26 2.39 15.76
CA PHE A 44 -3.85 2.31 14.42
C PHE A 44 -5.34 2.61 14.46
N GLU A 45 -5.91 2.63 15.66
CA GLU A 45 -7.34 2.92 15.83
C GLU A 45 -7.56 4.42 15.96
N GLU A 46 -6.60 5.09 16.61
CA GLU A 46 -6.67 6.54 16.80
C GLU A 46 -5.58 7.24 16.01
N ARG A 47 -4.49 6.53 15.72
CA ARG A 47 -3.37 7.09 14.97
C ARG A 47 -3.15 6.31 13.68
N GLY A 48 -4.22 5.71 13.16
CA GLY A 48 -4.11 4.94 11.94
C GLY A 48 -4.75 5.63 10.74
N GLY A 49 -3.91 6.08 9.81
CA GLY A 49 -4.41 6.74 8.62
C GLY A 49 -3.66 6.31 7.38
N VAL A 50 -4.38 6.13 6.28
CA VAL A 50 -3.76 5.71 5.03
C VAL A 50 -4.02 6.72 3.92
N GLU A 51 -2.99 6.96 3.11
CA GLU A 51 -3.10 7.91 2.00
C GLU A 51 -2.73 7.26 0.68
N PHE A 52 -3.58 7.45 -0.32
CA PHE A 52 -3.34 6.88 -1.64
C PHE A 52 -2.23 7.64 -2.36
N VAL A 53 -1.12 6.96 -2.61
CA VAL A 53 0.02 7.57 -3.28
C VAL A 53 0.15 7.05 -4.71
N GLU A 54 1.24 7.43 -5.38
CA GLU A 54 1.48 6.99 -6.74
C GLU A 54 2.72 6.10 -6.80
N THR A 55 3.09 5.71 -8.01
CA THR A 55 4.25 4.86 -8.21
C THR A 55 5.50 5.68 -8.48
N ALA A 56 6.67 5.07 -8.30
CA ALA A 56 7.93 5.74 -8.54
C ALA A 56 8.30 5.64 -10.02
N ASP A 57 9.59 5.70 -10.32
CA ASP A 57 10.05 5.59 -11.69
C ASP A 57 10.26 4.13 -12.04
N ASP A 58 10.91 3.40 -11.13
CA ASP A 58 11.18 1.98 -11.32
C ASP A 58 12.10 1.50 -10.20
N TRP A 59 11.51 0.96 -9.13
CA TRP A 59 12.30 0.49 -7.99
C TRP A 59 12.33 -1.02 -7.90
N GLU A 60 12.62 -1.68 -9.02
CA GLU A 60 12.71 -3.14 -9.06
C GLU A 60 13.92 -3.61 -8.28
N GLU A 61 13.92 -3.36 -6.96
CA GLU A 61 15.01 -3.75 -6.10
C GLU A 61 14.54 -4.00 -4.67
N GLU A 62 13.63 -3.14 -4.19
CA GLU A 62 13.09 -3.28 -2.84
C GLU A 62 12.06 -4.40 -2.81
N ILE A 63 11.06 -4.29 -3.68
CA ILE A 63 10.00 -5.28 -3.77
C ILE A 63 10.41 -6.46 -4.66
N GLY A 64 11.50 -6.29 -5.41
CA GLY A 64 11.98 -7.35 -6.28
C GLY A 64 10.98 -7.70 -7.37
N VAL A 65 10.92 -6.86 -8.40
CA VAL A 65 10.02 -7.07 -9.53
C VAL A 65 9.97 -5.84 -10.43
N LEU A 66 9.76 -6.07 -11.72
CA LEU A 66 9.69 -4.97 -12.69
C LEU A 66 8.56 -4.03 -12.32
N ILE A 67 8.88 -2.74 -12.17
CA ILE A 67 7.87 -1.74 -11.83
C ILE A 67 7.41 -0.95 -13.04
N ASP A 68 6.14 -0.59 -13.04
CA ASP A 68 5.55 0.18 -14.13
C ASP A 68 4.53 1.18 -13.58
N PRO A 69 4.95 2.44 -13.36
CA PRO A 69 4.06 3.48 -12.84
C PRO A 69 2.74 3.55 -13.60
N GLU A 70 1.73 4.16 -12.98
CA GLU A 70 0.41 4.28 -13.59
C GLU A 70 -0.30 2.92 -13.61
N GLU A 71 0.32 1.95 -14.26
CA GLU A 71 -0.25 0.60 -14.36
C GLU A 71 -0.62 0.07 -12.97
N TYR A 72 0.10 0.53 -11.96
CA TYR A 72 -0.16 0.10 -10.58
C TYR A 72 -0.43 1.28 -9.67
N ALA A 73 -1.30 1.08 -8.68
CA ALA A 73 -1.65 2.13 -7.73
C ALA A 73 -0.85 1.95 -6.44
N GLU A 74 -0.39 3.05 -5.86
CA GLU A 74 0.39 3.00 -4.63
C GLU A 74 -0.42 3.46 -3.43
N VAL A 75 -0.42 2.64 -2.38
CA VAL A 75 -1.14 2.96 -1.15
C VAL A 75 -0.24 2.76 0.06
N TRP A 76 -0.08 3.82 0.84
CA TRP A 76 0.76 3.76 2.03
C TRP A 76 -0.06 3.71 3.30
N VAL A 77 0.46 3.00 4.30
CA VAL A 77 -0.21 2.87 5.59
C VAL A 77 0.75 3.25 6.72
N GLY A 78 0.59 4.45 7.24
CA GLY A 78 1.47 4.92 8.30
C GLY A 78 0.76 5.08 9.64
N LEU A 79 1.17 6.11 10.38
CA LEU A 79 0.58 6.39 11.70
C LEU A 79 0.37 7.90 11.87
N VAL A 80 -0.45 8.46 10.99
CA VAL A 80 -0.75 9.89 11.00
C VAL A 80 -1.08 10.41 12.39
N ASN A 81 -1.25 11.72 12.48
CA ASN A 81 -1.56 12.38 13.73
C ASN A 81 -2.75 13.35 13.58
N GLU A 82 -2.60 14.56 14.07
CA GLU A 82 -3.67 15.55 14.00
C GLU A 82 -3.81 16.20 12.61
N GLN A 83 -2.75 16.16 11.82
CA GLN A 83 -2.80 16.77 10.49
C GLN A 83 -3.18 15.75 9.42
N ASP A 84 -2.17 15.10 8.83
CA ASP A 84 -2.43 14.13 7.78
C ASP A 84 -1.15 13.39 7.36
N GLU A 85 -0.02 14.08 7.45
CA GLU A 85 1.26 13.47 7.08
C GLU A 85 1.61 12.35 8.05
N MET A 86 1.44 11.11 7.61
CA MET A 86 1.73 9.95 8.46
C MET A 86 3.12 10.05 9.09
N ASP A 87 4.02 10.77 8.44
CA ASP A 87 5.37 10.96 8.93
C ASP A 87 6.17 9.65 8.95
N ASP A 88 5.46 8.52 8.94
CA ASP A 88 6.08 7.22 8.95
C ASP A 88 5.14 6.17 8.38
N VAL A 89 5.63 5.37 7.46
CA VAL A 89 4.83 4.34 6.81
C VAL A 89 5.11 2.96 7.41
N PHE A 90 4.04 2.22 7.68
CA PHE A 90 4.16 0.88 8.24
C PHE A 90 4.27 -0.15 7.14
N ALA A 91 3.55 0.09 6.04
CA ALA A 91 3.57 -0.81 4.90
C ALA A 91 3.15 -0.07 3.64
N LYS A 92 3.43 -0.66 2.48
CA LYS A 92 3.09 -0.06 1.20
C LYS A 92 2.43 -1.11 0.32
N PHE A 93 1.48 -0.70 -0.53
CA PHE A 93 0.79 -1.67 -1.37
C PHE A 93 0.67 -1.21 -2.82
N LEU A 94 0.94 -2.14 -3.72
CA LEU A 94 0.83 -1.89 -5.16
C LEU A 94 -0.16 -2.87 -5.76
N ILE A 95 -1.10 -2.35 -6.55
CA ILE A 95 -2.12 -3.21 -7.15
C ILE A 95 -2.29 -2.91 -8.65
N SER A 96 -2.39 -3.98 -9.44
CA SER A 96 -2.57 -3.86 -10.88
C SER A 96 -3.90 -3.18 -11.20
N HIS A 97 -3.85 -2.15 -12.03
CA HIS A 97 -5.06 -1.42 -12.41
C HIS A 97 -5.92 -2.24 -13.37
N ARG A 98 -5.30 -3.16 -14.10
CA ARG A 98 -6.01 -4.00 -15.05
C ARG A 98 -7.21 -4.69 -14.40
N GLU A 99 -8.18 -5.07 -15.23
CA GLU A 99 -9.38 -5.74 -14.73
C GLU A 99 -9.10 -7.20 -14.43
N GLU A 100 -8.71 -7.95 -15.46
CA GLU A 100 -8.41 -9.37 -15.29
C GLU A 100 -6.97 -9.55 -14.84
N ASP A 101 -6.71 -10.64 -14.11
CA ASP A 101 -5.37 -10.93 -13.62
C ASP A 101 -4.76 -9.70 -12.93
N ARG A 102 -4.75 -9.72 -11.59
CA ARG A 102 -4.20 -8.60 -10.83
C ARG A 102 -3.15 -9.09 -9.84
N GLU A 103 -1.97 -8.47 -9.89
CA GLU A 103 -0.88 -8.83 -9.00
C GLU A 103 -0.62 -7.69 -8.00
N PHE A 104 -0.33 -8.06 -6.77
CA PHE A 104 -0.08 -7.06 -5.72
C PHE A 104 1.14 -7.43 -4.89
N HIS A 105 1.92 -6.41 -4.53
CA HIS A 105 3.12 -6.62 -3.72
C HIS A 105 3.23 -5.53 -2.65
N VAL A 106 3.41 -5.95 -1.41
CA VAL A 106 3.51 -5.03 -0.29
C VAL A 106 4.88 -5.06 0.37
N ILE A 107 5.41 -3.88 0.67
CA ILE A 107 6.71 -3.77 1.34
C ILE A 107 6.50 -3.37 2.80
N TRP A 108 6.96 -4.22 3.71
CA TRP A 108 6.81 -3.97 5.13
C TRP A 108 8.10 -3.45 5.76
N LYS A 109 7.97 -2.64 6.79
CA LYS A 109 9.12 -2.07 7.49
C LYS A 109 9.93 -3.17 8.17
N LYS A 110 11.23 -2.94 8.31
CA LYS A 110 12.11 -3.92 8.95
C LYS A 110 13.29 -3.21 9.63
N MET A 4 -14.34 -1.95 -28.03
CA MET A 4 -14.09 -1.75 -26.58
C MET A 4 -14.35 -3.03 -25.80
N THR A 5 -13.28 -3.75 -25.48
CA THR A 5 -13.40 -5.00 -24.73
C THR A 5 -13.01 -4.79 -23.27
N THR A 6 -11.85 -4.18 -23.06
CA THR A 6 -11.36 -3.92 -21.70
C THR A 6 -10.19 -2.94 -21.73
N GLU A 7 -10.46 -1.68 -21.45
CA GLU A 7 -9.43 -0.65 -21.45
C GLU A 7 -9.29 -0.03 -20.06
N ILE A 8 -8.66 -0.75 -19.15
CA ILE A 8 -8.47 -0.27 -17.79
C ILE A 8 -6.99 -0.13 -17.44
N LYS A 9 -6.62 1.04 -16.94
CA LYS A 9 -5.24 1.31 -16.56
C LYS A 9 -5.17 2.30 -15.40
N LYS A 10 -6.29 2.49 -14.73
CA LYS A 10 -6.36 3.42 -13.61
C LYS A 10 -7.41 2.98 -12.59
N LEU A 11 -7.29 3.49 -11.37
CA LEU A 11 -8.24 3.17 -10.31
C LEU A 11 -8.63 4.43 -9.54
N ASP A 12 -9.83 4.42 -8.96
CA ASP A 12 -10.31 5.57 -8.20
C ASP A 12 -9.55 5.72 -6.89
N PRO A 13 -9.41 6.96 -6.40
CA PRO A 13 -8.69 7.25 -5.15
C PRO A 13 -9.24 6.44 -3.97
N ASP A 14 -10.54 6.57 -3.73
CA ASP A 14 -11.18 5.87 -2.63
C ASP A 14 -11.27 4.37 -2.90
N THR A 15 -11.38 4.01 -4.18
CA THR A 15 -11.47 2.61 -4.57
C THR A 15 -10.18 1.86 -4.23
N ALA A 16 -9.07 2.29 -4.83
CA ALA A 16 -7.79 1.65 -4.59
C ALA A 16 -7.43 1.64 -3.11
N ILE A 17 -7.64 2.78 -2.44
CA ILE A 17 -7.35 2.89 -1.02
C ILE A 17 -8.11 1.85 -0.22
N ASP A 18 -9.36 1.60 -0.62
CA ASP A 18 -10.19 0.62 0.06
C ASP A 18 -9.57 -0.78 -0.04
N ILE A 19 -9.18 -1.16 -1.25
CA ILE A 19 -8.57 -2.47 -1.48
C ILE A 19 -7.33 -2.65 -0.62
N ALA A 20 -6.44 -1.65 -0.65
CA ALA A 20 -5.21 -1.69 0.12
C ALA A 20 -5.50 -1.91 1.60
N TYR A 21 -6.58 -1.30 2.09
CA TYR A 21 -6.97 -1.43 3.48
C TYR A 21 -7.26 -2.90 3.83
N ASP A 22 -8.19 -3.50 3.10
CA ASP A 22 -8.55 -4.90 3.34
C ASP A 22 -7.31 -5.79 3.35
N ILE A 23 -6.39 -5.54 2.42
CA ILE A 23 -5.16 -6.32 2.34
C ILE A 23 -4.36 -6.20 3.63
N PHE A 24 -3.79 -5.01 3.86
CA PHE A 24 -2.99 -4.75 5.05
C PHE A 24 -3.59 -5.40 6.30
N LEU A 25 -4.91 -5.48 6.33
CA LEU A 25 -5.63 -6.06 7.46
C LEU A 25 -5.42 -7.57 7.55
N GLU A 26 -5.47 -8.25 6.40
CA GLU A 26 -5.31 -9.70 6.36
C GLU A 26 -3.89 -10.10 5.99
N MET A 27 -3.27 -9.34 5.10
CA MET A 27 -1.90 -9.63 4.66
C MET A 27 -0.91 -9.44 5.79
N ALA A 28 -0.88 -8.24 6.37
CA ALA A 28 0.03 -7.92 7.47
C ALA A 28 -0.01 -9.01 8.55
N GLY A 29 1.10 -9.74 8.69
CA GLY A 29 1.17 -10.79 9.68
C GLY A 29 2.58 -11.33 9.85
N GLU A 30 2.91 -12.37 9.08
CA GLU A 30 4.23 -12.98 9.15
C GLU A 30 5.19 -12.34 8.14
N ASN A 31 4.73 -11.31 7.44
CA ASN A 31 5.55 -10.62 6.45
C ASN A 31 6.11 -9.32 7.01
N LEU A 32 5.44 -8.79 8.03
CA LEU A 32 5.87 -7.54 8.65
C LEU A 32 6.55 -7.79 9.98
N ASP A 33 7.58 -7.00 10.29
CA ASP A 33 8.33 -7.15 11.53
C ASP A 33 7.40 -7.23 12.75
N PRO A 34 7.61 -8.23 13.63
CA PRO A 34 6.78 -8.42 14.82
C PRO A 34 6.56 -7.14 15.61
N ALA A 35 7.63 -6.37 15.79
CA ALA A 35 7.54 -5.11 16.54
C ALA A 35 6.47 -4.20 15.95
N ASP A 36 6.59 -3.92 14.65
CA ASP A 36 5.64 -3.06 13.96
C ASP A 36 4.21 -3.57 14.13
N ILE A 37 4.07 -4.88 14.34
CA ILE A 37 2.75 -5.47 14.53
C ILE A 37 2.12 -4.96 15.82
N LEU A 38 2.84 -5.09 16.93
CA LEU A 38 2.35 -4.63 18.22
C LEU A 38 1.88 -3.18 18.13
N LEU A 39 2.72 -2.33 17.54
CA LEU A 39 2.36 -0.92 17.38
C LEU A 39 1.09 -0.78 16.55
N PHE A 40 1.19 -1.12 15.28
CA PHE A 40 0.05 -1.04 14.36
C PHE A 40 -1.21 -1.62 15.00
N ASN A 41 -1.03 -2.61 15.86
CA ASN A 41 -2.17 -3.25 16.53
C ASN A 41 -2.65 -2.43 17.72
N LEU A 42 -1.70 -1.83 18.43
CA LEU A 42 -2.04 -1.01 19.60
C LEU A 42 -2.40 0.42 19.20
N GLN A 43 -2.00 0.83 18.00
CA GLN A 43 -2.30 2.17 17.51
C GLN A 43 -2.57 2.17 16.01
N PHE A 44 -3.79 2.53 15.64
CA PHE A 44 -4.21 2.57 14.24
C PHE A 44 -5.58 3.21 14.12
N GLU A 45 -6.47 2.86 15.05
CA GLU A 45 -7.82 3.39 15.06
C GLU A 45 -7.80 4.88 15.38
N GLU A 46 -6.83 5.28 16.20
CA GLU A 46 -6.68 6.67 16.61
C GLU A 46 -5.64 7.38 15.75
N ARG A 47 -4.71 6.62 15.17
CA ARG A 47 -3.66 7.19 14.34
C ARG A 47 -3.53 6.45 13.01
N GLY A 48 -4.67 6.14 12.40
CA GLY A 48 -4.67 5.43 11.14
C GLY A 48 -4.89 6.36 9.95
N GLY A 49 -3.99 6.31 8.99
CA GLY A 49 -4.11 7.16 7.81
C GLY A 49 -3.50 6.54 6.58
N VAL A 50 -4.33 6.18 5.61
CA VAL A 50 -3.85 5.59 4.36
C VAL A 50 -3.97 6.57 3.21
N GLU A 51 -2.84 6.93 2.62
CA GLU A 51 -2.82 7.88 1.51
C GLU A 51 -2.42 7.21 0.21
N PHE A 52 -2.69 7.88 -0.90
CA PHE A 52 -2.36 7.37 -2.23
C PHE A 52 -1.14 8.09 -2.79
N VAL A 53 -0.08 7.35 -3.05
CA VAL A 53 1.16 7.93 -3.58
C VAL A 53 1.39 7.51 -5.02
N GLU A 54 2.47 8.03 -5.62
CA GLU A 54 2.83 7.72 -6.99
C GLU A 54 3.99 6.74 -7.03
N THR A 55 4.06 5.96 -8.10
CA THR A 55 5.12 4.96 -8.26
C THR A 55 6.48 5.61 -8.45
N ALA A 56 7.53 4.88 -8.10
CA ALA A 56 8.90 5.37 -8.24
C ALA A 56 9.36 5.22 -9.68
N ASP A 57 10.67 5.08 -9.88
CA ASP A 57 11.21 4.91 -11.22
C ASP A 57 11.23 3.43 -11.58
N ASP A 58 11.70 2.60 -10.67
CA ASP A 58 11.77 1.16 -10.90
C ASP A 58 11.91 0.39 -9.59
N TRP A 59 12.73 0.91 -8.68
CA TRP A 59 13.00 0.31 -7.36
C TRP A 59 12.70 -1.18 -7.31
N GLU A 60 13.75 -1.96 -7.10
CA GLU A 60 13.66 -3.41 -6.99
C GLU A 60 14.57 -3.92 -5.88
N GLU A 61 14.96 -3.01 -4.98
CA GLU A 61 15.85 -3.36 -3.88
C GLU A 61 15.07 -3.65 -2.60
N GLU A 62 13.88 -3.06 -2.48
CA GLU A 62 13.05 -3.28 -1.30
C GLU A 62 12.11 -4.46 -1.53
N ILE A 63 11.14 -4.28 -2.44
CA ILE A 63 10.20 -5.35 -2.76
C ILE A 63 10.93 -6.53 -3.37
N GLY A 64 11.86 -6.24 -4.27
CA GLY A 64 12.62 -7.28 -4.93
C GLY A 64 12.66 -7.10 -6.43
N VAL A 65 11.50 -7.19 -7.07
CA VAL A 65 11.41 -7.08 -8.53
C VAL A 65 11.40 -5.63 -9.02
N LEU A 66 11.33 -5.48 -10.33
CA LEU A 66 11.30 -4.16 -10.96
C LEU A 66 9.93 -3.51 -10.83
N ILE A 67 9.85 -2.22 -11.16
CA ILE A 67 8.61 -1.48 -11.06
C ILE A 67 8.36 -0.63 -12.29
N ASP A 68 7.09 -0.50 -12.66
CA ASP A 68 6.70 0.30 -13.81
C ASP A 68 5.73 1.40 -13.39
N PRO A 69 6.18 2.66 -13.36
CA PRO A 69 5.32 3.79 -12.97
C PRO A 69 4.17 4.00 -13.93
N GLU A 70 3.07 4.54 -13.41
CA GLU A 70 1.88 4.78 -14.22
C GLU A 70 1.15 3.48 -14.55
N GLU A 71 1.73 2.35 -14.14
CA GLU A 71 1.14 1.05 -14.39
C GLU A 71 0.58 0.45 -13.10
N TYR A 72 1.01 0.99 -11.96
CA TYR A 72 0.53 0.51 -10.67
C TYR A 72 0.24 1.67 -9.72
N ALA A 73 -0.75 1.47 -8.86
CA ALA A 73 -1.13 2.50 -7.89
C ALA A 73 -0.40 2.28 -6.57
N GLU A 74 0.07 3.36 -5.97
CA GLU A 74 0.79 3.28 -4.71
C GLU A 74 -0.05 3.82 -3.56
N VAL A 75 -0.14 3.03 -2.49
CA VAL A 75 -0.89 3.41 -1.31
C VAL A 75 -0.08 3.10 -0.06
N TRP A 76 0.44 4.14 0.58
CA TRP A 76 1.25 3.96 1.77
C TRP A 76 0.40 3.95 3.03
N VAL A 77 0.74 3.05 3.94
CA VAL A 77 0.02 2.93 5.20
C VAL A 77 0.97 3.14 6.38
N GLY A 78 0.77 4.24 7.09
CA GLY A 78 1.61 4.54 8.23
C GLY A 78 0.84 4.75 9.51
N LEU A 79 1.05 5.90 10.14
CA LEU A 79 0.36 6.22 11.39
C LEU A 79 0.09 7.72 11.46
N VAL A 80 -0.69 8.21 10.51
CA VAL A 80 -1.03 9.62 10.44
C VAL A 80 -1.70 10.11 11.72
N ASN A 81 -1.66 11.42 11.94
CA ASN A 81 -2.26 12.02 13.13
C ASN A 81 -3.54 12.79 12.75
N GLU A 82 -4.07 13.55 13.70
CA GLU A 82 -5.28 14.32 13.46
C GLU A 82 -5.05 15.37 12.38
N GLN A 83 -3.82 15.87 12.32
CA GLN A 83 -3.45 16.87 11.33
C GLN A 83 -3.44 16.30 9.91
N ASP A 84 -3.52 14.97 9.81
CA ASP A 84 -3.52 14.29 8.51
C ASP A 84 -2.12 14.29 7.90
N GLU A 85 -1.10 14.21 8.75
CA GLU A 85 0.28 14.18 8.29
C GLU A 85 0.93 12.85 8.66
N MET A 86 1.59 12.21 7.69
CA MET A 86 2.25 10.94 7.92
C MET A 86 3.76 11.12 8.05
N ASP A 87 4.30 10.69 9.18
CA ASP A 87 5.74 10.80 9.43
C ASP A 87 6.40 9.42 9.47
N ASP A 88 5.59 8.39 9.69
CA ASP A 88 6.10 7.03 9.74
C ASP A 88 5.26 6.09 8.88
N VAL A 89 5.92 5.28 8.07
CA VAL A 89 5.23 4.34 7.19
C VAL A 89 5.33 2.92 7.74
N PHE A 90 4.26 2.15 7.56
CA PHE A 90 4.22 0.77 8.04
C PHE A 90 4.35 -0.22 6.88
N ALA A 91 3.97 0.25 5.69
CA ALA A 91 4.04 -0.60 4.50
C ALA A 91 3.66 0.18 3.25
N LYS A 92 3.76 -0.48 2.10
CA LYS A 92 3.42 0.13 0.81
C LYS A 92 2.75 -0.93 -0.05
N PHE A 93 1.71 -0.56 -0.78
CA PHE A 93 0.99 -1.53 -1.60
C PHE A 93 0.87 -1.06 -3.04
N LEU A 94 1.20 -1.96 -3.97
CA LEU A 94 1.11 -1.68 -5.39
C LEU A 94 0.07 -2.60 -6.01
N ILE A 95 -0.86 -2.04 -6.77
CA ILE A 95 -1.91 -2.84 -7.38
C ILE A 95 -2.09 -2.55 -8.87
N SER A 96 -2.15 -3.62 -9.65
CA SER A 96 -2.34 -3.51 -11.10
C SER A 96 -3.70 -2.89 -11.39
N HIS A 97 -3.70 -1.87 -12.25
CA HIS A 97 -4.93 -1.18 -12.60
C HIS A 97 -5.75 -1.99 -13.61
N ARG A 98 -5.11 -2.94 -14.28
CA ARG A 98 -5.79 -3.77 -15.26
C ARG A 98 -6.81 -4.70 -14.59
N GLU A 99 -7.65 -5.31 -15.40
CA GLU A 99 -8.68 -6.22 -14.89
C GLU A 99 -8.11 -7.64 -14.72
N GLU A 100 -7.81 -8.29 -15.83
CA GLU A 100 -7.26 -9.64 -15.79
C GLU A 100 -5.93 -9.64 -15.06
N ASP A 101 -5.65 -10.70 -14.32
CA ASP A 101 -4.41 -10.80 -13.56
C ASP A 101 -4.28 -9.62 -12.60
N ARG A 102 -4.29 -9.91 -11.31
CA ARG A 102 -4.16 -8.86 -10.30
C ARG A 102 -2.84 -8.99 -9.56
N GLU A 103 -1.81 -8.33 -10.07
CA GLU A 103 -0.49 -8.38 -9.45
C GLU A 103 -0.34 -7.27 -8.41
N PHE A 104 0.04 -7.67 -7.21
CA PHE A 104 0.22 -6.71 -6.13
C PHE A 104 1.35 -7.14 -5.20
N HIS A 105 2.18 -6.18 -4.78
CA HIS A 105 3.30 -6.48 -3.90
C HIS A 105 3.36 -5.47 -2.76
N VAL A 106 3.56 -5.97 -1.54
CA VAL A 106 3.59 -5.10 -0.37
C VAL A 106 4.96 -5.07 0.31
N ILE A 107 5.29 -3.91 0.87
CA ILE A 107 6.55 -3.70 1.58
C ILE A 107 6.29 -3.51 3.07
N TRP A 108 7.12 -4.13 3.91
CA TRP A 108 6.96 -3.98 5.36
C TRP A 108 8.22 -3.43 6.01
N LYS A 109 8.03 -2.66 7.07
CA LYS A 109 9.14 -2.05 7.79
C LYS A 109 10.00 -3.11 8.47
N LYS A 110 11.30 -2.87 8.52
CA LYS A 110 12.24 -3.79 9.14
C LYS A 110 12.56 -3.36 10.57
N MET A 4 -4.29 4.20 -28.07
CA MET A 4 -2.93 3.87 -28.55
C MET A 4 -2.10 3.19 -27.47
N THR A 5 -2.17 3.73 -26.25
CA THR A 5 -1.43 3.18 -25.13
C THR A 5 -2.18 1.99 -24.51
N THR A 6 -2.43 0.97 -25.32
CA THR A 6 -3.13 -0.23 -24.87
C THR A 6 -4.53 0.13 -24.38
N GLU A 7 -5.20 -0.85 -23.78
CA GLU A 7 -6.56 -0.64 -23.27
C GLU A 7 -6.76 -1.39 -21.95
N ILE A 8 -6.62 -0.67 -20.84
CA ILE A 8 -6.78 -1.26 -19.52
C ILE A 8 -7.77 -0.46 -18.69
N LYS A 9 -8.25 -1.05 -17.59
CA LYS A 9 -9.20 -0.38 -16.72
C LYS A 9 -8.48 0.42 -15.64
N LYS A 10 -9.25 1.07 -14.77
CA LYS A 10 -8.68 1.88 -13.70
C LYS A 10 -9.39 1.61 -12.38
N LEU A 11 -8.84 2.16 -11.30
CA LEU A 11 -9.41 1.99 -9.97
C LEU A 11 -9.72 3.35 -9.33
N ASP A 12 -10.61 3.34 -8.35
CA ASP A 12 -10.98 4.57 -7.65
C ASP A 12 -10.19 4.73 -6.36
N PRO A 13 -10.07 5.97 -5.86
CA PRO A 13 -9.33 6.24 -4.62
C PRO A 13 -9.93 5.51 -3.41
N ASP A 14 -11.24 5.63 -3.24
CA ASP A 14 -11.92 4.97 -2.14
C ASP A 14 -11.87 3.46 -2.28
N THR A 15 -11.83 2.98 -3.52
CA THR A 15 -11.79 1.56 -3.80
C THR A 15 -10.46 0.95 -3.37
N ALA A 16 -9.36 1.60 -3.77
CA ALA A 16 -8.03 1.13 -3.41
C ALA A 16 -7.83 1.14 -1.91
N ILE A 17 -8.20 2.24 -1.27
CA ILE A 17 -8.06 2.38 0.18
C ILE A 17 -8.90 1.34 0.91
N ASP A 18 -10.12 1.12 0.42
CA ASP A 18 -11.03 0.15 1.02
C ASP A 18 -10.45 -1.27 0.95
N ILE A 19 -10.06 -1.68 -0.25
CA ILE A 19 -9.48 -3.00 -0.44
C ILE A 19 -8.09 -3.10 0.18
N ALA A 20 -7.32 -2.02 0.04
CA ALA A 20 -5.97 -1.99 0.60
C ALA A 20 -6.00 -2.13 2.11
N TYR A 21 -6.98 -1.47 2.74
CA TYR A 21 -7.12 -1.54 4.19
C TYR A 21 -7.40 -2.98 4.61
N ASP A 22 -8.31 -3.64 3.91
CA ASP A 22 -8.65 -5.02 4.21
C ASP A 22 -7.43 -5.91 4.05
N ILE A 23 -6.58 -5.56 3.08
CA ILE A 23 -5.36 -6.32 2.82
C ILE A 23 -4.38 -6.18 3.98
N PHE A 24 -4.19 -4.95 4.45
CA PHE A 24 -3.29 -4.68 5.56
C PHE A 24 -3.60 -5.58 6.75
N LEU A 25 -4.85 -5.51 7.21
CA LEU A 25 -5.27 -6.32 8.36
C LEU A 25 -5.31 -7.81 8.01
N GLU A 26 -5.21 -8.14 6.73
CA GLU A 26 -5.26 -9.52 6.30
C GLU A 26 -3.85 -10.14 6.17
N MET A 27 -3.02 -9.56 5.31
CA MET A 27 -1.68 -10.07 5.09
C MET A 27 -0.71 -9.71 6.22
N ALA A 28 -0.84 -8.50 6.77
CA ALA A 28 0.04 -8.07 7.84
C ALA A 28 0.16 -9.13 8.93
N GLY A 29 1.34 -9.74 9.03
CA GLY A 29 1.56 -10.77 10.03
C GLY A 29 2.97 -11.32 10.01
N GLU A 30 3.16 -12.40 9.26
CA GLU A 30 4.48 -13.03 9.16
C GLU A 30 5.39 -12.30 8.18
N ASN A 31 4.87 -11.26 7.53
CA ASN A 31 5.66 -10.49 6.57
C ASN A 31 6.26 -9.25 7.23
N LEU A 32 5.58 -8.75 8.25
CA LEU A 32 6.03 -7.57 8.97
C LEU A 32 6.87 -7.98 10.18
N ASP A 33 7.73 -7.07 10.67
CA ASP A 33 8.58 -7.35 11.82
C ASP A 33 7.82 -7.20 13.14
N PRO A 34 8.21 -7.97 14.17
CA PRO A 34 7.57 -7.93 15.49
C PRO A 34 7.42 -6.51 16.04
N ALA A 35 8.50 -5.73 15.99
CA ALA A 35 8.48 -4.36 16.51
C ALA A 35 7.31 -3.56 15.96
N ASP A 36 7.30 -3.35 14.65
CA ASP A 36 6.23 -2.60 14.02
C ASP A 36 4.88 -3.26 14.24
N ILE A 37 4.89 -4.57 14.51
CA ILE A 37 3.67 -5.32 14.77
C ILE A 37 3.08 -4.91 16.12
N LEU A 38 3.96 -4.63 17.07
CA LEU A 38 3.54 -4.24 18.41
C LEU A 38 2.89 -2.86 18.39
N LEU A 39 3.54 -1.90 17.75
CA LEU A 39 3.01 -0.54 17.66
C LEU A 39 1.65 -0.53 16.97
N PHE A 40 1.66 -0.93 15.70
CA PHE A 40 0.43 -0.98 14.89
C PHE A 40 -0.76 -1.48 15.72
N ASN A 41 -0.49 -2.36 16.68
CA ASN A 41 -1.53 -2.90 17.52
C ASN A 41 -2.03 -1.89 18.54
N LEU A 42 -1.10 -1.25 19.25
CA LEU A 42 -1.46 -0.26 20.27
C LEU A 42 -1.72 1.12 19.66
N GLN A 43 -1.23 1.36 18.46
CA GLN A 43 -1.43 2.65 17.80
C GLN A 43 -1.81 2.48 16.33
N PHE A 44 -3.05 2.83 16.02
CA PHE A 44 -3.56 2.75 14.65
C PHE A 44 -4.96 3.33 14.58
N GLU A 45 -5.83 2.90 15.49
CA GLU A 45 -7.20 3.38 15.53
C GLU A 45 -7.23 4.89 15.79
N GLU A 46 -6.25 5.35 16.57
CA GLU A 46 -6.15 6.76 16.90
C GLU A 46 -5.45 7.54 15.79
N ARG A 47 -4.28 7.05 15.38
CA ARG A 47 -3.51 7.71 14.32
C ARG A 47 -3.40 6.83 13.08
N GLY A 48 -4.53 6.35 12.60
CA GLY A 48 -4.53 5.49 11.43
C GLY A 48 -5.01 6.21 10.18
N GLY A 49 -4.17 6.23 9.14
CA GLY A 49 -4.54 6.89 7.91
C GLY A 49 -3.88 6.26 6.70
N VAL A 50 -4.70 5.76 5.78
CA VAL A 50 -4.18 5.14 4.57
C VAL A 50 -4.34 6.06 3.36
N GLU A 51 -3.27 6.80 3.05
CA GLU A 51 -3.30 7.73 1.93
C GLU A 51 -3.05 7.01 0.61
N PHE A 52 -3.83 7.37 -0.40
CA PHE A 52 -3.70 6.75 -1.72
C PHE A 52 -2.65 7.48 -2.55
N VAL A 53 -1.77 6.71 -3.19
CA VAL A 53 -0.71 7.28 -4.02
C VAL A 53 -0.68 6.60 -5.38
N GLU A 54 0.37 6.87 -6.16
CA GLU A 54 0.51 6.28 -7.49
C GLU A 54 1.88 5.62 -7.64
N THR A 55 2.07 4.89 -8.73
CA THR A 55 3.34 4.22 -8.98
C THR A 55 4.47 5.23 -9.16
N ALA A 56 5.68 4.80 -8.87
CA ALA A 56 6.85 5.67 -9.00
C ALA A 56 7.42 5.60 -10.41
N ASP A 57 8.68 6.01 -10.55
CA ASP A 57 9.35 5.99 -11.84
C ASP A 57 10.15 4.69 -11.99
N ASP A 58 9.62 3.61 -11.42
CA ASP A 58 10.26 2.29 -11.47
C ASP A 58 11.31 2.16 -10.37
N TRP A 59 11.05 1.29 -9.41
CA TRP A 59 11.96 1.07 -8.29
C TRP A 59 12.09 -0.40 -7.95
N GLU A 60 11.99 -1.26 -8.97
CA GLU A 60 12.11 -2.70 -8.76
C GLU A 60 13.46 -3.06 -8.16
N GLU A 61 13.59 -2.89 -6.85
CA GLU A 61 14.83 -3.18 -6.16
C GLU A 61 14.58 -3.46 -4.67
N GLU A 62 13.64 -2.74 -4.08
CA GLU A 62 13.33 -2.92 -2.67
C GLU A 62 12.18 -3.92 -2.48
N ILE A 63 11.11 -3.74 -3.25
CA ILE A 63 9.96 -4.63 -3.18
C ILE A 63 10.26 -5.98 -3.85
N GLY A 64 11.15 -5.96 -4.84
CA GLY A 64 11.50 -7.18 -5.53
C GLY A 64 10.46 -7.59 -6.56
N VAL A 65 10.36 -6.80 -7.63
CA VAL A 65 9.41 -7.08 -8.71
C VAL A 65 9.39 -5.93 -9.71
N LEU A 66 9.29 -6.28 -10.99
CA LEU A 66 9.26 -5.26 -12.05
C LEU A 66 8.17 -4.24 -11.78
N ILE A 67 8.49 -2.97 -11.98
CA ILE A 67 7.53 -1.89 -11.74
C ILE A 67 7.09 -1.25 -13.05
N ASP A 68 5.78 -1.09 -13.20
CA ASP A 68 5.19 -0.47 -14.39
C ASP A 68 4.12 0.53 -13.98
N PRO A 69 4.42 1.84 -14.06
CA PRO A 69 3.46 2.88 -13.69
C PRO A 69 2.24 2.91 -14.61
N GLU A 70 1.17 3.52 -14.12
CA GLU A 70 -0.08 3.62 -14.88
C GLU A 70 -0.85 2.30 -14.91
N GLU A 71 -0.23 1.21 -14.44
CA GLU A 71 -0.88 -0.08 -14.43
C GLU A 71 -1.04 -0.61 -13.00
N TYR A 72 -0.47 0.11 -12.04
CA TYR A 72 -0.56 -0.29 -10.63
C TYR A 72 -0.97 0.90 -9.76
N ALA A 73 -1.71 0.60 -8.69
CA ALA A 73 -2.16 1.64 -7.76
C ALA A 73 -1.33 1.58 -6.47
N GLU A 74 -0.80 2.71 -6.07
CA GLU A 74 0.03 2.76 -4.86
C GLU A 74 -0.79 3.21 -3.65
N VAL A 75 -0.64 2.48 -2.55
CA VAL A 75 -1.34 2.80 -1.31
C VAL A 75 -0.34 2.78 -0.16
N TRP A 76 -0.44 3.79 0.71
CA TRP A 76 0.47 3.89 1.85
C TRP A 76 -0.28 3.85 3.17
N VAL A 77 0.26 3.06 4.10
CA VAL A 77 -0.34 2.94 5.42
C VAL A 77 0.68 3.23 6.52
N GLY A 78 0.50 4.36 7.18
CA GLY A 78 1.41 4.76 8.23
C GLY A 78 0.72 5.02 9.55
N LEU A 79 1.12 6.10 10.21
CA LEU A 79 0.53 6.49 11.49
C LEU A 79 0.40 8.00 11.57
N VAL A 80 -0.34 8.56 10.61
CA VAL A 80 -0.56 10.00 10.55
C VAL A 80 -0.91 10.60 11.90
N ASN A 81 -0.39 11.79 12.16
CA ASN A 81 -0.64 12.51 13.39
C ASN A 81 -1.88 13.37 13.21
N GLU A 82 -1.78 14.65 13.56
CA GLU A 82 -2.89 15.56 13.41
C GLU A 82 -2.70 16.42 12.17
N GLN A 83 -3.63 17.33 11.98
CA GLN A 83 -3.62 18.26 10.85
C GLN A 83 -3.21 17.60 9.53
N ASP A 84 -3.28 16.27 9.44
CA ASP A 84 -2.92 15.56 8.21
C ASP A 84 -1.41 15.54 8.00
N GLU A 85 -0.72 14.68 8.73
CA GLU A 85 0.73 14.54 8.62
C GLU A 85 1.16 13.14 9.02
N MET A 86 1.85 12.45 8.11
CA MET A 86 2.31 11.09 8.39
C MET A 86 3.79 11.09 8.77
N ASP A 87 4.63 11.33 7.78
CA ASP A 87 6.08 11.37 7.99
C ASP A 87 6.66 9.98 8.27
N ASP A 88 5.80 9.05 8.68
CA ASP A 88 6.23 7.69 8.97
C ASP A 88 5.22 6.67 8.45
N VAL A 89 5.65 5.87 7.49
CA VAL A 89 4.80 4.86 6.89
C VAL A 89 5.12 3.47 7.46
N PHE A 90 4.10 2.62 7.53
CA PHE A 90 4.26 1.27 8.06
C PHE A 90 4.47 0.28 6.94
N ALA A 91 3.78 0.51 5.82
CA ALA A 91 3.87 -0.36 4.66
C ALA A 91 3.39 0.36 3.41
N LYS A 92 3.66 -0.24 2.26
CA LYS A 92 3.23 0.32 0.98
C LYS A 92 2.53 -0.78 0.19
N PHE A 93 1.53 -0.42 -0.61
CA PHE A 93 0.78 -1.42 -1.36
C PHE A 93 0.64 -1.07 -2.84
N LEU A 94 0.86 -2.09 -3.67
CA LEU A 94 0.74 -1.94 -5.12
C LEU A 94 -0.17 -3.04 -5.66
N ILE A 95 -1.14 -2.66 -6.50
CA ILE A 95 -2.07 -3.63 -7.05
C ILE A 95 -2.42 -3.33 -8.50
N SER A 96 -2.31 -4.35 -9.34
CA SER A 96 -2.62 -4.22 -10.77
C SER A 96 -4.03 -3.68 -10.97
N HIS A 97 -4.16 -2.72 -11.89
CA HIS A 97 -5.46 -2.11 -12.18
C HIS A 97 -6.34 -3.06 -13.00
N ARG A 98 -5.70 -4.02 -13.67
CA ARG A 98 -6.43 -4.98 -14.49
C ARG A 98 -7.54 -5.66 -13.70
N GLU A 99 -8.35 -6.46 -14.40
CA GLU A 99 -9.46 -7.16 -13.76
C GLU A 99 -9.14 -8.65 -13.59
N GLU A 100 -8.83 -9.32 -14.69
CA GLU A 100 -8.49 -10.74 -14.65
C GLU A 100 -7.03 -10.93 -14.31
N ASP A 101 -6.76 -11.69 -13.25
CA ASP A 101 -5.40 -11.95 -12.81
C ASP A 101 -4.74 -10.63 -12.38
N ARG A 102 -4.50 -10.51 -11.08
CA ARG A 102 -3.87 -9.30 -10.54
C ARG A 102 -2.77 -9.65 -9.55
N GLU A 103 -1.67 -8.90 -9.62
CA GLU A 103 -0.53 -9.12 -8.73
C GLU A 103 -0.41 -7.95 -7.74
N PHE A 104 -0.04 -8.27 -6.51
CA PHE A 104 0.11 -7.25 -5.48
C PHE A 104 1.38 -7.48 -4.66
N HIS A 105 2.04 -6.38 -4.30
CA HIS A 105 3.27 -6.45 -3.52
C HIS A 105 3.26 -5.39 -2.42
N VAL A 106 3.59 -5.80 -1.20
CA VAL A 106 3.59 -4.89 -0.06
C VAL A 106 4.94 -4.78 0.63
N ILE A 107 5.25 -3.57 1.10
CA ILE A 107 6.50 -3.32 1.82
C ILE A 107 6.22 -3.29 3.33
N TRP A 108 7.07 -3.95 4.12
CA TRP A 108 6.88 -3.96 5.56
C TRP A 108 8.06 -3.31 6.29
N LYS A 109 9.07 -4.10 6.64
CA LYS A 109 10.24 -3.57 7.34
C LYS A 109 11.24 -4.68 7.62
N LYS A 110 12.51 -4.43 7.29
CA LYS A 110 13.57 -5.41 7.51
C LYS A 110 14.25 -5.18 8.86
N MET A 4 -11.83 -3.40 -26.15
CA MET A 4 -10.98 -2.95 -27.28
C MET A 4 -10.57 -1.50 -27.12
N THR A 5 -10.46 -1.05 -25.86
CA THR A 5 -10.07 0.32 -25.58
C THR A 5 -8.69 0.62 -26.17
N THR A 6 -8.40 1.90 -26.37
CA THR A 6 -7.12 2.30 -26.94
C THR A 6 -6.20 2.88 -25.85
N GLU A 7 -6.78 3.22 -24.70
CA GLU A 7 -6.01 3.78 -23.60
C GLU A 7 -6.28 3.01 -22.31
N ILE A 8 -5.22 2.75 -21.55
CA ILE A 8 -5.34 2.02 -20.29
C ILE A 8 -6.18 2.79 -19.28
N LYS A 9 -6.97 2.07 -18.50
CA LYS A 9 -7.82 2.68 -17.49
C LYS A 9 -7.07 2.82 -16.16
N LYS A 10 -7.79 3.24 -15.12
CA LYS A 10 -7.18 3.40 -13.81
C LYS A 10 -8.13 2.97 -12.69
N LEU A 11 -7.62 2.94 -11.47
CA LEU A 11 -8.40 2.54 -10.31
C LEU A 11 -8.90 3.77 -9.55
N ASP A 12 -9.80 3.55 -8.59
CA ASP A 12 -10.33 4.66 -7.79
C ASP A 12 -9.72 4.65 -6.39
N PRO A 13 -9.48 5.84 -5.81
CA PRO A 13 -8.88 5.97 -4.48
C PRO A 13 -9.59 5.09 -3.45
N ASP A 14 -10.90 5.26 -3.34
CA ASP A 14 -11.70 4.49 -2.38
C ASP A 14 -11.47 2.99 -2.54
N THR A 15 -11.31 2.54 -3.78
CA THR A 15 -11.09 1.12 -4.06
C THR A 15 -9.62 0.76 -3.88
N ALA A 16 -8.72 1.67 -4.22
CA ALA A 16 -7.29 1.41 -4.09
C ALA A 16 -6.89 1.24 -2.63
N ILE A 17 -7.59 1.96 -1.76
CA ILE A 17 -7.32 1.89 -0.32
C ILE A 17 -7.97 0.66 0.30
N ASP A 18 -9.30 0.59 0.19
CA ASP A 18 -10.06 -0.52 0.74
C ASP A 18 -9.44 -1.89 0.41
N ILE A 19 -8.76 -1.97 -0.74
CA ILE A 19 -8.11 -3.21 -1.13
C ILE A 19 -6.81 -3.41 -0.37
N ALA A 20 -6.01 -2.35 -0.29
CA ALA A 20 -4.74 -2.42 0.44
C ALA A 20 -5.00 -2.53 1.93
N TYR A 21 -6.10 -1.92 2.37
CA TYR A 21 -6.49 -1.95 3.77
C TYR A 21 -6.73 -3.38 4.22
N ASP A 22 -7.45 -4.13 3.39
CA ASP A 22 -7.75 -5.52 3.69
C ASP A 22 -6.49 -6.38 3.58
N ILE A 23 -5.53 -5.91 2.79
CA ILE A 23 -4.27 -6.63 2.61
C ILE A 23 -3.38 -6.44 3.83
N PHE A 24 -3.55 -5.32 4.52
CA PHE A 24 -2.77 -5.03 5.72
C PHE A 24 -3.35 -5.77 6.92
N LEU A 25 -4.67 -5.77 7.03
CA LEU A 25 -5.35 -6.43 8.13
C LEU A 25 -5.45 -7.94 7.91
N GLU A 26 -4.99 -8.42 6.76
CA GLU A 26 -5.04 -9.84 6.46
C GLU A 26 -3.64 -10.43 6.29
N MET A 27 -2.79 -9.73 5.54
CA MET A 27 -1.43 -10.20 5.29
C MET A 27 -0.46 -9.79 6.40
N ALA A 28 -0.53 -8.54 6.83
CA ALA A 28 0.37 -8.04 7.88
C ALA A 28 0.33 -8.94 9.11
N GLY A 29 1.50 -9.45 9.49
CA GLY A 29 1.57 -10.32 10.66
C GLY A 29 2.84 -11.16 10.69
N GLU A 30 2.95 -12.10 9.75
CA GLU A 30 4.10 -12.98 9.69
C GLU A 30 5.26 -12.33 8.93
N ASN A 31 5.01 -11.17 8.32
CA ASN A 31 6.05 -10.47 7.56
C ASN A 31 6.65 -9.34 8.39
N LEU A 32 5.88 -8.27 8.56
CA LEU A 32 6.33 -7.11 9.32
C LEU A 32 6.57 -7.47 10.79
N ASP A 33 7.76 -7.14 11.27
CA ASP A 33 8.18 -7.44 12.65
C ASP A 33 7.06 -7.23 13.66
N PRO A 34 7.12 -7.95 14.80
CA PRO A 34 6.10 -7.84 15.86
C PRO A 34 6.07 -6.46 16.51
N ALA A 35 7.23 -5.83 16.61
CA ALA A 35 7.34 -4.51 17.21
C ALA A 35 6.40 -3.51 16.54
N ASP A 36 6.54 -3.36 15.22
CA ASP A 36 5.69 -2.46 14.47
C ASP A 36 4.22 -2.89 14.56
N ILE A 37 4.01 -4.17 14.85
CA ILE A 37 2.65 -4.70 14.99
C ILE A 37 2.03 -4.20 16.29
N LEU A 38 2.79 -4.31 17.38
CA LEU A 38 2.32 -3.85 18.68
C LEU A 38 1.82 -2.42 18.60
N LEU A 39 2.58 -1.56 17.92
CA LEU A 39 2.18 -0.17 17.76
C LEU A 39 0.89 -0.08 16.96
N PHE A 40 0.91 -0.64 15.75
CA PHE A 40 -0.26 -0.63 14.87
C PHE A 40 -1.47 -1.25 15.57
N ASN A 41 -1.21 -2.26 16.41
CA ASN A 41 -2.28 -2.94 17.13
C ASN A 41 -2.79 -2.08 18.27
N LEU A 42 -1.86 -1.48 19.01
CA LEU A 42 -2.21 -0.63 20.14
C LEU A 42 -2.69 0.74 19.66
N GLN A 43 -2.44 1.06 18.38
CA GLN A 43 -2.86 2.33 17.81
C GLN A 43 -3.79 2.09 16.62
N PHE A 44 -3.70 2.94 15.60
CA PHE A 44 -4.54 2.82 14.40
C PHE A 44 -5.91 3.47 14.60
N GLU A 45 -6.31 3.66 15.87
CA GLU A 45 -7.59 4.26 16.17
C GLU A 45 -7.49 5.78 16.16
N GLU A 46 -6.39 6.31 16.68
CA GLU A 46 -6.18 7.75 16.73
C GLU A 46 -5.10 8.18 15.74
N ARG A 47 -4.15 7.29 15.47
CA ARG A 47 -3.06 7.58 14.54
C ARG A 47 -3.12 6.66 13.33
N GLY A 48 -4.32 6.19 13.00
CA GLY A 48 -4.49 5.31 11.86
C GLY A 48 -4.77 6.07 10.57
N GLY A 49 -3.84 6.00 9.63
CA GLY A 49 -4.02 6.68 8.36
C GLY A 49 -3.39 5.95 7.20
N VAL A 50 -4.01 6.06 6.03
CA VAL A 50 -3.51 5.40 4.83
C VAL A 50 -3.82 6.26 3.60
N GLU A 51 -2.78 6.69 2.91
CA GLU A 51 -2.94 7.53 1.72
C GLU A 51 -2.67 6.75 0.45
N PHE A 52 -3.27 7.21 -0.66
CA PHE A 52 -3.09 6.56 -1.95
C PHE A 52 -2.09 7.32 -2.82
N VAL A 53 -1.18 6.58 -3.43
CA VAL A 53 -0.16 7.18 -4.29
C VAL A 53 0.12 6.29 -5.49
N GLU A 54 0.31 6.90 -6.64
CA GLU A 54 0.59 6.14 -7.85
C GLU A 54 1.90 5.38 -7.73
N THR A 55 2.31 4.76 -8.83
CA THR A 55 3.56 4.01 -8.85
C THR A 55 4.75 4.93 -9.11
N ALA A 56 5.96 4.40 -8.94
CA ALA A 56 7.17 5.17 -9.16
C ALA A 56 7.73 4.94 -10.56
N ASP A 57 9.01 5.25 -10.73
CA ASP A 57 9.67 5.07 -12.02
C ASP A 57 10.37 3.72 -12.06
N ASP A 58 9.80 2.74 -11.35
CA ASP A 58 10.36 1.38 -11.30
C ASP A 58 11.43 1.27 -10.22
N TRP A 59 11.10 0.57 -9.14
CA TRP A 59 12.05 0.40 -8.05
C TRP A 59 12.21 -1.07 -7.65
N GLU A 60 12.83 -1.84 -8.54
CA GLU A 60 13.08 -3.25 -8.30
C GLU A 60 14.30 -3.45 -7.40
N GLU A 61 14.30 -2.78 -6.25
CA GLU A 61 15.43 -2.88 -5.32
C GLU A 61 14.98 -3.41 -3.96
N GLU A 62 13.91 -2.83 -3.42
CA GLU A 62 13.38 -3.28 -2.13
C GLU A 62 12.48 -4.49 -2.33
N ILE A 63 11.48 -4.35 -3.21
CA ILE A 63 10.57 -5.45 -3.51
C ILE A 63 11.22 -6.40 -4.52
N GLY A 64 12.00 -5.83 -5.44
CA GLY A 64 12.68 -6.63 -6.44
C GLY A 64 11.86 -6.88 -7.69
N VAL A 65 10.56 -7.13 -7.50
CA VAL A 65 9.67 -7.41 -8.63
C VAL A 65 9.66 -6.27 -9.63
N LEU A 66 9.33 -6.59 -10.88
CA LEU A 66 9.27 -5.60 -11.95
C LEU A 66 8.09 -4.65 -11.74
N ILE A 67 8.38 -3.37 -11.59
CA ILE A 67 7.34 -2.37 -11.37
C ILE A 67 6.97 -1.65 -12.67
N ASP A 68 5.79 -1.04 -12.68
CA ASP A 68 5.32 -0.32 -13.85
C ASP A 68 4.46 0.88 -13.42
N PRO A 69 4.90 2.11 -13.76
CA PRO A 69 4.16 3.32 -13.39
C PRO A 69 2.77 3.37 -14.02
N GLU A 70 1.86 4.07 -13.36
CA GLU A 70 0.48 4.20 -13.83
C GLU A 70 -0.25 2.85 -13.75
N GLU A 71 0.21 1.89 -14.54
CA GLU A 71 -0.39 0.55 -14.56
C GLU A 71 -0.52 -0.03 -13.16
N TYR A 72 0.33 0.42 -12.25
CA TYR A 72 0.32 -0.07 -10.87
C TYR A 72 -0.17 1.02 -9.91
N ALA A 73 -0.82 0.59 -8.82
CA ALA A 73 -1.33 1.53 -7.82
C ALA A 73 -0.67 1.27 -6.48
N GLU A 74 -0.05 2.29 -5.90
CA GLU A 74 0.63 2.14 -4.62
C GLU A 74 -0.20 2.72 -3.48
N VAL A 75 -0.12 2.07 -2.33
CA VAL A 75 -0.85 2.50 -1.14
C VAL A 75 0.10 2.49 0.05
N TRP A 76 -0.03 3.50 0.91
CA TRP A 76 0.82 3.60 2.08
C TRP A 76 0.02 3.46 3.36
N VAL A 77 0.51 2.62 4.28
CA VAL A 77 -0.16 2.39 5.55
C VAL A 77 0.80 2.65 6.71
N GLY A 78 0.70 3.84 7.27
CA GLY A 78 1.58 4.21 8.38
C GLY A 78 0.84 4.69 9.61
N LEU A 79 1.31 5.79 10.17
CA LEU A 79 0.70 6.37 11.37
C LEU A 79 0.67 7.89 11.26
N VAL A 80 -0.34 8.42 10.57
CA VAL A 80 -0.49 9.85 10.38
C VAL A 80 -0.72 10.59 11.69
N ASN A 81 -0.83 11.90 11.60
CA ASN A 81 -1.06 12.75 12.77
C ASN A 81 -2.41 13.43 12.68
N GLU A 82 -2.67 14.37 13.59
CA GLU A 82 -3.93 15.10 13.61
C GLU A 82 -4.08 15.98 12.38
N GLN A 83 -2.97 16.23 11.68
CA GLN A 83 -2.99 17.06 10.48
C GLN A 83 -3.04 16.21 9.22
N ASP A 84 -3.61 15.00 9.35
CA ASP A 84 -3.75 14.09 8.22
C ASP A 84 -2.51 14.10 7.32
N GLU A 85 -1.35 13.84 7.91
CA GLU A 85 -0.09 13.81 7.16
C GLU A 85 0.83 12.73 7.70
N MET A 86 0.94 11.63 6.95
CA MET A 86 1.79 10.52 7.35
C MET A 86 3.27 10.88 7.26
N ASP A 87 3.95 10.87 8.39
CA ASP A 87 5.37 11.19 8.44
C ASP A 87 6.19 9.95 8.80
N ASP A 88 5.60 8.78 8.62
CA ASP A 88 6.25 7.51 8.92
C ASP A 88 5.37 6.34 8.49
N VAL A 89 5.73 5.72 7.37
CA VAL A 89 4.95 4.60 6.85
C VAL A 89 5.42 3.26 7.42
N PHE A 90 4.47 2.38 7.68
CA PHE A 90 4.77 1.06 8.22
C PHE A 90 4.99 0.09 7.07
N ALA A 91 4.26 0.31 5.98
CA ALA A 91 4.37 -0.54 4.80
C ALA A 91 3.69 0.11 3.61
N LYS A 92 3.95 -0.40 2.42
CA LYS A 92 3.35 0.11 1.20
C LYS A 92 2.81 -1.04 0.37
N PHE A 93 1.71 -0.82 -0.33
CA PHE A 93 1.12 -1.88 -1.14
C PHE A 93 0.91 -1.43 -2.58
N LEU A 94 1.37 -2.26 -3.51
CA LEU A 94 1.24 -1.97 -4.93
C LEU A 94 0.24 -2.93 -5.57
N ILE A 95 -0.66 -2.42 -6.40
CA ILE A 95 -1.66 -3.26 -7.04
C ILE A 95 -1.87 -2.86 -8.50
N SER A 96 -1.69 -3.83 -9.40
CA SER A 96 -1.86 -3.59 -10.83
C SER A 96 -3.25 -3.00 -11.11
N HIS A 97 -3.38 -2.30 -12.24
CA HIS A 97 -4.64 -1.69 -12.63
C HIS A 97 -5.36 -2.52 -13.70
N ARG A 98 -5.02 -3.81 -13.76
CA ARG A 98 -5.63 -4.71 -14.74
C ARG A 98 -6.92 -5.31 -14.21
N GLU A 99 -7.85 -5.56 -15.11
CA GLU A 99 -9.14 -6.14 -14.75
C GLU A 99 -8.97 -7.59 -14.29
N GLU A 100 -8.49 -8.43 -15.20
CA GLU A 100 -8.28 -9.84 -14.89
C GLU A 100 -6.84 -10.07 -14.42
N ASP A 101 -6.63 -11.18 -13.70
CA ASP A 101 -5.30 -11.52 -13.20
C ASP A 101 -4.61 -10.30 -12.59
N ARG A 102 -4.74 -10.13 -11.28
CA ARG A 102 -4.13 -9.01 -10.58
C ARG A 102 -3.01 -9.47 -9.67
N GLU A 103 -2.04 -8.58 -9.46
CA GLU A 103 -0.89 -8.89 -8.61
C GLU A 103 -0.66 -7.77 -7.59
N PHE A 104 -0.31 -8.16 -6.37
CA PHE A 104 -0.07 -7.18 -5.32
C PHE A 104 1.16 -7.55 -4.48
N HIS A 105 1.92 -6.53 -4.08
CA HIS A 105 3.11 -6.74 -3.26
C HIS A 105 3.17 -5.69 -2.16
N VAL A 106 3.97 -5.94 -1.13
CA VAL A 106 4.08 -5.00 -0.01
C VAL A 106 5.44 -5.03 0.67
N ILE A 107 5.89 -3.85 1.09
CA ILE A 107 7.16 -3.71 1.80
C ILE A 107 6.92 -3.35 3.26
N TRP A 108 7.67 -4.00 4.16
CA TRP A 108 7.53 -3.73 5.58
C TRP A 108 8.84 -3.16 6.16
N LYS A 109 8.69 -2.34 7.19
CA LYS A 109 9.85 -1.72 7.84
C LYS A 109 10.77 -2.78 8.42
N LYS A 110 12.06 -2.45 8.53
CA LYS A 110 13.04 -3.37 9.09
C LYS A 110 13.21 -3.16 10.59
N MET A 4 -8.67 7.73 -28.21
CA MET A 4 -7.34 7.54 -27.60
C MET A 4 -7.42 6.60 -26.40
N THR A 5 -8.34 5.65 -26.45
CA THR A 5 -8.52 4.69 -25.37
C THR A 5 -7.40 3.64 -25.40
N THR A 6 -6.77 3.43 -24.26
CA THR A 6 -5.69 2.46 -24.15
C THR A 6 -6.20 1.10 -23.69
N GLU A 7 -7.44 1.07 -23.19
CA GLU A 7 -8.06 -0.17 -22.71
C GLU A 7 -7.54 -0.55 -21.33
N ILE A 8 -7.00 0.44 -20.62
CA ILE A 8 -6.47 0.21 -19.28
C ILE A 8 -7.03 1.23 -18.29
N LYS A 9 -7.57 0.75 -17.18
CA LYS A 9 -8.14 1.61 -16.17
C LYS A 9 -7.61 1.27 -14.77
N LYS A 10 -7.75 2.21 -13.85
CA LYS A 10 -7.29 2.01 -12.48
C LYS A 10 -8.43 1.58 -11.57
N LEU A 11 -8.16 1.51 -10.27
CA LEU A 11 -9.18 1.12 -9.31
C LEU A 11 -9.69 2.33 -8.53
N ASP A 12 -10.98 2.34 -8.22
CA ASP A 12 -11.58 3.43 -7.47
C ASP A 12 -10.84 3.68 -6.17
N PRO A 13 -10.83 4.93 -5.68
CA PRO A 13 -10.15 5.28 -4.43
C PRO A 13 -10.66 4.47 -3.25
N ASP A 14 -11.98 4.43 -3.07
CA ASP A 14 -12.59 3.68 -1.98
C ASP A 14 -12.51 2.19 -2.22
N THR A 15 -12.36 1.79 -3.48
CA THR A 15 -12.28 0.38 -3.84
C THR A 15 -10.86 -0.16 -3.63
N ALA A 16 -9.86 0.55 -4.14
CA ALA A 16 -8.48 0.12 -4.01
C ALA A 16 -8.04 0.11 -2.55
N ILE A 17 -8.55 1.06 -1.78
CA ILE A 17 -8.21 1.15 -0.36
C ILE A 17 -8.90 0.04 0.43
N ASP A 18 -10.23 -0.01 0.34
CA ASP A 18 -11.00 -1.03 1.05
C ASP A 18 -10.38 -2.42 0.92
N ILE A 19 -10.04 -2.81 -0.30
CA ILE A 19 -9.42 -4.11 -0.54
C ILE A 19 -8.04 -4.19 0.09
N ALA A 20 -7.24 -3.15 -0.10
CA ALA A 20 -5.89 -3.12 0.47
C ALA A 20 -5.97 -3.14 2.00
N TYR A 21 -6.97 -2.46 2.53
CA TYR A 21 -7.18 -2.40 3.97
C TYR A 21 -7.33 -3.81 4.53
N ASP A 22 -7.98 -4.68 3.75
CA ASP A 22 -8.19 -6.06 4.16
C ASP A 22 -6.88 -6.85 4.09
N ILE A 23 -5.98 -6.42 3.20
CA ILE A 23 -4.69 -7.09 3.04
C ILE A 23 -3.76 -6.78 4.21
N PHE A 24 -3.88 -5.58 4.76
CA PHE A 24 -3.06 -5.16 5.90
C PHE A 24 -3.59 -5.78 7.19
N LEU A 25 -4.88 -6.11 7.18
CA LEU A 25 -5.54 -6.69 8.34
C LEU A 25 -5.24 -8.19 8.44
N GLU A 26 -5.10 -8.83 7.29
CA GLU A 26 -4.84 -10.26 7.23
C GLU A 26 -3.35 -10.58 7.09
N MET A 27 -2.62 -9.73 6.37
CA MET A 27 -1.19 -9.95 6.15
C MET A 27 -0.37 -9.43 7.33
N ALA A 28 -0.61 -8.19 7.72
CA ALA A 28 0.11 -7.58 8.83
C ALA A 28 0.02 -8.42 10.09
N GLY A 29 1.12 -8.55 10.81
CA GLY A 29 1.14 -9.34 12.02
C GLY A 29 2.03 -10.56 11.92
N GLU A 30 2.97 -10.54 10.98
CA GLU A 30 3.88 -11.66 10.78
C GLU A 30 5.13 -11.23 10.01
N ASN A 31 4.93 -10.42 8.97
CA ASN A 31 6.04 -9.94 8.16
C ASN A 31 6.80 -8.83 8.87
N LEU A 32 6.10 -7.76 9.23
CA LEU A 32 6.71 -6.63 9.91
C LEU A 32 7.22 -7.03 11.29
N ASP A 33 7.89 -6.11 11.98
CA ASP A 33 8.42 -6.38 13.31
C ASP A 33 7.30 -6.36 14.36
N PRO A 34 7.48 -7.09 15.48
CA PRO A 34 6.50 -7.16 16.56
C PRO A 34 6.10 -5.79 17.11
N ALA A 35 7.09 -5.05 17.60
CA ALA A 35 6.84 -3.72 18.17
C ALA A 35 5.90 -2.90 17.29
N ASP A 36 6.17 -2.90 15.99
CA ASP A 36 5.36 -2.16 15.03
C ASP A 36 3.92 -2.67 15.01
N ILE A 37 3.75 -3.95 15.34
CA ILE A 37 2.43 -4.56 15.36
C ILE A 37 1.59 -3.99 16.50
N LEU A 38 2.18 -3.95 17.68
CA LEU A 38 1.49 -3.41 18.86
C LEU A 38 1.05 -1.97 18.63
N LEU A 39 2.02 -1.09 18.40
CA LEU A 39 1.74 0.33 18.15
C LEU A 39 0.58 0.50 17.18
N PHE A 40 0.61 -0.27 16.10
CA PHE A 40 -0.45 -0.23 15.08
C PHE A 40 -1.80 -0.58 15.70
N ASN A 41 -1.79 -1.50 16.66
CA ASN A 41 -3.01 -1.93 17.32
C ASN A 41 -3.57 -0.82 18.20
N LEU A 42 -2.74 -0.28 19.08
CA LEU A 42 -3.16 0.79 19.97
C LEU A 42 -3.51 2.06 19.20
N GLN A 43 -2.70 2.37 18.20
CA GLN A 43 -2.92 3.56 17.38
C GLN A 43 -3.93 3.25 16.27
N PHE A 44 -3.65 3.72 15.05
CA PHE A 44 -4.55 3.49 13.91
C PHE A 44 -5.81 4.35 14.03
N GLU A 45 -6.55 4.16 15.13
CA GLU A 45 -7.78 4.92 15.35
C GLU A 45 -7.47 6.40 15.49
N GLU A 46 -6.40 6.72 16.23
CA GLU A 46 -5.99 8.10 16.43
C GLU A 46 -5.07 8.57 15.32
N ARG A 47 -4.05 7.77 15.01
CA ARG A 47 -3.09 8.10 13.96
C ARG A 47 -3.15 7.08 12.83
N GLY A 48 -4.28 7.05 12.13
CA GLY A 48 -4.44 6.11 11.03
C GLY A 48 -3.88 6.65 9.73
N GLY A 49 -3.12 5.83 9.02
CA GLY A 49 -2.55 6.25 7.76
C GLY A 49 -2.74 5.23 6.66
N VAL A 50 -3.50 5.60 5.64
CA VAL A 50 -3.76 4.70 4.51
C VAL A 50 -4.01 5.51 3.24
N GLU A 51 -2.96 6.18 2.75
CA GLU A 51 -3.08 7.00 1.55
C GLU A 51 -2.91 6.17 0.28
N PHE A 52 -3.76 6.42 -0.70
CA PHE A 52 -3.70 5.72 -1.98
C PHE A 52 -2.81 6.48 -2.95
N VAL A 53 -1.53 6.16 -2.94
CA VAL A 53 -0.57 6.82 -3.82
C VAL A 53 -0.44 6.10 -5.16
N GLU A 54 0.31 6.69 -6.08
CA GLU A 54 0.51 6.11 -7.40
C GLU A 54 1.79 5.27 -7.43
N THR A 55 2.14 4.79 -8.61
CA THR A 55 3.34 3.98 -8.79
C THR A 55 4.56 4.84 -9.10
N ALA A 56 5.74 4.23 -8.98
CA ALA A 56 6.99 4.94 -9.25
C ALA A 56 7.79 4.22 -10.33
N ASP A 57 8.77 4.92 -10.89
CA ASP A 57 9.62 4.34 -11.93
C ASP A 57 10.83 3.66 -11.33
N ASP A 58 11.30 4.18 -10.19
CA ASP A 58 12.46 3.62 -9.51
C ASP A 58 12.03 2.65 -8.42
N TRP A 59 11.04 1.82 -8.73
CA TRP A 59 10.54 0.84 -7.77
C TRP A 59 11.60 -0.22 -7.47
N GLU A 60 12.47 -0.46 -8.45
CA GLU A 60 13.54 -1.45 -8.31
C GLU A 60 14.48 -1.11 -7.15
N GLU A 61 13.96 -1.19 -5.93
CA GLU A 61 14.74 -0.89 -4.74
C GLU A 61 14.14 -1.59 -3.52
N GLU A 62 12.85 -1.36 -3.28
CA GLU A 62 12.16 -1.96 -2.15
C GLU A 62 11.76 -3.40 -2.45
N ILE A 63 10.81 -3.56 -3.39
CA ILE A 63 10.35 -4.88 -3.77
C ILE A 63 11.40 -5.63 -4.58
N GLY A 64 12.17 -4.89 -5.36
CA GLY A 64 13.21 -5.51 -6.18
C GLY A 64 12.74 -5.84 -7.57
N VAL A 65 12.11 -4.87 -8.24
CA VAL A 65 11.62 -5.07 -9.60
C VAL A 65 10.93 -3.82 -10.13
N LEU A 66 11.29 -3.42 -11.33
CA LEU A 66 10.71 -2.25 -11.96
C LEU A 66 9.23 -2.46 -12.24
N ILE A 67 8.42 -1.46 -11.93
CA ILE A 67 6.97 -1.53 -12.14
C ILE A 67 6.50 -0.42 -13.08
N ASP A 68 5.48 -0.72 -13.87
CA ASP A 68 4.92 0.25 -14.80
C ASP A 68 4.14 1.33 -14.05
N PRO A 69 4.67 2.56 -14.01
CA PRO A 69 4.01 3.67 -13.32
C PRO A 69 2.66 4.01 -13.95
N GLU A 70 1.76 4.57 -13.14
CA GLU A 70 0.43 4.95 -13.61
C GLU A 70 -0.36 3.71 -14.07
N GLU A 71 0.19 2.52 -13.85
CA GLU A 71 -0.47 1.29 -14.24
C GLU A 71 -0.54 0.30 -13.07
N TYR A 72 -0.35 0.83 -11.86
CA TYR A 72 -0.40 -0.01 -10.66
C TYR A 72 -0.86 0.80 -9.46
N ALA A 73 -1.66 0.16 -8.60
CA ALA A 73 -2.17 0.83 -7.41
C ALA A 73 -1.21 0.65 -6.24
N GLU A 74 -0.65 1.75 -5.76
CA GLU A 74 0.28 1.71 -4.64
C GLU A 74 -0.34 2.32 -3.40
N VAL A 75 -0.72 1.46 -2.47
CA VAL A 75 -1.34 1.91 -1.21
C VAL A 75 -0.29 1.95 -0.11
N TRP A 76 -0.31 3.03 0.67
CA TRP A 76 0.64 3.20 1.75
C TRP A 76 -0.06 3.21 3.10
N VAL A 77 -0.22 2.05 3.71
CA VAL A 77 -0.88 1.95 5.01
C VAL A 77 0.13 2.09 6.14
N GLY A 78 0.21 3.29 6.70
CA GLY A 78 1.15 3.55 7.77
C GLY A 78 0.51 4.23 8.97
N LEU A 79 1.17 5.28 9.45
CA LEU A 79 0.67 6.04 10.61
C LEU A 79 0.89 7.53 10.40
N VAL A 80 -0.20 8.27 10.18
CA VAL A 80 -0.13 9.70 9.96
C VAL A 80 -0.39 10.47 11.24
N ASN A 81 0.25 11.64 11.37
CA ASN A 81 0.08 12.49 12.54
C ASN A 81 -1.05 13.49 12.33
N GLU A 82 -1.08 14.53 13.18
CA GLU A 82 -2.11 15.55 13.09
C GLU A 82 -1.91 16.43 11.86
N GLN A 83 -0.67 16.54 11.40
CA GLN A 83 -0.35 17.35 10.24
C GLN A 83 -0.83 16.69 8.94
N ASP A 84 -1.32 15.46 9.04
CA ASP A 84 -1.81 14.73 7.88
C ASP A 84 -0.68 14.39 6.90
N GLU A 85 0.52 14.22 7.44
CA GLU A 85 1.68 13.88 6.62
C GLU A 85 2.06 12.42 6.79
N MET A 86 2.57 11.81 5.72
CA MET A 86 2.96 10.41 5.75
C MET A 86 4.48 10.26 5.66
N ASP A 87 5.15 10.35 6.80
CA ASP A 87 6.61 10.21 6.84
C ASP A 87 7.01 8.90 7.51
N ASP A 88 6.05 8.01 7.70
CA ASP A 88 6.32 6.71 8.34
C ASP A 88 5.29 5.67 7.89
N VAL A 89 5.63 4.95 6.83
CA VAL A 89 4.74 3.91 6.31
C VAL A 89 5.03 2.57 6.97
N PHE A 90 3.98 1.77 7.13
CA PHE A 90 4.11 0.45 7.75
C PHE A 90 4.23 -0.63 6.68
N ALA A 91 3.31 -0.61 5.72
CA ALA A 91 3.32 -1.61 4.65
C ALA A 91 2.69 -1.05 3.38
N LYS A 92 3.47 -1.04 2.30
CA LYS A 92 2.99 -0.54 1.02
C LYS A 92 2.66 -1.70 0.09
N PHE A 93 1.48 -1.66 -0.54
CA PHE A 93 1.06 -2.73 -1.44
C PHE A 93 1.00 -2.25 -2.89
N LEU A 94 1.18 -3.19 -3.82
CA LEU A 94 1.13 -2.90 -5.25
C LEU A 94 0.34 -3.97 -6.00
N ILE A 95 -0.85 -3.60 -6.47
CA ILE A 95 -1.71 -4.55 -7.19
C ILE A 95 -1.91 -4.11 -8.64
N SER A 96 -1.84 -5.08 -9.55
CA SER A 96 -2.01 -4.82 -10.98
C SER A 96 -3.47 -4.51 -11.34
N HIS A 97 -3.81 -3.22 -11.35
CA HIS A 97 -5.16 -2.76 -11.66
C HIS A 97 -5.86 -3.68 -12.67
N ARG A 98 -5.16 -3.97 -13.77
CA ARG A 98 -5.70 -4.83 -14.82
C ARG A 98 -6.47 -6.02 -14.27
N GLU A 99 -7.55 -6.39 -14.96
CA GLU A 99 -8.39 -7.51 -14.54
C GLU A 99 -7.66 -8.84 -14.76
N GLU A 100 -7.12 -9.01 -15.96
CA GLU A 100 -6.39 -10.23 -16.29
C GLU A 100 -5.05 -10.27 -15.56
N ASP A 101 -4.63 -11.46 -15.16
CA ASP A 101 -3.38 -11.62 -14.44
C ASP A 101 -3.39 -10.77 -13.17
N ARG A 102 -3.35 -11.44 -12.02
CA ARG A 102 -3.35 -10.74 -10.74
C ARG A 102 -1.99 -10.85 -10.06
N GLU A 103 -1.31 -9.72 -9.93
CA GLU A 103 0.00 -9.70 -9.29
C GLU A 103 0.05 -8.63 -8.20
N PHE A 104 -0.03 -9.08 -6.96
CA PHE A 104 0.01 -8.17 -5.81
C PHE A 104 1.30 -8.36 -5.02
N HIS A 105 1.80 -7.27 -4.46
CA HIS A 105 3.02 -7.32 -3.66
C HIS A 105 2.94 -6.34 -2.51
N VAL A 106 3.80 -6.54 -1.50
CA VAL A 106 3.81 -5.66 -0.34
C VAL A 106 5.17 -5.60 0.34
N ILE A 107 5.54 -4.42 0.80
CA ILE A 107 6.81 -4.23 1.51
C ILE A 107 6.55 -3.93 2.98
N TRP A 108 7.27 -4.62 3.86
CA TRP A 108 7.10 -4.42 5.29
C TRP A 108 8.33 -3.76 5.91
N LYS A 109 9.36 -4.56 6.20
CA LYS A 109 10.57 -4.03 6.79
C LYS A 109 11.75 -4.98 6.57
N LYS A 110 12.92 -4.41 6.28
CA LYS A 110 14.12 -5.19 6.04
C LYS A 110 14.89 -5.43 7.34
N MET A 4 -6.81 8.68 -29.30
CA MET A 4 -7.90 8.51 -28.31
C MET A 4 -8.04 7.04 -27.90
N THR A 5 -9.07 6.75 -27.11
CA THR A 5 -9.33 5.39 -26.65
C THR A 5 -8.17 4.89 -25.79
N THR A 6 -8.49 4.51 -24.56
CA THR A 6 -7.49 4.00 -23.62
C THR A 6 -7.49 2.49 -23.59
N GLU A 7 -6.31 1.88 -23.72
CA GLU A 7 -6.18 0.44 -23.69
C GLU A 7 -6.70 -0.14 -22.38
N ILE A 8 -6.07 0.27 -21.28
CA ILE A 8 -6.46 -0.21 -19.96
C ILE A 8 -6.80 0.96 -19.04
N LYS A 9 -7.81 0.78 -18.20
CA LYS A 9 -8.23 1.81 -17.27
C LYS A 9 -7.68 1.56 -15.88
N LYS A 10 -7.92 2.49 -14.97
CA LYS A 10 -7.44 2.36 -13.59
C LYS A 10 -8.60 2.09 -12.63
N LEU A 11 -8.41 1.12 -11.74
CA LEU A 11 -9.44 0.75 -10.78
C LEU A 11 -9.80 1.95 -9.89
N ASP A 12 -11.07 2.00 -9.47
CA ASP A 12 -11.58 3.08 -8.63
C ASP A 12 -10.63 3.40 -7.48
N PRO A 13 -10.44 4.69 -7.15
CA PRO A 13 -9.55 5.11 -6.06
C PRO A 13 -9.99 4.54 -4.71
N ASP A 14 -11.21 4.85 -4.31
CA ASP A 14 -11.75 4.38 -3.04
C ASP A 14 -11.86 2.86 -3.03
N THR A 15 -12.11 2.28 -4.21
CA THR A 15 -12.24 0.83 -4.33
C THR A 15 -10.96 0.13 -3.87
N ALA A 16 -9.84 0.51 -4.47
CA ALA A 16 -8.55 -0.08 -4.13
C ALA A 16 -8.24 0.12 -2.65
N ILE A 17 -8.31 1.36 -2.19
CA ILE A 17 -8.04 1.69 -0.80
C ILE A 17 -8.76 0.72 0.15
N ASP A 18 -9.98 0.36 -0.22
CA ASP A 18 -10.77 -0.57 0.59
C ASP A 18 -10.13 -1.95 0.60
N ILE A 19 -9.74 -2.44 -0.57
CA ILE A 19 -9.11 -3.75 -0.70
C ILE A 19 -7.81 -3.79 0.10
N ALA A 20 -6.85 -2.96 -0.29
CA ALA A 20 -5.56 -2.92 0.39
C ALA A 20 -5.74 -2.85 1.90
N TYR A 21 -6.75 -2.11 2.34
CA TYR A 21 -7.04 -1.99 3.77
C TYR A 21 -7.21 -3.37 4.39
N ASP A 22 -8.09 -4.16 3.79
CA ASP A 22 -8.34 -5.51 4.28
C ASP A 22 -7.09 -6.37 4.17
N ILE A 23 -6.17 -5.96 3.30
CA ILE A 23 -4.92 -6.69 3.10
C ILE A 23 -3.95 -6.42 4.24
N PHE A 24 -4.01 -5.23 4.81
CA PHE A 24 -3.13 -4.85 5.92
C PHE A 24 -3.62 -5.51 7.21
N LEU A 25 -4.93 -5.74 7.28
CA LEU A 25 -5.54 -6.36 8.45
C LEU A 25 -5.31 -7.87 8.47
N GLU A 26 -5.26 -8.46 7.29
CA GLU A 26 -5.06 -9.91 7.17
C GLU A 26 -3.59 -10.27 6.96
N MET A 27 -2.88 -9.47 6.17
CA MET A 27 -1.47 -9.74 5.90
C MET A 27 -0.60 -9.41 7.11
N ALA A 28 -0.77 -8.20 7.65
CA ALA A 28 0.00 -7.77 8.81
C ALA A 28 -0.03 -8.82 9.92
N GLY A 29 1.07 -8.93 10.65
CA GLY A 29 1.15 -9.89 11.74
C GLY A 29 1.74 -11.21 11.29
N GLU A 30 2.61 -11.17 10.30
CA GLU A 30 3.26 -12.37 9.77
C GLU A 30 4.63 -12.05 9.17
N ASN A 31 4.75 -10.88 8.56
CA ASN A 31 6.01 -10.46 7.95
C ASN A 31 6.53 -9.16 8.56
N LEU A 32 5.61 -8.32 9.01
CA LEU A 32 5.98 -7.04 9.61
C LEU A 32 6.65 -7.25 10.97
N ASP A 33 7.66 -6.44 11.24
CA ASP A 33 8.42 -6.54 12.49
C ASP A 33 7.51 -6.36 13.71
N PRO A 34 7.74 -7.16 14.77
CA PRO A 34 6.95 -7.10 16.01
C PRO A 34 6.77 -5.68 16.53
N ALA A 35 7.89 -4.98 16.74
CA ALA A 35 7.84 -3.61 17.23
C ALA A 35 6.86 -2.77 16.42
N ASP A 36 6.88 -2.98 15.11
CA ASP A 36 5.99 -2.26 14.20
C ASP A 36 4.54 -2.67 14.45
N ILE A 37 4.34 -3.91 14.91
CA ILE A 37 3.01 -4.41 15.19
C ILE A 37 2.38 -3.65 16.36
N LEU A 38 3.12 -3.59 17.47
CA LEU A 38 2.65 -2.89 18.66
C LEU A 38 2.29 -1.44 18.35
N LEU A 39 3.25 -0.69 17.79
CA LEU A 39 3.03 0.71 17.46
C LEU A 39 1.74 0.90 16.66
N PHE A 40 1.47 -0.04 15.75
CA PHE A 40 0.27 0.02 14.92
C PHE A 40 -0.95 -0.52 15.68
N ASN A 41 -0.74 -1.54 16.49
CA ASN A 41 -1.83 -2.16 17.25
C ASN A 41 -2.21 -1.33 18.47
N LEU A 42 -1.28 -0.54 18.97
CA LEU A 42 -1.52 0.28 20.14
C LEU A 42 -2.16 1.62 19.78
N GLN A 43 -1.91 2.10 18.57
CA GLN A 43 -2.48 3.37 18.13
C GLN A 43 -2.70 3.39 16.62
N PHE A 44 -3.92 3.07 16.20
CA PHE A 44 -4.29 3.07 14.79
C PHE A 44 -5.60 3.84 14.58
N GLU A 45 -6.53 3.65 15.51
CA GLU A 45 -7.82 4.33 15.44
C GLU A 45 -7.64 5.83 15.31
N GLU A 46 -7.14 6.47 16.37
CA GLU A 46 -6.92 7.90 16.38
C GLU A 46 -5.91 8.32 15.32
N ARG A 47 -4.86 7.51 15.16
CA ARG A 47 -3.81 7.80 14.18
C ARG A 47 -3.83 6.76 13.05
N GLY A 48 -4.94 6.69 12.32
CA GLY A 48 -5.04 5.74 11.24
C GLY A 48 -4.98 6.42 9.89
N GLY A 49 -4.18 5.86 8.99
CA GLY A 49 -4.04 6.44 7.66
C GLY A 49 -3.74 5.40 6.60
N VAL A 50 -4.32 5.60 5.42
CA VAL A 50 -4.11 4.69 4.29
C VAL A 50 -4.13 5.49 2.99
N GLU A 51 -3.00 6.12 2.67
CA GLU A 51 -2.89 6.93 1.46
C GLU A 51 -2.74 6.08 0.22
N PHE A 52 -3.39 6.50 -0.85
CA PHE A 52 -3.33 5.80 -2.12
C PHE A 52 -2.41 6.53 -3.09
N VAL A 53 -1.12 6.19 -3.04
CA VAL A 53 -0.14 6.83 -3.91
C VAL A 53 0.01 6.06 -5.22
N GLU A 54 0.79 6.62 -6.13
CA GLU A 54 1.01 6.00 -7.43
C GLU A 54 2.35 5.28 -7.46
N THR A 55 2.62 4.60 -8.57
CA THR A 55 3.88 3.87 -8.72
C THR A 55 5.07 4.82 -8.63
N ALA A 56 6.22 4.28 -8.22
CA ALA A 56 7.43 5.07 -8.11
C ALA A 56 8.01 5.37 -9.48
N ASP A 57 9.34 5.49 -9.56
CA ASP A 57 9.99 5.76 -10.83
C ASP A 57 10.33 4.46 -11.54
N ASP A 58 10.74 3.46 -10.77
CA ASP A 58 11.09 2.16 -11.31
C ASP A 58 10.85 1.04 -10.29
N TRP A 59 11.08 1.34 -9.02
CA TRP A 59 10.89 0.38 -7.94
C TRP A 59 11.95 -0.73 -7.97
N GLU A 60 12.90 -0.62 -8.92
CA GLU A 60 13.95 -1.63 -9.05
C GLU A 60 15.00 -1.47 -7.94
N GLU A 61 14.55 -1.59 -6.70
CA GLU A 61 15.45 -1.46 -5.55
C GLU A 61 14.83 -2.09 -4.31
N GLU A 62 13.58 -1.74 -4.03
CA GLU A 62 12.86 -2.26 -2.87
C GLU A 62 12.40 -3.69 -3.11
N ILE A 63 11.37 -3.84 -3.94
CA ILE A 63 10.83 -5.17 -4.24
C ILE A 63 11.73 -5.93 -5.19
N GLY A 64 12.37 -5.21 -6.11
CA GLY A 64 13.26 -5.85 -7.07
C GLY A 64 12.53 -6.45 -8.24
N VAL A 65 12.15 -5.60 -9.20
CA VAL A 65 11.44 -6.05 -10.41
C VAL A 65 10.90 -4.86 -11.18
N LEU A 66 10.83 -5.00 -12.50
CA LEU A 66 10.33 -3.93 -13.35
C LEU A 66 8.84 -3.74 -13.17
N ILE A 67 8.43 -2.54 -12.76
CA ILE A 67 7.02 -2.23 -12.54
C ILE A 67 6.58 -1.03 -13.37
N ASP A 68 5.71 -1.29 -14.34
CA ASP A 68 5.21 -0.23 -15.20
C ASP A 68 4.36 0.76 -14.41
N PRO A 69 4.80 2.02 -14.30
CA PRO A 69 4.06 3.06 -13.56
C PRO A 69 2.69 3.31 -14.17
N GLU A 70 1.74 3.73 -13.32
CA GLU A 70 0.38 4.01 -13.76
C GLU A 70 -0.41 2.71 -13.95
N GLU A 71 0.28 1.63 -14.31
CA GLU A 71 -0.34 0.34 -14.53
C GLU A 71 -0.45 -0.45 -13.23
N TYR A 72 -0.09 0.18 -12.11
CA TYR A 72 -0.14 -0.48 -10.81
C TYR A 72 -0.61 0.47 -9.71
N ALA A 73 -1.24 -0.09 -8.69
CA ALA A 73 -1.74 0.69 -7.57
C ALA A 73 -0.79 0.63 -6.39
N GLU A 74 -0.47 1.78 -5.82
CA GLU A 74 0.44 1.86 -4.68
C GLU A 74 -0.28 2.38 -3.45
N VAL A 75 -0.49 1.51 -2.47
CA VAL A 75 -1.19 1.90 -1.25
C VAL A 75 -0.24 1.83 -0.05
N TRP A 76 -0.30 2.85 0.79
CA TRP A 76 0.55 2.92 1.98
C TRP A 76 -0.31 2.95 3.23
N VAL A 77 0.08 2.17 4.24
CA VAL A 77 -0.66 2.13 5.49
C VAL A 77 0.27 2.18 6.70
N GLY A 78 0.24 3.31 7.39
CA GLY A 78 1.09 3.50 8.55
C GLY A 78 0.38 4.19 9.69
N LEU A 79 0.85 5.39 10.03
CA LEU A 79 0.28 6.18 11.11
C LEU A 79 0.46 7.66 10.80
N VAL A 80 -0.40 8.51 11.37
CA VAL A 80 -0.31 9.95 11.13
C VAL A 80 -0.60 10.74 12.40
N ASN A 81 -0.57 12.06 12.28
CA ASN A 81 -0.84 12.94 13.42
C ASN A 81 -2.06 13.81 13.16
N GLU A 82 -2.34 14.74 14.06
CA GLU A 82 -3.48 15.62 13.93
C GLU A 82 -3.31 16.58 12.75
N GLN A 83 -2.06 16.86 12.41
CA GLN A 83 -1.75 17.76 11.29
C GLN A 83 -1.90 17.05 9.94
N ASP A 84 -2.08 15.74 9.98
CA ASP A 84 -2.23 14.94 8.76
C ASP A 84 -0.93 14.88 7.97
N GLU A 85 -0.11 13.89 8.28
CA GLU A 85 1.17 13.70 7.61
C GLU A 85 1.48 12.22 7.44
N MET A 86 2.16 11.86 6.36
CA MET A 86 2.50 10.48 6.09
C MET A 86 4.02 10.30 5.98
N ASP A 87 4.68 10.22 7.13
CA ASP A 87 6.13 10.05 7.16
C ASP A 87 6.52 8.75 7.86
N ASP A 88 5.53 8.05 8.40
CA ASP A 88 5.79 6.79 9.10
C ASP A 88 4.90 5.69 8.55
N VAL A 89 5.34 5.06 7.47
CA VAL A 89 4.60 3.99 6.83
C VAL A 89 4.98 2.63 7.43
N PHE A 90 3.98 1.84 7.79
CA PHE A 90 4.20 0.53 8.37
C PHE A 90 4.30 -0.54 7.29
N ALA A 91 3.49 -0.37 6.25
CA ALA A 91 3.46 -1.30 5.14
C ALA A 91 3.20 -0.55 3.84
N LYS A 92 3.50 -1.18 2.72
CA LYS A 92 3.29 -0.57 1.41
C LYS A 92 2.92 -1.69 0.44
N PHE A 93 1.85 -1.52 -0.33
CA PHE A 93 1.43 -2.56 -1.26
C PHE A 93 1.42 -2.10 -2.71
N LEU A 94 1.69 -3.05 -3.60
CA LEU A 94 1.67 -2.80 -5.04
C LEU A 94 0.81 -3.87 -5.70
N ILE A 95 -0.27 -3.46 -6.35
CA ILE A 95 -1.18 -4.42 -6.98
C ILE A 95 -1.47 -4.07 -8.42
N SER A 96 -1.68 -5.11 -9.23
CA SER A 96 -1.99 -4.95 -10.64
C SER A 96 -3.47 -4.63 -10.83
N HIS A 97 -3.74 -3.49 -11.46
CA HIS A 97 -5.11 -3.05 -11.71
C HIS A 97 -5.91 -4.08 -12.52
N ARG A 98 -5.19 -5.02 -13.15
CA ARG A 98 -5.84 -6.06 -13.96
C ARG A 98 -6.94 -6.77 -13.17
N GLU A 99 -7.56 -7.77 -13.80
CA GLU A 99 -8.64 -8.52 -13.15
C GLU A 99 -8.35 -10.01 -13.14
N GLU A 100 -8.12 -10.58 -14.32
CA GLU A 100 -7.84 -12.01 -14.45
C GLU A 100 -6.41 -12.35 -14.08
N ASP A 101 -5.68 -11.33 -13.72
CA ASP A 101 -4.29 -11.46 -13.33
C ASP A 101 -3.88 -10.29 -12.46
N ARG A 102 -3.75 -10.53 -11.15
CA ARG A 102 -3.37 -9.46 -10.22
C ARG A 102 -2.21 -9.91 -9.34
N GLU A 103 -1.10 -9.20 -9.44
CA GLU A 103 0.07 -9.49 -8.63
C GLU A 103 0.21 -8.47 -7.51
N PHE A 104 0.34 -8.95 -6.29
CA PHE A 104 0.48 -8.07 -5.13
C PHE A 104 1.81 -8.27 -4.42
N HIS A 105 2.42 -7.18 -4.00
CA HIS A 105 3.71 -7.24 -3.30
C HIS A 105 3.84 -6.11 -2.28
N VAL A 106 3.62 -6.45 -1.02
CA VAL A 106 3.69 -5.47 0.06
C VAL A 106 5.02 -5.53 0.80
N ILE A 107 5.50 -4.37 1.24
CA ILE A 107 6.75 -4.29 1.98
C ILE A 107 6.53 -3.69 3.36
N TRP A 108 7.07 -4.36 4.39
CA TRP A 108 6.93 -3.90 5.77
C TRP A 108 8.23 -3.28 6.27
N LYS A 109 8.12 -2.37 7.24
CA LYS A 109 9.29 -1.70 7.81
C LYS A 109 10.28 -2.73 8.37
N LYS A 110 11.52 -2.30 8.54
CA LYS A 110 12.56 -3.17 9.07
C LYS A 110 13.26 -2.54 10.26
N MET A 4 -6.88 1.16 -31.72
CA MET A 4 -6.27 2.31 -31.01
C MET A 4 -7.23 2.93 -30.01
N THR A 5 -8.51 2.58 -30.11
CA THR A 5 -9.53 3.11 -29.21
C THR A 5 -9.64 2.23 -27.96
N THR A 6 -8.55 1.53 -27.63
CA THR A 6 -8.53 0.66 -26.47
C THR A 6 -8.03 1.40 -25.24
N GLU A 7 -8.61 1.09 -24.08
CA GLU A 7 -8.21 1.74 -22.84
C GLU A 7 -8.14 0.72 -21.70
N ILE A 8 -7.35 1.05 -20.68
CA ILE A 8 -7.18 0.17 -19.52
C ILE A 8 -8.15 0.55 -18.40
N LYS A 9 -8.45 -0.41 -17.53
CA LYS A 9 -9.35 -0.17 -16.41
C LYS A 9 -8.58 0.30 -15.18
N LYS A 10 -8.85 1.53 -14.76
CA LYS A 10 -8.18 2.10 -13.60
C LYS A 10 -8.95 1.80 -12.31
N LEU A 11 -8.45 2.33 -11.20
CA LEU A 11 -9.08 2.11 -9.90
C LEU A 11 -9.27 3.44 -9.16
N ASP A 12 -10.32 3.53 -8.36
CA ASP A 12 -10.61 4.74 -7.61
C ASP A 12 -9.76 4.84 -6.34
N PRO A 13 -9.16 6.02 -6.07
CA PRO A 13 -8.32 6.22 -4.89
C PRO A 13 -8.96 5.66 -3.62
N ASP A 14 -10.25 5.89 -3.47
CA ASP A 14 -10.97 5.40 -2.30
C ASP A 14 -11.07 3.88 -2.32
N THR A 15 -11.04 3.30 -3.52
CA THR A 15 -11.11 1.85 -3.68
C THR A 15 -9.77 1.20 -3.35
N ALA A 16 -8.68 1.87 -3.72
CA ALA A 16 -7.35 1.34 -3.46
C ALA A 16 -7.07 1.29 -1.96
N ILE A 17 -7.42 2.36 -1.26
CA ILE A 17 -7.21 2.44 0.18
C ILE A 17 -8.08 1.41 0.91
N ASP A 18 -9.33 1.29 0.48
CA ASP A 18 -10.26 0.36 1.09
C ASP A 18 -9.74 -1.08 1.00
N ILE A 19 -9.45 -1.52 -0.22
CA ILE A 19 -8.94 -2.87 -0.44
C ILE A 19 -7.57 -3.05 0.23
N ALA A 20 -6.71 -2.05 0.09
CA ALA A 20 -5.38 -2.11 0.69
C ALA A 20 -5.49 -2.26 2.20
N TYR A 21 -6.46 -1.55 2.79
CA TYR A 21 -6.68 -1.62 4.23
C TYR A 21 -6.95 -3.06 4.65
N ASP A 22 -7.84 -3.72 3.92
CA ASP A 22 -8.18 -5.10 4.21
C ASP A 22 -6.93 -5.98 4.22
N ILE A 23 -5.98 -5.65 3.35
CA ILE A 23 -4.74 -6.41 3.27
C ILE A 23 -3.97 -6.30 4.57
N PHE A 24 -3.37 -5.14 4.83
CA PHE A 24 -2.61 -4.91 6.05
C PHE A 24 -3.32 -5.49 7.28
N LEU A 25 -4.64 -5.53 7.22
CA LEU A 25 -5.45 -6.06 8.31
C LEU A 25 -5.19 -7.55 8.53
N GLU A 26 -5.15 -8.32 7.44
CA GLU A 26 -4.93 -9.76 7.53
C GLU A 26 -3.50 -10.15 7.15
N MET A 27 -2.88 -9.36 6.27
CA MET A 27 -1.52 -9.64 5.82
C MET A 27 -0.50 -9.35 6.93
N ALA A 28 -0.55 -8.15 7.48
CA ALA A 28 0.36 -7.75 8.54
C ALA A 28 0.33 -8.74 9.70
N GLY A 29 1.50 -9.07 10.23
CA GLY A 29 1.59 -10.00 11.34
C GLY A 29 2.98 -10.57 11.54
N GLU A 30 3.28 -11.64 10.82
CA GLU A 30 4.59 -12.29 10.92
C GLU A 30 5.58 -11.74 9.88
N ASN A 31 5.16 -10.74 9.11
CA ASN A 31 6.01 -10.14 8.10
C ASN A 31 6.78 -8.95 8.65
N LEU A 32 6.09 -8.11 9.42
CA LEU A 32 6.71 -6.93 10.01
C LEU A 32 7.14 -7.20 11.45
N ASP A 33 8.14 -6.46 11.91
CA ASP A 33 8.64 -6.62 13.27
C ASP A 33 7.49 -6.61 14.29
N PRO A 34 7.65 -7.32 15.42
CA PRO A 34 6.63 -7.39 16.45
C PRO A 34 6.19 -6.01 16.93
N ALA A 35 7.06 -5.02 16.79
CA ALA A 35 6.76 -3.66 17.21
C ALA A 35 5.44 -3.16 16.60
N ASP A 36 5.39 -3.12 15.27
CA ASP A 36 4.21 -2.64 14.57
C ASP A 36 2.98 -3.48 14.94
N ILE A 37 3.20 -4.75 15.28
CA ILE A 37 2.10 -5.63 15.65
C ILE A 37 1.39 -5.08 16.89
N LEU A 38 2.18 -4.72 17.90
CA LEU A 38 1.63 -4.17 19.13
C LEU A 38 1.04 -2.79 18.89
N LEU A 39 1.80 -1.94 18.19
CA LEU A 39 1.33 -0.59 17.88
C LEU A 39 0.05 -0.64 17.04
N PHE A 40 0.14 -1.29 15.89
CA PHE A 40 -1.00 -1.43 14.97
C PHE A 40 -2.29 -1.76 15.75
N ASN A 41 -2.13 -2.46 16.87
CA ASN A 41 -3.28 -2.83 17.69
C ASN A 41 -3.78 -1.64 18.51
N LEU A 42 -2.88 -0.98 19.22
CA LEU A 42 -3.24 0.17 20.05
C LEU A 42 -3.31 1.44 19.22
N GLN A 43 -2.18 1.86 18.66
CA GLN A 43 -2.12 3.08 17.87
C GLN A 43 -2.41 2.81 16.39
N PHE A 44 -3.67 2.94 16.02
CA PHE A 44 -4.09 2.73 14.64
C PHE A 44 -5.48 3.32 14.42
N GLU A 45 -6.33 3.20 15.43
CA GLU A 45 -7.69 3.73 15.35
C GLU A 45 -7.67 5.18 14.86
N GLU A 46 -7.03 6.06 15.62
CA GLU A 46 -6.93 7.47 15.26
C GLU A 46 -5.56 7.81 14.70
N ARG A 47 -4.59 6.92 14.91
CA ARG A 47 -3.23 7.15 14.42
C ARG A 47 -2.94 6.33 13.17
N GLY A 48 -3.89 5.47 12.78
CA GLY A 48 -3.72 4.64 11.61
C GLY A 48 -4.26 5.30 10.36
N GLY A 49 -3.46 5.27 9.29
CA GLY A 49 -3.90 5.88 8.04
C GLY A 49 -3.28 5.19 6.84
N VAL A 50 -4.05 5.12 5.75
CA VAL A 50 -3.59 4.48 4.52
C VAL A 50 -3.83 5.38 3.31
N GLU A 51 -2.79 6.13 2.92
CA GLU A 51 -2.89 7.03 1.79
C GLU A 51 -2.65 6.29 0.48
N PHE A 52 -3.02 6.91 -0.64
CA PHE A 52 -2.84 6.31 -1.95
C PHE A 52 -1.83 7.09 -2.78
N VAL A 53 -0.94 6.37 -3.45
CA VAL A 53 0.08 7.00 -4.29
C VAL A 53 0.14 6.31 -5.66
N GLU A 54 1.11 6.71 -6.47
CA GLU A 54 1.28 6.13 -7.80
C GLU A 54 2.64 5.47 -7.94
N THR A 55 2.80 4.66 -8.98
CA THR A 55 4.05 3.96 -9.23
C THR A 55 5.23 4.93 -9.28
N ALA A 56 6.43 4.43 -8.99
CA ALA A 56 7.63 5.25 -9.01
C ALA A 56 8.48 4.96 -10.24
N ASP A 57 9.64 5.61 -10.32
CA ASP A 57 10.55 5.43 -11.44
C ASP A 57 11.81 4.68 -11.01
N ASP A 58 11.68 3.89 -9.95
CA ASP A 58 12.81 3.12 -9.43
C ASP A 58 12.33 2.05 -8.47
N TRP A 59 11.21 1.42 -8.80
CA TRP A 59 10.63 0.37 -7.97
C TRP A 59 11.55 -0.84 -7.89
N GLU A 60 12.31 -1.07 -8.96
CA GLU A 60 13.23 -2.20 -9.01
C GLU A 60 14.25 -2.15 -7.88
N GLU A 61 14.40 -0.98 -7.26
CA GLU A 61 15.34 -0.81 -6.16
C GLU A 61 14.68 -1.05 -4.81
N GLU A 62 13.40 -0.69 -4.71
CA GLU A 62 12.65 -0.86 -3.47
C GLU A 62 12.19 -2.31 -3.31
N ILE A 63 11.43 -2.80 -4.28
CA ILE A 63 10.93 -4.17 -4.23
C ILE A 63 11.86 -5.13 -4.97
N GLY A 64 12.44 -4.66 -6.07
CA GLY A 64 13.34 -5.49 -6.85
C GLY A 64 12.90 -5.62 -8.30
N VAL A 65 11.84 -6.38 -8.53
CA VAL A 65 11.31 -6.59 -9.87
C VAL A 65 10.97 -5.29 -10.57
N LEU A 66 10.61 -5.39 -11.84
CA LEU A 66 10.25 -4.22 -12.63
C LEU A 66 8.76 -3.93 -12.52
N ILE A 67 8.41 -2.66 -12.35
CA ILE A 67 7.01 -2.27 -12.22
C ILE A 67 6.62 -1.21 -13.24
N ASP A 68 5.70 -1.56 -14.13
CA ASP A 68 5.23 -0.64 -15.16
C ASP A 68 4.50 0.55 -14.53
N PRO A 69 5.07 1.76 -14.61
CA PRO A 69 4.46 2.96 -14.03
C PRO A 69 3.11 3.29 -14.65
N GLU A 70 2.35 4.14 -13.96
CA GLU A 70 1.02 4.56 -14.41
C GLU A 70 0.15 3.36 -14.80
N GLU A 71 0.52 2.18 -14.31
CA GLU A 71 -0.22 0.96 -14.62
C GLU A 71 -0.58 0.19 -13.35
N TYR A 72 0.06 0.54 -12.23
CA TYR A 72 -0.20 -0.13 -10.95
C TYR A 72 -0.60 0.89 -9.89
N ALA A 73 -1.20 0.39 -8.82
CA ALA A 73 -1.63 1.24 -7.71
C ALA A 73 -0.74 1.03 -6.49
N GLU A 74 -0.11 2.10 -6.02
CA GLU A 74 0.76 2.01 -4.86
C GLU A 74 0.10 2.63 -3.62
N VAL A 75 -0.01 1.83 -2.56
CA VAL A 75 -0.61 2.29 -1.31
C VAL A 75 0.42 2.28 -0.19
N TRP A 76 0.26 3.21 0.74
CA TRP A 76 1.18 3.33 1.88
C TRP A 76 0.40 3.27 3.20
N VAL A 77 0.93 2.51 4.15
CA VAL A 77 0.29 2.39 5.45
C VAL A 77 1.28 2.65 6.58
N GLY A 78 1.08 3.77 7.27
CA GLY A 78 1.97 4.15 8.36
C GLY A 78 1.24 4.41 9.65
N LEU A 79 1.49 5.58 10.24
CA LEU A 79 0.86 5.95 11.51
C LEU A 79 0.68 7.47 11.56
N VAL A 80 -0.02 8.01 10.57
CA VAL A 80 -0.27 9.44 10.48
C VAL A 80 -1.11 9.94 11.65
N ASN A 81 -1.02 11.25 11.90
CA ASN A 81 -1.77 11.88 12.98
C ASN A 81 -3.08 12.47 12.43
N GLU A 82 -3.51 13.60 12.98
CA GLU A 82 -4.73 14.24 12.52
C GLU A 82 -4.43 15.29 11.45
N GLN A 83 -3.30 15.15 10.77
CA GLN A 83 -2.91 16.09 9.72
C GLN A 83 -2.89 15.41 8.35
N ASP A 84 -2.97 14.09 8.34
CA ASP A 84 -2.97 13.33 7.08
C ASP A 84 -1.59 13.33 6.43
N GLU A 85 -0.55 13.45 7.26
CA GLU A 85 0.83 13.45 6.78
C GLU A 85 1.54 12.21 7.28
N MET A 86 2.02 11.37 6.36
CA MET A 86 2.71 10.15 6.74
C MET A 86 4.19 10.40 7.00
N ASP A 87 4.55 10.54 8.28
CA ASP A 87 5.93 10.77 8.66
C ASP A 87 6.68 9.45 8.80
N ASP A 88 5.93 8.38 9.05
CA ASP A 88 6.50 7.05 9.21
C ASP A 88 5.59 6.00 8.58
N VAL A 89 6.16 5.20 7.68
CA VAL A 89 5.41 4.16 7.00
C VAL A 89 5.81 2.78 7.52
N PHE A 90 4.80 1.94 7.76
CA PHE A 90 5.03 0.59 8.26
C PHE A 90 5.18 -0.38 7.10
N ALA A 91 4.39 -0.15 6.06
CA ALA A 91 4.42 -0.99 4.87
C ALA A 91 3.97 -0.22 3.65
N LYS A 92 4.04 -0.86 2.49
CA LYS A 92 3.63 -0.25 1.23
C LYS A 92 3.13 -1.34 0.30
N PHE A 93 2.07 -1.07 -0.46
CA PHE A 93 1.51 -2.09 -1.33
C PHE A 93 1.44 -1.65 -2.79
N LEU A 94 1.59 -2.63 -3.68
CA LEU A 94 1.53 -2.42 -5.12
C LEU A 94 0.60 -3.44 -5.74
N ILE A 95 -0.40 -3.00 -6.48
CA ILE A 95 -1.37 -3.92 -7.07
C ILE A 95 -1.74 -3.54 -8.51
N SER A 96 -2.05 -4.56 -9.31
CA SER A 96 -2.44 -4.36 -10.70
C SER A 96 -3.81 -3.71 -10.79
N HIS A 97 -3.88 -2.56 -11.48
CA HIS A 97 -5.13 -1.83 -11.65
C HIS A 97 -6.26 -2.73 -12.12
N ARG A 98 -5.99 -3.52 -13.16
CA ARG A 98 -6.98 -4.44 -13.73
C ARG A 98 -7.77 -5.16 -12.66
N GLU A 99 -8.93 -5.68 -13.04
CA GLU A 99 -9.80 -6.39 -12.11
C GLU A 99 -9.62 -7.91 -12.25
N GLU A 100 -9.38 -8.37 -13.47
CA GLU A 100 -9.17 -9.79 -13.72
C GLU A 100 -7.69 -10.12 -13.62
N ASP A 101 -7.36 -11.11 -12.80
CA ASP A 101 -5.96 -11.50 -12.61
C ASP A 101 -5.15 -10.30 -12.14
N ARG A 102 -4.78 -10.29 -10.86
CA ARG A 102 -4.01 -9.19 -10.32
C ARG A 102 -2.89 -9.67 -9.41
N GLU A 103 -1.80 -8.91 -9.38
CA GLU A 103 -0.65 -9.24 -8.56
C GLU A 103 -0.42 -8.16 -7.50
N PHE A 104 -0.21 -8.59 -6.26
CA PHE A 104 0.02 -7.66 -5.17
C PHE A 104 1.39 -7.92 -4.52
N HIS A 105 2.10 -6.85 -4.19
CA HIS A 105 3.41 -6.96 -3.57
C HIS A 105 3.64 -5.87 -2.54
N VAL A 106 3.52 -6.23 -1.27
CA VAL A 106 3.68 -5.29 -0.18
C VAL A 106 5.08 -5.37 0.43
N ILE A 107 5.63 -4.22 0.79
CA ILE A 107 6.96 -4.16 1.40
C ILE A 107 6.86 -3.82 2.89
N TRP A 108 7.63 -4.53 3.69
CA TRP A 108 7.64 -4.31 5.14
C TRP A 108 9.01 -3.82 5.60
N LYS A 109 9.01 -2.87 6.53
CA LYS A 109 10.26 -2.32 7.06
C LYS A 109 10.98 -3.34 7.94
N LYS A 110 12.28 -3.14 8.12
CA LYS A 110 13.09 -4.04 8.94
C LYS A 110 13.51 -3.35 10.23
N MET A 4 -7.81 -8.68 -27.37
CA MET A 4 -7.54 -7.85 -26.17
C MET A 4 -6.74 -6.61 -26.54
N THR A 5 -7.41 -5.62 -27.12
CA THR A 5 -6.76 -4.38 -27.53
C THR A 5 -7.22 -3.23 -26.63
N THR A 6 -8.48 -3.28 -26.20
CA THR A 6 -9.04 -2.24 -25.35
C THR A 6 -9.74 -2.85 -24.15
N GLU A 7 -9.16 -2.66 -22.96
CA GLU A 7 -9.73 -3.19 -21.73
C GLU A 7 -8.86 -2.84 -20.53
N ILE A 8 -8.96 -1.60 -20.08
CA ILE A 8 -8.17 -1.14 -18.93
C ILE A 8 -9.07 -0.47 -17.89
N LYS A 9 -8.96 -0.92 -16.65
CA LYS A 9 -9.77 -0.36 -15.56
C LYS A 9 -8.90 0.50 -14.65
N LYS A 10 -9.31 1.76 -14.47
CA LYS A 10 -8.57 2.69 -13.63
C LYS A 10 -9.08 2.63 -12.19
N LEU A 11 -8.45 3.41 -11.31
CA LEU A 11 -8.85 3.44 -9.90
C LEU A 11 -8.82 4.86 -9.36
N ASP A 12 -9.85 5.23 -8.62
CA ASP A 12 -9.94 6.56 -8.03
C ASP A 12 -9.07 6.65 -6.78
N PRO A 13 -8.80 7.88 -6.30
CA PRO A 13 -7.98 8.09 -5.12
C PRO A 13 -8.53 7.39 -3.89
N ASP A 14 -9.76 7.72 -3.52
CA ASP A 14 -10.41 7.12 -2.36
C ASP A 14 -10.62 5.62 -2.58
N THR A 15 -10.81 5.23 -3.83
CA THR A 15 -11.03 3.82 -4.17
C THR A 15 -9.74 3.02 -4.04
N ALA A 16 -8.64 3.59 -4.53
CA ALA A 16 -7.34 2.94 -4.46
C ALA A 16 -6.94 2.68 -3.02
N ILE A 17 -7.31 3.60 -2.13
CA ILE A 17 -7.00 3.46 -0.72
C ILE A 17 -7.85 2.36 -0.08
N ASP A 18 -9.16 2.50 -0.19
CA ASP A 18 -10.10 1.52 0.37
C ASP A 18 -9.63 0.09 0.10
N ILE A 19 -9.11 -0.14 -1.10
CA ILE A 19 -8.62 -1.47 -1.48
C ILE A 19 -7.42 -1.85 -0.64
N ALA A 20 -6.38 -1.01 -0.69
CA ALA A 20 -5.16 -1.26 0.09
C ALA A 20 -5.48 -1.40 1.57
N TYR A 21 -6.54 -0.73 2.00
CA TYR A 21 -6.95 -0.77 3.40
C TYR A 21 -7.36 -2.19 3.80
N ASP A 22 -8.30 -2.76 3.05
CA ASP A 22 -8.78 -4.11 3.33
C ASP A 22 -7.62 -5.10 3.34
N ILE A 23 -6.60 -4.81 2.52
CA ILE A 23 -5.43 -5.67 2.45
C ILE A 23 -4.70 -5.68 3.79
N PHE A 24 -3.99 -4.59 4.09
CA PHE A 24 -3.26 -4.46 5.35
C PHE A 24 -4.04 -5.06 6.52
N LEU A 25 -5.37 -4.94 6.45
CA LEU A 25 -6.24 -5.46 7.49
C LEU A 25 -6.14 -6.97 7.63
N GLU A 26 -6.11 -7.67 6.50
CA GLU A 26 -6.04 -9.13 6.52
C GLU A 26 -4.65 -9.64 6.14
N MET A 27 -3.93 -8.88 5.32
CA MET A 27 -2.59 -9.25 4.89
C MET A 27 -1.58 -9.15 6.03
N ALA A 28 -1.46 -7.96 6.60
CA ALA A 28 -0.53 -7.72 7.69
C ALA A 28 -0.68 -8.77 8.80
N GLY A 29 0.37 -9.57 9.01
CA GLY A 29 0.31 -10.59 10.03
C GLY A 29 1.61 -11.37 10.16
N GLU A 30 1.70 -12.47 9.40
CA GLU A 30 2.88 -13.33 9.43
C GLU A 30 4.01 -12.78 8.55
N ASN A 31 3.79 -11.63 7.93
CA ASN A 31 4.79 -11.02 7.05
C ASN A 31 5.51 -9.87 7.75
N LEU A 32 4.74 -8.87 8.16
CA LEU A 32 5.30 -7.71 8.84
C LEU A 32 5.92 -8.10 10.18
N ASP A 33 7.10 -7.58 10.46
CA ASP A 33 7.84 -7.87 11.69
C ASP A 33 6.92 -7.84 12.92
N PRO A 34 7.07 -8.81 13.83
CA PRO A 34 6.27 -8.90 15.06
C PRO A 34 6.18 -7.56 15.79
N ALA A 35 7.31 -6.87 15.90
CA ALA A 35 7.34 -5.58 16.59
C ALA A 35 6.29 -4.62 16.05
N ASP A 36 6.37 -4.33 14.76
CA ASP A 36 5.42 -3.42 14.12
C ASP A 36 3.98 -3.91 14.29
N ILE A 37 3.81 -5.21 14.48
CA ILE A 37 2.48 -5.78 14.67
C ILE A 37 1.90 -5.32 16.00
N LEU A 38 2.69 -5.48 17.06
CA LEU A 38 2.27 -5.08 18.40
C LEU A 38 1.83 -3.61 18.40
N LEU A 39 2.68 -2.74 17.87
CA LEU A 39 2.37 -1.31 17.81
C LEU A 39 1.09 -1.08 17.00
N PHE A 40 1.09 -1.59 15.77
CA PHE A 40 -0.06 -1.46 14.89
C PHE A 40 -1.36 -1.80 15.62
N ASN A 41 -1.26 -2.69 16.60
CA ASN A 41 -2.43 -3.10 17.37
C ASN A 41 -2.78 -2.07 18.45
N LEU A 42 -1.83 -1.82 19.35
CA LEU A 42 -2.04 -0.86 20.44
C LEU A 42 -2.27 0.56 19.92
N GLN A 43 -1.81 0.83 18.70
CA GLN A 43 -1.96 2.15 18.12
C GLN A 43 -2.12 2.10 16.61
N PHE A 44 -3.26 2.58 16.13
CA PHE A 44 -3.56 2.60 14.70
C PHE A 44 -4.94 3.19 14.44
N GLU A 45 -5.85 3.00 15.38
CA GLU A 45 -7.21 3.51 15.25
C GLU A 45 -7.20 4.98 14.86
N GLU A 46 -6.66 5.82 15.73
CA GLU A 46 -6.58 7.26 15.46
C GLU A 46 -5.41 7.59 14.55
N ARG A 47 -4.33 6.83 14.66
CA ARG A 47 -3.14 7.05 13.83
C ARG A 47 -3.14 6.10 12.64
N GLY A 48 -4.32 5.79 12.12
CA GLY A 48 -4.43 4.90 10.99
C GLY A 48 -4.73 5.64 9.70
N GLY A 49 -3.82 6.51 9.29
CA GLY A 49 -4.01 7.27 8.07
C GLY A 49 -3.31 6.65 6.87
N VAL A 50 -4.09 6.23 5.89
CA VAL A 50 -3.54 5.61 4.68
C VAL A 50 -3.52 6.61 3.53
N GLU A 51 -2.34 7.09 3.17
CA GLU A 51 -2.19 8.05 2.09
C GLU A 51 -2.06 7.33 0.75
N PHE A 52 -2.50 7.99 -0.32
CA PHE A 52 -2.44 7.41 -1.66
C PHE A 52 -1.32 8.02 -2.47
N VAL A 53 -0.65 7.17 -3.26
CA VAL A 53 0.45 7.60 -4.11
C VAL A 53 0.53 6.72 -5.36
N GLU A 54 1.05 7.27 -6.45
CA GLU A 54 1.14 6.49 -7.68
C GLU A 54 2.51 5.82 -7.78
N THR A 55 2.58 4.76 -8.60
CA THR A 55 3.82 4.02 -8.79
C THR A 55 5.00 4.97 -9.02
N ALA A 56 6.21 4.43 -8.95
CA ALA A 56 7.43 5.22 -9.15
C ALA A 56 8.02 4.99 -10.53
N ASP A 57 9.23 5.47 -10.75
CA ASP A 57 9.90 5.32 -12.04
C ASP A 57 11.06 4.32 -11.93
N ASP A 58 10.88 3.31 -11.07
CA ASP A 58 11.90 2.29 -10.89
C ASP A 58 11.42 1.22 -9.92
N TRP A 59 11.35 1.57 -8.63
CA TRP A 59 10.90 0.64 -7.60
C TRP A 59 11.88 -0.50 -7.38
N GLU A 60 13.04 -0.43 -8.03
CA GLU A 60 14.05 -1.47 -7.90
C GLU A 60 14.76 -1.42 -6.55
N GLU A 61 14.40 -0.44 -5.73
CA GLU A 61 15.01 -0.28 -4.41
C GLU A 61 14.10 -0.82 -3.31
N GLU A 62 12.81 -0.49 -3.40
CA GLU A 62 11.83 -0.94 -2.41
C GLU A 62 11.52 -2.43 -2.57
N ILE A 63 11.08 -2.84 -3.76
CA ILE A 63 10.78 -4.24 -4.01
C ILE A 63 11.88 -4.91 -4.82
N GLY A 64 12.49 -4.16 -5.74
CA GLY A 64 13.56 -4.70 -6.55
C GLY A 64 13.19 -4.89 -8.00
N VAL A 65 12.09 -5.59 -8.25
CA VAL A 65 11.64 -5.85 -9.61
C VAL A 65 11.06 -4.59 -10.27
N LEU A 66 11.15 -4.55 -11.59
CA LEU A 66 10.65 -3.42 -12.36
C LEU A 66 9.13 -3.29 -12.19
N ILE A 67 8.62 -2.09 -12.41
CA ILE A 67 7.19 -1.84 -12.29
C ILE A 67 6.75 -0.72 -13.24
N ASP A 68 5.71 -0.99 -14.02
CA ASP A 68 5.20 0.00 -14.97
C ASP A 68 4.45 1.11 -14.22
N PRO A 69 5.02 2.32 -14.15
CA PRO A 69 4.39 3.45 -13.46
C PRO A 69 2.97 3.70 -13.95
N GLU A 70 2.17 4.36 -13.10
CA GLU A 70 0.78 4.67 -13.43
C GLU A 70 -0.08 3.40 -13.46
N GLU A 71 0.29 2.46 -14.31
CA GLU A 71 -0.45 1.19 -14.45
C GLU A 71 -0.75 0.58 -13.07
N TYR A 72 0.10 0.85 -12.09
CA TYR A 72 -0.10 0.31 -10.75
C TYR A 72 -0.32 1.42 -9.73
N ALA A 73 -1.05 1.10 -8.67
CA ALA A 73 -1.34 2.06 -7.61
C ALA A 73 -0.64 1.67 -6.31
N GLU A 74 0.02 2.65 -5.68
CA GLU A 74 0.73 2.40 -4.44
C GLU A 74 0.07 3.10 -3.26
N VAL A 75 -0.09 2.37 -2.17
CA VAL A 75 -0.70 2.92 -0.95
C VAL A 75 0.29 2.79 0.21
N TRP A 76 0.24 3.74 1.13
CA TRP A 76 1.13 3.74 2.29
C TRP A 76 0.34 3.69 3.59
N VAL A 77 0.77 2.81 4.50
CA VAL A 77 0.11 2.67 5.79
C VAL A 77 1.13 2.79 6.93
N GLY A 78 1.02 3.88 7.67
CA GLY A 78 1.94 4.12 8.76
C GLY A 78 1.25 4.37 10.08
N LEU A 79 1.68 5.42 10.78
CA LEU A 79 1.09 5.78 12.07
C LEU A 79 1.01 7.30 12.19
N VAL A 80 0.20 7.91 11.33
CA VAL A 80 0.02 9.35 11.31
C VAL A 80 -0.28 9.91 12.71
N ASN A 81 -0.04 11.21 12.89
CA ASN A 81 -0.28 11.86 14.16
C ASN A 81 -1.70 12.40 14.24
N GLU A 82 -1.95 13.33 15.14
CA GLU A 82 -3.28 13.91 15.32
C GLU A 82 -3.66 14.81 14.14
N GLN A 83 -2.70 15.10 13.27
CA GLN A 83 -2.96 15.96 12.11
C GLN A 83 -3.37 15.13 10.90
N ASP A 84 -2.39 14.68 10.12
CA ASP A 84 -2.67 13.89 8.92
C ASP A 84 -1.39 13.51 8.20
N GLU A 85 -0.42 14.43 8.19
CA GLU A 85 0.86 14.19 7.52
C GLU A 85 1.53 12.95 8.09
N MET A 86 1.95 12.04 7.20
CA MET A 86 2.61 10.81 7.62
C MET A 86 4.10 10.85 7.31
N ASP A 87 4.91 10.68 8.34
CA ASP A 87 6.36 10.69 8.18
C ASP A 87 6.97 9.32 8.50
N ASP A 88 6.12 8.38 8.91
CA ASP A 88 6.57 7.03 9.25
C ASP A 88 5.61 5.99 8.71
N VAL A 89 6.03 5.28 7.67
CA VAL A 89 5.21 4.25 7.05
C VAL A 89 5.57 2.87 7.59
N PHE A 90 4.55 2.05 7.83
CA PHE A 90 4.75 0.70 8.34
C PHE A 90 4.88 -0.27 7.17
N ALA A 91 3.98 -0.12 6.21
CA ALA A 91 3.97 -0.95 5.02
C ALA A 91 3.55 -0.15 3.80
N LYS A 92 3.64 -0.77 2.63
CA LYS A 92 3.26 -0.12 1.38
C LYS A 92 2.77 -1.20 0.42
N PHE A 93 1.67 -0.95 -0.29
CA PHE A 93 1.12 -1.94 -1.21
C PHE A 93 1.03 -1.41 -2.63
N LEU A 94 1.31 -2.30 -3.59
CA LEU A 94 1.23 -1.96 -5.00
C LEU A 94 0.21 -2.89 -5.65
N ILE A 95 -0.68 -2.33 -6.46
CA ILE A 95 -1.72 -3.15 -7.10
C ILE A 95 -2.02 -2.71 -8.53
N SER A 96 -2.29 -3.69 -9.38
CA SER A 96 -2.62 -3.44 -10.78
C SER A 96 -3.97 -2.75 -10.90
N HIS A 97 -4.02 -1.69 -11.70
CA HIS A 97 -5.27 -0.95 -11.89
C HIS A 97 -6.33 -1.82 -12.57
N ARG A 98 -5.87 -2.72 -13.44
CA ARG A 98 -6.78 -3.60 -14.16
C ARG A 98 -7.31 -4.71 -13.25
N GLU A 99 -8.17 -5.56 -13.82
CA GLU A 99 -8.76 -6.66 -13.07
C GLU A 99 -8.27 -8.01 -13.59
N GLU A 100 -7.63 -7.99 -14.76
CA GLU A 100 -7.11 -9.20 -15.38
C GLU A 100 -6.08 -9.88 -14.47
N ASP A 101 -4.96 -10.29 -15.04
CA ASP A 101 -3.89 -10.93 -14.27
C ASP A 101 -3.15 -9.91 -13.41
N ARG A 102 -3.91 -9.14 -12.63
CA ARG A 102 -3.34 -8.12 -11.77
C ARG A 102 -2.41 -8.70 -10.72
N GLU A 103 -1.33 -8.00 -10.45
CA GLU A 103 -0.35 -8.43 -9.45
C GLU A 103 -0.26 -7.42 -8.31
N PHE A 104 0.06 -7.91 -7.11
CA PHE A 104 0.17 -7.04 -5.94
C PHE A 104 1.37 -7.45 -5.09
N HIS A 105 2.05 -6.47 -4.52
CA HIS A 105 3.22 -6.73 -3.69
C HIS A 105 3.38 -5.67 -2.60
N VAL A 106 3.32 -6.12 -1.34
CA VAL A 106 3.46 -5.22 -0.20
C VAL A 106 4.80 -5.39 0.50
N ILE A 107 5.33 -4.28 1.00
CA ILE A 107 6.61 -4.32 1.72
C ILE A 107 6.40 -3.99 3.20
N TRP A 108 7.06 -4.77 4.06
CA TRP A 108 6.95 -4.57 5.49
C TRP A 108 8.30 -4.19 6.10
N LYS A 109 8.26 -3.41 7.17
CA LYS A 109 9.47 -2.97 7.85
C LYS A 109 10.18 -4.13 8.53
N LYS A 110 11.50 -4.01 8.69
CA LYS A 110 12.29 -5.05 9.33
C LYS A 110 12.59 -4.69 10.78
N MET A 4 -7.36 -3.12 -27.62
CA MET A 4 -7.85 -2.66 -28.94
C MET A 4 -9.02 -1.69 -28.79
N THR A 5 -10.06 -2.13 -28.09
CA THR A 5 -11.24 -1.30 -27.87
C THR A 5 -11.30 -0.82 -26.41
N THR A 6 -10.13 -0.75 -25.77
CA THR A 6 -10.05 -0.30 -24.39
C THR A 6 -10.85 -1.23 -23.47
N GLU A 7 -10.16 -2.20 -22.87
CA GLU A 7 -10.80 -3.16 -21.98
C GLU A 7 -10.31 -2.98 -20.55
N ILE A 8 -9.04 -2.62 -20.40
CA ILE A 8 -8.45 -2.42 -19.08
C ILE A 8 -8.76 -1.03 -18.54
N LYS A 9 -9.17 -0.96 -17.28
CA LYS A 9 -9.49 0.30 -16.64
C LYS A 9 -8.51 0.62 -15.51
N LYS A 10 -8.47 1.88 -15.11
CA LYS A 10 -7.58 2.30 -14.03
C LYS A 10 -8.25 2.18 -12.67
N LEU A 11 -7.51 2.51 -11.62
CA LEU A 11 -8.03 2.45 -10.26
C LEU A 11 -8.33 3.84 -9.71
N ASP A 12 -9.40 3.94 -8.92
CA ASP A 12 -9.80 5.20 -8.33
C ASP A 12 -9.05 5.45 -7.02
N PRO A 13 -8.94 6.72 -6.60
CA PRO A 13 -8.25 7.08 -5.35
C PRO A 13 -8.85 6.38 -4.13
N ASP A 14 -10.10 6.70 -3.82
CA ASP A 14 -10.78 6.09 -2.68
C ASP A 14 -10.81 4.57 -2.81
N THR A 15 -10.89 4.09 -4.05
CA THR A 15 -10.93 2.66 -4.30
C THR A 15 -9.56 2.03 -4.05
N ALA A 16 -8.51 2.75 -4.40
CA ALA A 16 -7.15 2.26 -4.21
C ALA A 16 -6.82 2.08 -2.73
N ILE A 17 -7.49 2.85 -1.89
CA ILE A 17 -7.28 2.78 -0.45
C ILE A 17 -8.04 1.60 0.15
N ASP A 18 -9.37 1.64 0.04
CA ASP A 18 -10.22 0.57 0.59
C ASP A 18 -9.69 -0.82 0.23
N ILE A 19 -9.08 -0.93 -0.94
CA ILE A 19 -8.53 -2.22 -1.38
C ILE A 19 -7.22 -2.52 -0.67
N ALA A 20 -6.32 -1.53 -0.64
CA ALA A 20 -5.04 -1.70 0.04
C ALA A 20 -5.26 -1.87 1.54
N TYR A 21 -6.25 -1.16 2.06
CA TYR A 21 -6.59 -1.23 3.48
C TYR A 21 -6.93 -2.67 3.86
N ASP A 22 -7.72 -3.32 3.01
CA ASP A 22 -8.10 -4.70 3.24
C ASP A 22 -6.87 -5.61 3.15
N ILE A 23 -5.89 -5.19 2.36
CA ILE A 23 -4.66 -5.94 2.20
C ILE A 23 -3.79 -5.81 3.45
N PHE A 24 -3.94 -4.68 4.14
CA PHE A 24 -3.18 -4.45 5.37
C PHE A 24 -3.66 -5.40 6.46
N LEU A 25 -4.97 -5.51 6.60
CA LEU A 25 -5.56 -6.40 7.60
C LEU A 25 -5.56 -7.85 7.12
N GLU A 26 -5.11 -8.06 5.87
CA GLU A 26 -5.08 -9.40 5.30
C GLU A 26 -3.71 -10.06 5.45
N MET A 27 -2.68 -9.40 4.94
CA MET A 27 -1.32 -9.96 4.98
C MET A 27 -0.53 -9.52 6.21
N ALA A 28 -0.80 -8.33 6.74
CA ALA A 28 -0.07 -7.86 7.92
C ALA A 28 -0.16 -8.86 9.06
N GLY A 29 1.00 -9.30 9.54
CA GLY A 29 1.03 -10.27 10.62
C GLY A 29 1.66 -11.57 10.21
N GLU A 30 2.68 -11.49 9.35
CA GLU A 30 3.38 -12.67 8.86
C GLU A 30 4.73 -12.31 8.24
N ASN A 31 4.81 -11.13 7.64
CA ASN A 31 6.04 -10.67 7.01
C ASN A 31 6.58 -9.42 7.72
N LEU A 32 5.67 -8.58 8.18
CA LEU A 32 6.05 -7.34 8.86
C LEU A 32 6.42 -7.62 10.32
N ASP A 33 7.63 -7.19 10.68
CA ASP A 33 8.18 -7.38 12.04
C ASP A 33 7.11 -7.30 13.12
N PRO A 34 7.30 -8.02 14.24
CA PRO A 34 6.35 -8.02 15.35
C PRO A 34 6.18 -6.64 16.00
N ALA A 35 7.26 -5.88 16.03
CA ALA A 35 7.24 -4.55 16.63
C ALA A 35 6.13 -3.68 16.04
N ASP A 36 6.16 -3.49 14.73
CA ASP A 36 5.15 -2.68 14.05
C ASP A 36 3.76 -3.26 14.22
N ILE A 37 3.69 -4.54 14.57
CA ILE A 37 2.40 -5.21 14.79
C ILE A 37 1.79 -4.77 16.11
N LEU A 38 2.59 -4.88 17.18
CA LEU A 38 2.12 -4.50 18.51
C LEU A 38 1.61 -3.06 18.50
N LEU A 39 2.41 -2.14 17.99
CA LEU A 39 2.03 -0.74 17.93
C LEU A 39 0.77 -0.58 17.06
N PHE A 40 0.85 -1.13 15.85
CA PHE A 40 -0.27 -1.07 14.91
C PHE A 40 -1.58 -1.43 15.59
N ASN A 41 -1.51 -2.26 16.63
CA ASN A 41 -2.69 -2.68 17.37
C ASN A 41 -3.17 -1.57 18.31
N LEU A 42 -2.25 -1.04 19.11
CA LEU A 42 -2.59 0.03 20.05
C LEU A 42 -2.11 1.39 19.54
N GLN A 43 -2.35 1.64 18.26
CA GLN A 43 -1.95 2.91 17.65
C GLN A 43 -2.89 3.29 16.51
N PHE A 44 -3.20 2.31 15.66
CA PHE A 44 -4.07 2.55 14.51
C PHE A 44 -5.46 3.01 14.95
N GLU A 45 -5.76 2.90 16.24
CA GLU A 45 -7.05 3.32 16.76
C GLU A 45 -7.27 4.81 16.51
N GLU A 46 -6.24 5.61 16.82
CA GLU A 46 -6.32 7.05 16.62
C GLU A 46 -5.25 7.54 15.64
N ARG A 47 -4.28 6.69 15.32
CA ARG A 47 -3.20 7.06 14.40
C ARG A 47 -3.21 6.17 13.17
N GLY A 48 -4.39 5.88 12.65
CA GLY A 48 -4.50 5.03 11.48
C GLY A 48 -4.87 5.81 10.23
N GLY A 49 -3.91 5.96 9.33
CA GLY A 49 -4.16 6.69 8.09
C GLY A 49 -3.46 6.07 6.90
N VAL A 50 -4.01 6.29 5.72
CA VAL A 50 -3.43 5.74 4.49
C VAL A 50 -3.57 6.72 3.33
N GLU A 51 -2.44 7.15 2.78
CA GLU A 51 -2.45 8.09 1.66
C GLU A 51 -2.20 7.37 0.34
N PHE A 52 -2.87 7.82 -0.71
CA PHE A 52 -2.71 7.22 -2.03
C PHE A 52 -1.62 7.92 -2.84
N VAL A 53 -0.82 7.12 -3.53
CA VAL A 53 0.27 7.65 -4.36
C VAL A 53 0.53 6.74 -5.54
N GLU A 54 0.83 7.32 -6.70
CA GLU A 54 1.11 6.53 -7.89
C GLU A 54 2.45 5.82 -7.78
N THR A 55 2.85 5.16 -8.86
CA THR A 55 4.11 4.44 -8.88
C THR A 55 5.29 5.40 -8.93
N ALA A 56 6.49 4.88 -8.66
CA ALA A 56 7.69 5.68 -8.67
C ALA A 56 8.35 5.64 -10.06
N ASP A 57 9.63 5.99 -10.11
CA ASP A 57 10.36 5.98 -11.37
C ASP A 57 11.11 4.66 -11.53
N ASP A 58 10.53 3.58 -10.99
CA ASP A 58 11.13 2.25 -11.05
C ASP A 58 12.13 2.07 -9.91
N TRP A 59 11.89 1.06 -9.08
CA TRP A 59 12.78 0.78 -7.96
C TRP A 59 12.86 -0.72 -7.66
N GLU A 60 13.23 -1.49 -8.68
CA GLU A 60 13.36 -2.93 -8.53
C GLU A 60 14.59 -3.29 -7.70
N GLU A 61 14.46 -3.17 -6.38
CA GLU A 61 15.58 -3.48 -5.48
C GLU A 61 15.08 -3.91 -4.10
N GLU A 62 14.09 -3.20 -3.58
CA GLU A 62 13.55 -3.51 -2.26
C GLU A 62 12.38 -4.49 -2.35
N ILE A 63 11.43 -4.20 -3.24
CA ILE A 63 10.27 -5.06 -3.42
C ILE A 63 10.60 -6.28 -4.28
N GLY A 64 11.74 -6.24 -4.97
CA GLY A 64 12.14 -7.35 -5.82
C GLY A 64 11.08 -7.71 -6.83
N VAL A 65 10.98 -6.92 -7.89
CA VAL A 65 10.01 -7.15 -8.95
C VAL A 65 10.04 -6.00 -9.96
N LEU A 66 9.91 -6.33 -11.24
CA LEU A 66 9.93 -5.32 -12.29
C LEU A 66 8.86 -4.25 -12.04
N ILE A 67 9.29 -2.99 -11.96
CA ILE A 67 8.37 -1.90 -11.72
C ILE A 67 7.99 -1.20 -13.03
N ASP A 68 6.75 -0.75 -13.11
CA ASP A 68 6.25 -0.07 -14.29
C ASP A 68 5.23 1.00 -13.90
N PRO A 69 5.62 2.28 -13.95
CA PRO A 69 4.73 3.39 -13.59
C PRO A 69 3.52 3.49 -14.51
N GLU A 70 2.44 4.09 -14.01
CA GLU A 70 1.21 4.26 -14.78
C GLU A 70 0.36 2.99 -14.80
N GLU A 71 0.96 1.86 -14.42
CA GLU A 71 0.23 0.59 -14.41
C GLU A 71 0.08 0.03 -12.99
N TYR A 72 0.56 0.78 -11.99
CA TYR A 72 0.45 0.34 -10.60
C TYR A 72 0.10 1.51 -9.69
N ALA A 73 -0.71 1.23 -8.67
CA ALA A 73 -1.10 2.24 -7.70
C ALA A 73 -0.46 1.95 -6.35
N GLU A 74 0.32 2.90 -5.85
CA GLU A 74 1.01 2.72 -4.58
C GLU A 74 0.20 3.28 -3.41
N VAL A 75 0.05 2.47 -2.37
CA VAL A 75 -0.67 2.89 -1.17
C VAL A 75 0.29 2.88 0.01
N TRP A 76 0.14 3.87 0.89
CA TRP A 76 1.00 3.98 2.05
C TRP A 76 0.22 3.85 3.36
N VAL A 77 0.77 3.09 4.29
CA VAL A 77 0.14 2.90 5.59
C VAL A 77 1.10 3.26 6.70
N GLY A 78 0.91 4.44 7.27
CA GLY A 78 1.76 4.91 8.33
C GLY A 78 1.05 5.04 9.66
N LEU A 79 1.45 6.07 10.43
CA LEU A 79 0.83 6.31 11.74
C LEU A 79 0.61 7.81 11.94
N VAL A 80 -0.49 8.32 11.37
CA VAL A 80 -0.83 9.73 11.47
C VAL A 80 -1.18 10.15 12.89
N ASN A 81 -1.30 11.46 13.08
CA ASN A 81 -1.62 12.02 14.38
C ASN A 81 -2.99 12.72 14.33
N GLU A 82 -3.27 13.54 15.34
CA GLU A 82 -4.54 14.24 15.42
C GLU A 82 -4.69 15.22 14.25
N GLN A 83 -3.60 15.53 13.57
CA GLN A 83 -3.64 16.45 12.45
C GLN A 83 -3.95 15.72 11.14
N ASP A 84 -2.92 15.18 10.49
CA ASP A 84 -3.11 14.46 9.23
C ASP A 84 -1.77 14.13 8.57
N GLU A 85 -0.82 13.63 9.36
CA GLU A 85 0.50 13.27 8.84
C GLU A 85 1.08 12.08 9.59
N MET A 86 1.36 11.00 8.86
CA MET A 86 1.92 9.80 9.47
C MET A 86 3.37 10.01 9.90
N ASP A 87 4.06 10.94 9.23
CA ASP A 87 5.46 11.23 9.54
C ASP A 87 6.32 9.96 9.51
N ASP A 88 5.74 8.83 9.09
CA ASP A 88 6.44 7.57 9.03
C ASP A 88 5.50 6.47 8.55
N VAL A 89 5.87 5.83 7.45
CA VAL A 89 5.06 4.76 6.88
C VAL A 89 5.48 3.40 7.40
N PHE A 90 4.51 2.54 7.65
CA PHE A 90 4.77 1.19 8.16
C PHE A 90 4.98 0.23 7.01
N ALA A 91 4.25 0.45 5.92
CA ALA A 91 4.34 -0.40 4.75
C ALA A 91 3.68 0.27 3.55
N LYS A 92 4.00 -0.20 2.35
CA LYS A 92 3.42 0.35 1.13
C LYS A 92 2.87 -0.78 0.28
N PHE A 93 1.81 -0.52 -0.47
CA PHE A 93 1.20 -1.55 -1.30
C PHE A 93 1.02 -1.08 -2.74
N LEU A 94 1.31 -1.97 -3.68
CA LEU A 94 1.17 -1.68 -5.10
C LEU A 94 0.17 -2.64 -5.74
N ILE A 95 -0.75 -2.09 -6.54
CA ILE A 95 -1.76 -2.90 -7.20
C ILE A 95 -1.78 -2.65 -8.71
N SER A 96 -2.00 -3.69 -9.48
CA SER A 96 -2.04 -3.58 -10.93
C SER A 96 -3.35 -2.93 -11.38
N HIS A 97 -3.29 -2.18 -12.48
CA HIS A 97 -4.46 -1.51 -13.01
C HIS A 97 -5.19 -2.37 -14.03
N ARG A 98 -4.98 -3.68 -13.96
CA ARG A 98 -5.62 -4.62 -14.88
C ARG A 98 -6.87 -5.22 -14.25
N GLU A 99 -7.82 -5.61 -15.10
CA GLU A 99 -9.06 -6.21 -14.64
C GLU A 99 -8.91 -7.72 -14.46
N GLU A 100 -8.21 -8.35 -15.41
CA GLU A 100 -8.01 -9.80 -15.36
C GLU A 100 -6.59 -10.11 -14.89
N ASP A 101 -6.48 -10.73 -13.72
CA ASP A 101 -5.18 -11.10 -13.16
C ASP A 101 -4.37 -9.86 -12.82
N ARG A 102 -4.35 -9.50 -11.54
CA ARG A 102 -3.62 -8.32 -11.09
C ARG A 102 -2.64 -8.69 -9.99
N GLU A 103 -1.37 -8.31 -10.16
CA GLU A 103 -0.34 -8.60 -9.18
C GLU A 103 -0.24 -7.48 -8.15
N PHE A 104 0.28 -7.82 -6.97
CA PHE A 104 0.42 -6.84 -5.90
C PHE A 104 1.62 -7.18 -5.01
N HIS A 105 2.30 -6.14 -4.54
CA HIS A 105 3.47 -6.33 -3.67
C HIS A 105 3.42 -5.32 -2.52
N VAL A 106 4.16 -5.61 -1.45
CA VAL A 106 4.17 -4.72 -0.29
C VAL A 106 5.49 -4.77 0.47
N ILE A 107 5.93 -3.62 0.96
CA ILE A 107 7.16 -3.52 1.73
C ILE A 107 6.84 -3.29 3.21
N TRP A 108 7.51 -4.05 4.07
CA TRP A 108 7.32 -3.94 5.51
C TRP A 108 8.60 -3.47 6.19
N LYS A 109 8.45 -2.76 7.30
CA LYS A 109 9.59 -2.25 8.05
C LYS A 109 10.30 -3.38 8.78
N LYS A 110 11.60 -3.20 9.04
CA LYS A 110 12.39 -4.21 9.73
C LYS A 110 13.01 -3.63 11.00
N MET A 4 -1.89 9.46 -24.56
CA MET A 4 -2.27 8.73 -25.80
C MET A 4 -2.35 7.23 -25.55
N THR A 5 -2.37 6.45 -26.62
CA THR A 5 -2.46 4.99 -26.51
C THR A 5 -3.74 4.62 -25.77
N THR A 6 -3.92 3.32 -25.52
CA THR A 6 -5.12 2.87 -24.83
C THR A 6 -4.74 1.83 -23.76
N GLU A 7 -4.64 2.30 -22.52
CA GLU A 7 -4.29 1.42 -21.40
C GLU A 7 -5.53 1.07 -20.58
N ILE A 8 -5.32 0.36 -19.47
CA ILE A 8 -6.42 -0.04 -18.60
C ILE A 8 -6.86 1.12 -17.71
N LYS A 9 -7.98 0.94 -17.03
CA LYS A 9 -8.52 1.97 -16.14
C LYS A 9 -7.96 1.80 -14.72
N LYS A 10 -8.52 2.55 -13.77
CA LYS A 10 -8.08 2.48 -12.39
C LYS A 10 -9.26 2.24 -11.45
N LEU A 11 -9.04 1.39 -10.44
CA LEU A 11 -10.07 1.07 -9.47
C LEU A 11 -10.48 2.30 -8.67
N ASP A 12 -11.72 2.34 -8.23
CA ASP A 12 -12.22 3.45 -7.44
C ASP A 12 -11.43 3.58 -6.14
N PRO A 13 -11.15 4.83 -5.71
CA PRO A 13 -10.39 5.08 -4.48
C PRO A 13 -10.88 4.24 -3.30
N ASP A 14 -12.19 4.23 -3.09
CA ASP A 14 -12.79 3.48 -1.99
C ASP A 14 -12.74 1.97 -2.26
N THR A 15 -12.61 1.60 -3.53
CA THR A 15 -12.56 0.19 -3.90
C THR A 15 -11.16 -0.39 -3.69
N ALA A 16 -10.18 0.15 -4.41
CA ALA A 16 -8.80 -0.32 -4.30
C ALA A 16 -8.28 -0.25 -2.87
N ILE A 17 -8.79 0.71 -2.11
CA ILE A 17 -8.36 0.87 -0.73
C ILE A 17 -9.01 -0.19 0.17
N ASP A 18 -10.34 -0.20 0.20
CA ASP A 18 -11.09 -1.15 1.01
C ASP A 18 -10.48 -2.55 0.94
N ILE A 19 -10.22 -3.01 -0.29
CA ILE A 19 -9.63 -4.34 -0.48
C ILE A 19 -8.24 -4.42 0.14
N ALA A 20 -7.47 -3.35 -0.02
CA ALA A 20 -6.12 -3.31 0.54
C ALA A 20 -6.17 -3.35 2.07
N TYR A 21 -7.10 -2.58 2.63
CA TYR A 21 -7.28 -2.53 4.08
C TYR A 21 -7.42 -3.94 4.64
N ASP A 22 -8.23 -4.76 3.97
CA ASP A 22 -8.45 -6.13 4.38
C ASP A 22 -7.16 -6.94 4.27
N ILE A 23 -6.31 -6.57 3.31
CA ILE A 23 -5.05 -7.25 3.10
C ILE A 23 -4.05 -6.92 4.21
N PHE A 24 -4.17 -5.71 4.77
CA PHE A 24 -3.28 -5.31 5.85
C PHE A 24 -3.55 -6.15 7.10
N LEU A 25 -4.82 -6.26 7.45
CA LEU A 25 -5.22 -7.03 8.62
C LEU A 25 -5.04 -8.54 8.39
N GLU A 26 -5.06 -8.94 7.12
CA GLU A 26 -4.92 -10.35 6.77
C GLU A 26 -3.45 -10.76 6.64
N MET A 27 -2.68 -9.98 5.89
CA MET A 27 -1.27 -10.28 5.67
C MET A 27 -0.43 -9.96 6.90
N ALA A 28 -0.66 -8.77 7.48
CA ALA A 28 0.09 -8.34 8.66
C ALA A 28 0.26 -9.47 9.68
N GLY A 29 1.49 -9.94 9.84
CA GLY A 29 1.77 -11.02 10.77
C GLY A 29 3.25 -11.18 11.03
N GLU A 30 3.80 -12.31 10.61
CA GLU A 30 5.22 -12.60 10.80
C GLU A 30 6.08 -11.69 9.93
N ASN A 31 5.62 -11.42 8.72
CA ASN A 31 6.35 -10.56 7.79
C ASN A 31 6.69 -9.22 8.42
N LEU A 32 5.76 -8.70 9.22
CA LEU A 32 5.96 -7.42 9.89
C LEU A 32 6.67 -7.61 11.23
N ASP A 33 7.42 -6.59 11.65
CA ASP A 33 8.14 -6.65 12.91
C ASP A 33 7.19 -6.57 14.10
N PRO A 34 7.38 -7.44 15.11
CA PRO A 34 6.54 -7.46 16.31
C PRO A 34 6.28 -6.07 16.88
N ALA A 35 7.36 -5.37 17.26
CA ALA A 35 7.23 -4.03 17.84
C ALA A 35 6.29 -3.16 17.01
N ASP A 36 6.52 -3.11 15.70
CA ASP A 36 5.70 -2.31 14.81
C ASP A 36 4.24 -2.75 14.85
N ILE A 37 4.01 -4.02 15.15
CA ILE A 37 2.65 -4.55 15.22
C ILE A 37 1.88 -3.93 16.38
N LEU A 38 2.44 -3.99 17.58
CA LEU A 38 1.80 -3.42 18.76
C LEU A 38 1.50 -1.94 18.54
N LEU A 39 2.52 -1.18 18.15
CA LEU A 39 2.37 0.24 17.91
C LEU A 39 1.20 0.50 16.95
N PHE A 40 1.21 -0.20 15.82
CA PHE A 40 0.17 -0.07 14.81
C PHE A 40 -1.22 -0.18 15.45
N ASN A 41 -1.37 -1.13 16.37
CA ASN A 41 -2.64 -1.33 17.05
C ASN A 41 -3.03 -0.11 17.89
N LEU A 42 -2.16 0.28 18.81
CA LEU A 42 -2.42 1.43 19.67
C LEU A 42 -1.90 2.71 19.04
N GLN A 43 -2.24 2.93 17.78
CA GLN A 43 -1.80 4.13 17.07
C GLN A 43 -2.74 4.45 15.91
N PHE A 44 -3.06 3.43 15.11
CA PHE A 44 -3.95 3.61 13.96
C PHE A 44 -5.15 4.48 14.30
N GLU A 45 -5.67 4.32 15.52
CA GLU A 45 -6.82 5.08 15.97
C GLU A 45 -6.53 6.59 15.90
N GLU A 46 -5.36 6.98 16.36
CA GLU A 46 -4.96 8.38 16.36
C GLU A 46 -4.11 8.71 15.13
N ARG A 47 -2.96 8.05 15.02
CA ARG A 47 -2.06 8.27 13.90
C ARG A 47 -2.31 7.26 12.78
N GLY A 48 -3.51 7.30 12.21
CA GLY A 48 -3.85 6.38 11.14
C GLY A 48 -3.55 6.95 9.77
N GLY A 49 -2.92 6.16 8.92
CA GLY A 49 -2.59 6.60 7.58
C GLY A 49 -2.91 5.55 6.52
N VAL A 50 -3.64 5.96 5.50
CA VAL A 50 -4.01 5.06 4.41
C VAL A 50 -4.17 5.83 3.12
N GLU A 51 -3.09 6.49 2.70
CA GLU A 51 -3.10 7.28 1.48
C GLU A 51 -2.89 6.41 0.24
N PHE A 52 -3.82 6.51 -0.71
CA PHE A 52 -3.73 5.75 -1.94
C PHE A 52 -2.83 6.44 -2.95
N VAL A 53 -1.57 6.01 -3.00
CA VAL A 53 -0.60 6.61 -3.93
C VAL A 53 -0.60 5.89 -5.27
N GLU A 54 0.02 6.52 -6.26
CA GLU A 54 0.10 5.95 -7.60
C GLU A 54 1.43 5.25 -7.81
N THR A 55 1.50 4.39 -8.83
CA THR A 55 2.72 3.66 -9.15
C THR A 55 3.91 4.60 -9.28
N ALA A 56 5.11 4.03 -9.23
CA ALA A 56 6.34 4.81 -9.36
C ALA A 56 7.35 4.12 -10.26
N ASP A 57 8.32 4.87 -10.75
CA ASP A 57 9.35 4.31 -11.62
C ASP A 57 10.54 3.79 -10.81
N ASP A 58 10.76 4.40 -9.64
CA ASP A 58 11.86 3.99 -8.78
C ASP A 58 11.57 2.65 -8.09
N TRP A 59 10.38 2.09 -8.32
CA TRP A 59 9.98 0.82 -7.71
C TRP A 59 11.10 -0.22 -7.83
N GLU A 60 11.91 -0.10 -8.89
CA GLU A 60 13.00 -1.03 -9.12
C GLU A 60 14.07 -0.90 -8.03
N GLU A 61 13.69 -1.21 -6.79
CA GLU A 61 14.60 -1.13 -5.66
C GLU A 61 14.00 -1.84 -4.46
N GLU A 62 12.72 -1.58 -4.20
CA GLU A 62 12.02 -2.19 -3.08
C GLU A 62 11.56 -3.61 -3.42
N ILE A 63 10.57 -3.73 -4.30
CA ILE A 63 10.05 -5.02 -4.69
C ILE A 63 11.01 -5.74 -5.66
N GLY A 64 11.71 -4.95 -6.47
CA GLY A 64 12.65 -5.52 -7.43
C GLY A 64 11.96 -6.10 -8.64
N VAL A 65 11.04 -5.33 -9.22
CA VAL A 65 10.30 -5.76 -10.40
C VAL A 65 9.63 -4.57 -11.08
N LEU A 66 10.07 -4.23 -12.28
CA LEU A 66 9.50 -3.10 -13.01
C LEU A 66 7.99 -3.19 -13.06
N ILE A 67 7.33 -2.11 -12.64
CA ILE A 67 5.87 -2.07 -12.63
C ILE A 67 5.35 -0.98 -13.57
N ASP A 68 4.30 -1.30 -14.31
CA ASP A 68 3.71 -0.35 -15.25
C ASP A 68 3.08 0.83 -14.50
N PRO A 69 3.69 2.04 -14.60
CA PRO A 69 3.18 3.22 -13.92
C PRO A 69 1.76 3.58 -14.36
N GLU A 70 1.07 4.33 -13.50
CA GLU A 70 -0.32 4.74 -13.76
C GLU A 70 -1.19 3.56 -14.21
N GLU A 71 -0.75 2.34 -13.89
CA GLU A 71 -1.49 1.15 -14.25
C GLU A 71 -1.50 0.14 -13.10
N TYR A 72 -1.22 0.63 -11.89
CA TYR A 72 -1.20 -0.22 -10.71
C TYR A 72 -1.63 0.55 -9.48
N ALA A 73 -2.32 -0.12 -8.57
CA ALA A 73 -2.80 0.51 -7.34
C ALA A 73 -1.76 0.40 -6.23
N GLU A 74 -1.20 1.53 -5.81
CA GLU A 74 -0.19 1.53 -4.76
C GLU A 74 -0.76 2.16 -3.49
N VAL A 75 -1.10 1.32 -2.53
CA VAL A 75 -1.64 1.80 -1.26
C VAL A 75 -0.54 1.95 -0.22
N TRP A 76 -0.57 3.04 0.51
CA TRP A 76 0.45 3.30 1.53
C TRP A 76 -0.18 3.46 2.91
N VAL A 77 -0.24 2.37 3.66
CA VAL A 77 -0.80 2.40 5.00
C VAL A 77 0.28 2.52 6.06
N GLY A 78 0.39 3.71 6.63
CA GLY A 78 1.41 3.96 7.64
C GLY A 78 0.89 4.64 8.89
N LEU A 79 1.65 5.61 9.38
CA LEU A 79 1.29 6.36 10.59
C LEU A 79 1.60 7.85 10.40
N VAL A 80 0.56 8.66 10.34
CA VAL A 80 0.72 10.11 10.17
C VAL A 80 0.60 10.85 11.49
N ASN A 81 0.75 12.16 11.44
CA ASN A 81 0.64 12.98 12.65
C ASN A 81 -0.78 13.52 12.80
N GLU A 82 -0.94 14.50 13.67
CA GLU A 82 -2.25 15.10 13.91
C GLU A 82 -2.77 15.79 12.65
N GLN A 83 -1.84 16.30 11.85
CA GLN A 83 -2.21 16.98 10.61
C GLN A 83 -2.62 15.99 9.53
N ASP A 84 -1.66 15.26 8.97
CA ASP A 84 -1.94 14.27 7.92
C ASP A 84 -0.66 13.82 7.22
N GLU A 85 0.36 14.68 7.24
CA GLU A 85 1.64 14.38 6.59
C GLU A 85 2.10 12.95 6.89
N MET A 86 2.58 12.26 5.86
CA MET A 86 3.05 10.89 5.99
C MET A 86 4.52 10.78 5.61
N ASP A 87 5.34 10.28 6.53
CA ASP A 87 6.76 10.12 6.29
C ASP A 87 7.30 8.85 6.96
N ASP A 88 6.40 7.92 7.24
CA ASP A 88 6.77 6.67 7.89
C ASP A 88 5.69 5.62 7.66
N VAL A 89 5.82 4.87 6.57
CA VAL A 89 4.85 3.84 6.23
C VAL A 89 5.22 2.50 6.84
N PHE A 90 4.20 1.71 7.14
CA PHE A 90 4.40 0.39 7.73
C PHE A 90 4.33 -0.70 6.66
N ALA A 91 3.35 -0.58 5.78
CA ALA A 91 3.17 -1.56 4.72
C ALA A 91 2.52 -0.95 3.48
N LYS A 92 3.20 -1.05 2.33
CA LYS A 92 2.67 -0.53 1.08
C LYS A 92 2.38 -1.69 0.13
N PHE A 93 1.21 -1.67 -0.50
CA PHE A 93 0.84 -2.76 -1.41
C PHE A 93 0.71 -2.29 -2.85
N LEU A 94 0.89 -3.23 -3.79
CA LEU A 94 0.78 -2.94 -5.22
C LEU A 94 -0.06 -4.02 -5.91
N ILE A 95 -1.25 -3.65 -6.35
CA ILE A 95 -2.13 -4.61 -7.02
C ILE A 95 -2.40 -4.22 -8.46
N SER A 96 -2.29 -5.20 -9.36
CA SER A 96 -2.52 -4.97 -10.79
C SER A 96 -4.01 -4.76 -11.10
N HIS A 97 -4.41 -3.50 -11.18
CA HIS A 97 -5.80 -3.13 -11.48
C HIS A 97 -6.44 -4.09 -12.48
N ARG A 98 -5.73 -4.39 -13.56
CA ARG A 98 -6.23 -5.29 -14.60
C ARG A 98 -6.84 -6.55 -13.99
N GLU A 99 -7.97 -6.98 -14.55
CA GLU A 99 -8.65 -8.18 -14.07
C GLU A 99 -7.73 -9.39 -14.13
N GLU A 100 -7.04 -9.55 -15.25
CA GLU A 100 -6.12 -10.66 -15.43
C GLU A 100 -4.92 -10.52 -14.49
N ASP A 101 -3.95 -11.41 -14.64
CA ASP A 101 -2.74 -11.36 -13.81
C ASP A 101 -3.09 -11.52 -12.33
N ARG A 102 -3.52 -10.43 -11.71
CA ARG A 102 -3.89 -10.45 -10.30
C ARG A 102 -2.64 -10.61 -9.43
N GLU A 103 -1.73 -9.65 -9.53
CA GLU A 103 -0.49 -9.69 -8.76
C GLU A 103 -0.56 -8.74 -7.57
N PHE A 104 0.16 -9.08 -6.51
CA PHE A 104 0.18 -8.25 -5.30
C PHE A 104 1.54 -8.32 -4.61
N HIS A 105 1.99 -7.16 -4.11
CA HIS A 105 3.27 -7.08 -3.41
C HIS A 105 3.12 -6.20 -2.19
N VAL A 106 4.01 -6.37 -1.20
CA VAL A 106 3.94 -5.55 0.00
C VAL A 106 5.31 -5.36 0.64
N ILE A 107 5.56 -4.14 1.11
CA ILE A 107 6.82 -3.81 1.78
C ILE A 107 6.56 -3.45 3.23
N TRP A 108 6.99 -4.31 4.15
CA TRP A 108 6.80 -4.08 5.58
C TRP A 108 8.00 -3.37 6.19
N LYS A 109 7.74 -2.57 7.22
CA LYS A 109 8.80 -1.83 7.90
C LYS A 109 9.79 -2.78 8.58
N LYS A 110 10.76 -2.19 9.27
CA LYS A 110 11.77 -2.99 9.97
C LYS A 110 12.26 -2.26 11.21
N MET A 4 -0.90 5.29 -22.82
CA MET A 4 -1.93 4.23 -23.01
C MET A 4 -2.81 4.08 -21.78
N THR A 5 -3.84 4.92 -21.69
CA THR A 5 -4.76 4.87 -20.56
C THR A 5 -6.09 4.24 -20.98
N THR A 6 -6.27 4.04 -22.28
CA THR A 6 -7.50 3.44 -22.80
C THR A 6 -7.40 1.92 -22.82
N GLU A 7 -6.21 1.42 -23.13
CA GLU A 7 -5.98 -0.02 -23.19
C GLU A 7 -6.27 -0.67 -21.85
N ILE A 8 -5.65 -0.16 -20.80
CA ILE A 8 -5.84 -0.70 -19.45
C ILE A 8 -6.76 0.20 -18.63
N LYS A 9 -7.58 -0.42 -17.78
CA LYS A 9 -8.50 0.33 -16.93
C LYS A 9 -7.84 0.69 -15.61
N LYS A 10 -8.21 1.84 -15.05
CA LYS A 10 -7.65 2.30 -13.80
C LYS A 10 -8.57 1.98 -12.62
N LEU A 11 -8.16 2.43 -11.44
CA LEU A 11 -8.93 2.19 -10.22
C LEU A 11 -9.31 3.52 -9.56
N ASP A 12 -10.39 3.49 -8.77
CA ASP A 12 -10.85 4.69 -8.08
C ASP A 12 -10.08 4.89 -6.78
N PRO A 13 -9.87 6.15 -6.36
CA PRO A 13 -9.14 6.47 -5.13
C PRO A 13 -9.71 5.73 -3.92
N ASP A 14 -11.01 5.90 -3.69
CA ASP A 14 -11.67 5.24 -2.57
C ASP A 14 -11.69 3.73 -2.73
N THR A 15 -11.70 3.28 -3.98
CA THR A 15 -11.72 1.85 -4.28
C THR A 15 -10.37 1.21 -3.99
N ALA A 16 -9.30 1.87 -4.42
CA ALA A 16 -7.95 1.36 -4.19
C ALA A 16 -7.64 1.27 -2.70
N ILE A 17 -8.11 2.25 -1.94
CA ILE A 17 -7.87 2.29 -0.50
C ILE A 17 -8.65 1.16 0.19
N ASP A 18 -9.97 1.16 0.01
CA ASP A 18 -10.83 0.15 0.62
C ASP A 18 -10.22 -1.24 0.50
N ILE A 19 -9.73 -1.57 -0.69
CA ILE A 19 -9.11 -2.86 -0.93
C ILE A 19 -7.73 -2.93 -0.26
N ALA A 20 -7.00 -1.82 -0.31
CA ALA A 20 -5.68 -1.75 0.29
C ALA A 20 -5.77 -1.98 1.80
N TYR A 21 -6.68 -1.26 2.44
CA TYR A 21 -6.87 -1.38 3.88
C TYR A 21 -7.18 -2.82 4.26
N ASP A 22 -8.04 -3.46 3.47
CA ASP A 22 -8.40 -4.85 3.71
C ASP A 22 -7.18 -5.75 3.60
N ILE A 23 -6.27 -5.40 2.69
CA ILE A 23 -5.05 -6.16 2.49
C ILE A 23 -4.15 -6.07 3.72
N PHE A 24 -3.99 -4.85 4.23
CA PHE A 24 -3.15 -4.61 5.40
C PHE A 24 -3.56 -5.50 6.57
N LEU A 25 -4.81 -5.36 7.01
CA LEU A 25 -5.31 -6.14 8.13
C LEU A 25 -5.35 -7.64 7.83
N GLU A 26 -5.22 -8.01 6.56
CA GLU A 26 -5.27 -9.41 6.16
C GLU A 26 -3.87 -10.04 6.10
N MET A 27 -2.99 -9.47 5.27
CA MET A 27 -1.64 -10.02 5.11
C MET A 27 -0.67 -9.56 6.19
N ALA A 28 -0.77 -8.30 6.61
CA ALA A 28 0.12 -7.78 7.64
C ALA A 28 0.10 -8.63 8.89
N GLY A 29 1.23 -8.64 9.61
CA GLY A 29 1.33 -9.42 10.83
C GLY A 29 2.73 -9.92 11.08
N GLU A 30 2.91 -11.24 10.98
CA GLU A 30 4.22 -11.85 11.20
C GLU A 30 5.17 -11.59 10.02
N ASN A 31 4.65 -10.95 8.98
CA ASN A 31 5.47 -10.64 7.80
C ASN A 31 5.99 -9.21 7.84
N LEU A 32 5.55 -8.44 8.83
CA LEU A 32 5.97 -7.05 8.97
C LEU A 32 7.02 -6.88 10.07
N ASP A 33 6.98 -7.80 11.03
CA ASP A 33 7.91 -7.82 12.17
C ASP A 33 7.23 -7.37 13.46
N PRO A 34 7.49 -8.07 14.59
CA PRO A 34 6.90 -7.76 15.89
C PRO A 34 6.89 -6.26 16.19
N ALA A 35 8.07 -5.65 16.21
CA ALA A 35 8.19 -4.22 16.48
C ALA A 35 7.20 -3.41 15.66
N ASP A 36 7.31 -3.54 14.35
CA ASP A 36 6.42 -2.82 13.44
C ASP A 36 4.96 -3.15 13.74
N ILE A 37 4.72 -4.37 14.24
CA ILE A 37 3.38 -4.79 14.61
C ILE A 37 2.92 -4.04 15.85
N LEU A 38 3.77 -4.05 16.87
CA LEU A 38 3.49 -3.39 18.13
C LEU A 38 2.94 -1.98 17.91
N LEU A 39 3.78 -1.10 17.37
CA LEU A 39 3.37 0.28 17.10
C LEU A 39 2.10 0.34 16.26
N PHE A 40 1.95 -0.62 15.34
CA PHE A 40 0.77 -0.67 14.48
C PHE A 40 -0.47 -1.03 15.29
N ASN A 41 -0.30 -1.84 16.34
CA ASN A 41 -1.42 -2.27 17.16
C ASN A 41 -1.81 -1.20 18.19
N LEU A 42 -0.89 -0.87 19.09
CA LEU A 42 -1.16 0.11 20.14
C LEU A 42 -1.69 1.43 19.58
N GLN A 43 -1.40 1.71 18.31
CA GLN A 43 -1.87 2.95 17.70
C GLN A 43 -2.24 2.76 16.24
N PHE A 44 -3.52 2.94 15.94
CA PHE A 44 -4.03 2.82 14.58
C PHE A 44 -5.47 3.34 14.51
N GLU A 45 -6.31 2.81 15.39
CA GLU A 45 -7.71 3.23 15.44
C GLU A 45 -7.80 4.73 15.72
N GLU A 46 -6.87 5.23 16.53
CA GLU A 46 -6.83 6.64 16.88
C GLU A 46 -5.97 7.44 15.90
N ARG A 47 -4.77 6.92 15.62
CA ARG A 47 -3.86 7.59 14.70
C ARG A 47 -3.55 6.71 13.50
N GLY A 48 -4.59 6.25 12.81
CA GLY A 48 -4.40 5.41 11.65
C GLY A 48 -4.97 6.02 10.39
N GLY A 49 -4.11 6.22 9.40
CA GLY A 49 -4.54 6.80 8.14
C GLY A 49 -3.76 6.23 6.97
N VAL A 50 -4.45 5.91 5.89
CA VAL A 50 -3.81 5.36 4.71
C VAL A 50 -3.98 6.28 3.50
N GLU A 51 -2.86 6.64 2.88
CA GLU A 51 -2.89 7.52 1.72
C GLU A 51 -2.57 6.76 0.44
N PHE A 52 -3.37 6.98 -0.59
CA PHE A 52 -3.16 6.30 -1.87
C PHE A 52 -2.20 7.09 -2.74
N VAL A 53 -1.31 6.39 -3.43
CA VAL A 53 -0.33 7.01 -4.31
C VAL A 53 -0.28 6.31 -5.66
N GLU A 54 0.52 6.85 -6.57
CA GLU A 54 0.66 6.26 -7.90
C GLU A 54 2.06 5.67 -8.08
N THR A 55 2.16 4.60 -8.86
CA THR A 55 3.44 3.95 -9.11
C THR A 55 4.55 4.95 -9.32
N ALA A 56 5.79 4.49 -9.15
CA ALA A 56 6.97 5.33 -9.30
C ALA A 56 7.61 5.13 -10.66
N ASP A 57 8.87 5.54 -10.77
CA ASP A 57 9.63 5.38 -12.00
C ASP A 57 10.40 4.06 -11.94
N ASP A 58 9.74 3.04 -11.40
CA ASP A 58 10.34 1.71 -11.27
C ASP A 58 11.33 1.66 -10.13
N TRP A 59 11.05 0.82 -9.14
CA TRP A 59 11.93 0.69 -7.98
C TRP A 59 12.34 -0.76 -7.75
N GLU A 60 12.70 -1.45 -8.83
CA GLU A 60 13.12 -2.85 -8.74
C GLU A 60 14.32 -3.01 -7.81
N GLU A 61 14.09 -2.82 -6.52
CA GLU A 61 15.14 -2.94 -5.52
C GLU A 61 14.56 -3.28 -4.15
N GLU A 62 13.49 -2.57 -3.78
CA GLU A 62 12.83 -2.81 -2.50
C GLU A 62 12.04 -4.12 -2.55
N ILE A 63 10.98 -4.10 -3.35
CA ILE A 63 10.11 -5.25 -3.53
C ILE A 63 10.81 -6.38 -4.29
N GLY A 64 11.41 -6.03 -5.43
CA GLY A 64 12.09 -7.02 -6.24
C GLY A 64 11.22 -7.57 -7.34
N VAL A 65 10.99 -6.76 -8.37
CA VAL A 65 10.16 -7.16 -9.51
C VAL A 65 9.92 -5.97 -10.43
N LEU A 66 9.90 -6.23 -11.74
CA LEU A 66 9.68 -5.17 -12.71
C LEU A 66 8.44 -4.35 -12.38
N ILE A 67 8.63 -3.04 -12.24
CA ILE A 67 7.53 -2.13 -11.91
C ILE A 67 7.09 -1.35 -13.14
N ASP A 68 5.78 -1.32 -13.37
CA ASP A 68 5.21 -0.61 -14.51
C ASP A 68 4.32 0.53 -14.04
N PRO A 69 4.74 1.79 -14.27
CA PRO A 69 3.97 2.97 -13.85
C PRO A 69 2.61 3.07 -14.53
N GLU A 70 1.66 3.71 -13.85
CA GLU A 70 0.32 3.88 -14.38
C GLU A 70 -0.38 2.54 -14.62
N GLU A 71 0.22 1.45 -14.16
CA GLU A 71 -0.35 0.12 -14.34
C GLU A 71 -0.60 -0.55 -13.00
N TYR A 72 -0.03 -0.01 -11.93
CA TYR A 72 -0.22 -0.58 -10.60
C TYR A 72 -0.64 0.50 -9.61
N ALA A 73 -1.62 0.16 -8.77
CA ALA A 73 -2.11 1.08 -7.75
C ALA A 73 -1.30 0.91 -6.48
N GLU A 74 -0.61 1.96 -6.06
CA GLU A 74 0.20 1.89 -4.86
C GLU A 74 -0.44 2.67 -3.72
N VAL A 75 -0.39 2.07 -2.53
CA VAL A 75 -0.97 2.70 -1.34
C VAL A 75 -0.01 2.60 -0.16
N TRP A 76 0.04 3.65 0.65
CA TRP A 76 0.91 3.67 1.81
C TRP A 76 0.09 3.50 3.09
N VAL A 77 0.68 2.81 4.07
CA VAL A 77 0.02 2.58 5.35
C VAL A 77 0.94 2.97 6.49
N GLY A 78 0.68 4.15 7.06
CA GLY A 78 1.51 4.64 8.16
C GLY A 78 0.74 4.83 9.44
N LEU A 79 1.03 5.93 10.13
CA LEU A 79 0.37 6.25 11.39
C LEU A 79 0.17 7.77 11.50
N VAL A 80 -0.43 8.33 10.44
CA VAL A 80 -0.68 9.77 10.36
C VAL A 80 -1.29 10.32 11.64
N ASN A 81 -1.46 11.63 11.68
CA ASN A 81 -2.04 12.30 12.84
C ASN A 81 -3.55 12.46 12.67
N GLU A 82 -4.14 13.37 13.43
CA GLU A 82 -5.58 13.61 13.38
C GLU A 82 -5.99 14.25 12.05
N GLN A 83 -5.02 14.75 11.29
CA GLN A 83 -5.30 15.39 10.02
C GLN A 83 -5.34 14.36 8.88
N ASP A 84 -4.17 14.04 8.33
CA ASP A 84 -4.08 13.07 7.23
C ASP A 84 -2.64 12.89 6.76
N GLU A 85 -1.87 13.97 6.78
CA GLU A 85 -0.47 13.93 6.33
C GLU A 85 0.25 12.72 6.92
N MET A 86 1.04 12.04 6.09
CA MET A 86 1.78 10.87 6.54
C MET A 86 3.28 11.08 6.38
N ASP A 87 4.02 10.97 7.49
CA ASP A 87 5.46 11.13 7.48
C ASP A 87 6.16 9.86 7.96
N ASP A 88 5.38 8.87 8.37
CA ASP A 88 5.92 7.61 8.85
C ASP A 88 5.05 6.44 8.40
N VAL A 89 5.43 5.85 7.27
CA VAL A 89 4.68 4.73 6.71
C VAL A 89 5.21 3.39 7.25
N PHE A 90 4.30 2.46 7.45
CA PHE A 90 4.65 1.13 7.95
C PHE A 90 4.97 0.19 6.79
N ALA A 91 4.26 0.37 5.68
CA ALA A 91 4.45 -0.47 4.51
C ALA A 91 3.87 0.20 3.26
N LYS A 92 4.26 -0.30 2.09
CA LYS A 92 3.75 0.22 0.83
C LYS A 92 3.19 -0.94 0.02
N PHE A 93 2.13 -0.70 -0.73
CA PHE A 93 1.50 -1.77 -1.52
C PHE A 93 1.39 -1.42 -2.99
N LEU A 94 1.11 -2.46 -3.78
CA LEU A 94 0.94 -2.33 -5.22
C LEU A 94 -0.08 -3.35 -5.70
N ILE A 95 -1.13 -2.88 -6.37
CA ILE A 95 -2.18 -3.76 -6.86
C ILE A 95 -2.42 -3.58 -8.35
N SER A 96 -2.59 -4.70 -9.05
CA SER A 96 -2.82 -4.69 -10.49
C SER A 96 -4.15 -4.00 -10.82
N HIS A 97 -4.07 -2.89 -11.55
CA HIS A 97 -5.25 -2.14 -11.93
C HIS A 97 -6.23 -3.00 -12.73
N ARG A 98 -5.68 -3.85 -13.61
CA ARG A 98 -6.50 -4.72 -14.45
C ARG A 98 -7.47 -5.54 -13.62
N GLU A 99 -8.25 -6.38 -14.30
CA GLU A 99 -9.23 -7.23 -13.63
C GLU A 99 -8.84 -8.70 -13.71
N GLU A 100 -8.38 -9.13 -14.88
CA GLU A 100 -7.96 -10.51 -15.08
C GLU A 100 -6.56 -10.72 -14.51
N ASP A 101 -6.44 -11.67 -13.59
CA ASP A 101 -5.16 -11.95 -12.96
C ASP A 101 -4.74 -10.75 -12.13
N ARG A 102 -4.73 -10.91 -10.81
CA ARG A 102 -4.35 -9.82 -9.92
C ARG A 102 -3.06 -10.14 -9.17
N GLU A 103 -2.14 -9.17 -9.17
CA GLU A 103 -0.86 -9.34 -8.49
C GLU A 103 -0.62 -8.18 -7.53
N PHE A 104 -0.17 -8.50 -6.32
CA PHE A 104 0.09 -7.47 -5.32
C PHE A 104 1.35 -7.78 -4.50
N HIS A 105 2.09 -6.73 -4.16
CA HIS A 105 3.30 -6.87 -3.38
C HIS A 105 3.37 -5.77 -2.32
N VAL A 106 4.11 -6.02 -1.24
CA VAL A 106 4.21 -5.03 -0.16
C VAL A 106 5.53 -5.09 0.60
N ILE A 107 6.01 -3.93 1.03
CA ILE A 107 7.24 -3.84 1.82
C ILE A 107 6.92 -3.44 3.25
N TRP A 108 7.55 -4.11 4.21
CA TRP A 108 7.33 -3.80 5.62
C TRP A 108 8.55 -3.10 6.22
N LYS A 109 9.36 -3.83 7.02
CA LYS A 109 10.54 -3.22 7.63
C LYS A 109 11.43 -4.30 8.24
N LYS A 110 12.73 -4.00 8.32
CA LYS A 110 13.70 -4.94 8.89
C LYS A 110 14.49 -4.28 10.02
N MET A 4 -14.29 2.26 -29.67
CA MET A 4 -12.92 2.33 -29.10
C MET A 4 -12.87 3.28 -27.92
N THR A 5 -11.67 3.50 -27.39
CA THR A 5 -11.49 4.40 -26.25
C THR A 5 -9.99 4.60 -25.95
N THR A 6 -9.22 3.53 -26.09
CA THR A 6 -7.78 3.57 -25.84
C THR A 6 -7.50 3.57 -24.33
N GLU A 7 -6.44 4.25 -23.91
CA GLU A 7 -6.08 4.33 -22.49
C GLU A 7 -6.20 2.97 -21.80
N ILE A 8 -6.12 2.98 -20.47
CA ILE A 8 -6.22 1.76 -19.68
C ILE A 8 -7.23 1.93 -18.55
N LYS A 9 -7.79 0.82 -18.08
CA LYS A 9 -8.75 0.86 -17.00
C LYS A 9 -8.06 0.77 -15.65
N LYS A 10 -7.89 1.92 -15.01
CA LYS A 10 -7.24 1.99 -13.72
C LYS A 10 -8.24 1.97 -12.57
N LEU A 11 -7.97 1.14 -11.56
CA LEU A 11 -8.84 1.02 -10.40
C LEU A 11 -9.19 2.39 -9.84
N ASP A 12 -10.28 2.46 -9.08
CA ASP A 12 -10.71 3.72 -8.48
C ASP A 12 -9.90 4.03 -7.23
N PRO A 13 -9.76 5.32 -6.89
CA PRO A 13 -9.00 5.75 -5.71
C PRO A 13 -9.53 5.11 -4.42
N ASP A 14 -10.79 5.38 -4.12
CA ASP A 14 -11.42 4.83 -2.92
C ASP A 14 -11.54 3.31 -3.02
N THR A 15 -11.65 2.80 -4.23
CA THR A 15 -11.77 1.37 -4.46
C THR A 15 -10.49 0.63 -4.07
N ALA A 16 -9.37 1.07 -4.63
CA ALA A 16 -8.08 0.45 -4.33
C ALA A 16 -7.75 0.59 -2.85
N ILE A 17 -7.81 1.82 -2.34
CA ILE A 17 -7.53 2.10 -0.94
C ILE A 17 -8.26 1.10 -0.03
N ASP A 18 -9.47 0.75 -0.43
CA ASP A 18 -10.28 -0.20 0.33
C ASP A 18 -9.64 -1.59 0.30
N ILE A 19 -9.11 -1.96 -0.87
CA ILE A 19 -8.46 -3.25 -1.03
C ILE A 19 -7.23 -3.37 -0.13
N ALA A 20 -6.26 -2.49 -0.37
CA ALA A 20 -5.02 -2.48 0.42
C ALA A 20 -5.33 -2.52 1.92
N TYR A 21 -6.39 -1.82 2.31
CA TYR A 21 -6.79 -1.78 3.71
C TYR A 21 -7.05 -3.19 4.23
N ASP A 22 -7.93 -3.92 3.54
CA ASP A 22 -8.28 -5.28 3.93
C ASP A 22 -7.01 -6.14 4.04
N ILE A 23 -6.01 -5.83 3.21
CA ILE A 23 -4.76 -6.57 3.24
C ILE A 23 -4.09 -6.43 4.59
N PHE A 24 -3.51 -5.25 4.85
CA PHE A 24 -2.83 -4.99 6.12
C PHE A 24 -3.60 -5.57 7.31
N LEU A 25 -4.92 -5.64 7.17
CA LEU A 25 -5.78 -6.17 8.23
C LEU A 25 -5.52 -7.64 8.48
N GLU A 26 -5.41 -8.43 7.39
CA GLU A 26 -5.18 -9.86 7.51
C GLU A 26 -3.73 -10.22 7.21
N MET A 27 -3.08 -9.43 6.38
CA MET A 27 -1.68 -9.67 6.01
C MET A 27 -0.74 -9.35 7.16
N ALA A 28 -0.88 -8.15 7.73
CA ALA A 28 -0.04 -7.72 8.84
C ALA A 28 -0.06 -8.75 9.97
N GLY A 29 1.04 -9.50 10.10
CA GLY A 29 1.13 -10.50 11.15
C GLY A 29 2.53 -11.02 11.34
N GLU A 30 2.92 -11.98 10.51
CA GLU A 30 4.25 -12.58 10.59
C GLU A 30 5.22 -11.93 9.60
N ASN A 31 4.74 -10.93 8.85
CA ASN A 31 5.57 -10.25 7.88
C ASN A 31 6.21 -9.00 8.49
N LEU A 32 5.53 -8.41 9.47
CA LEU A 32 6.04 -7.22 10.13
C LEU A 32 6.77 -7.58 11.42
N ASP A 33 7.89 -6.91 11.66
CA ASP A 33 8.70 -7.16 12.85
C ASP A 33 7.85 -7.14 14.13
N PRO A 34 8.27 -7.91 15.15
CA PRO A 34 7.54 -8.00 16.43
C PRO A 34 7.63 -6.74 17.28
N ALA A 35 7.85 -5.59 16.65
CA ALA A 35 7.93 -4.32 17.36
C ALA A 35 6.85 -3.37 16.84
N ASP A 36 7.00 -2.96 15.59
CA ASP A 36 6.02 -2.07 14.98
C ASP A 36 4.63 -2.71 15.03
N ILE A 37 4.60 -4.03 15.16
CA ILE A 37 3.33 -4.75 15.26
C ILE A 37 2.60 -4.31 16.52
N LEU A 38 3.37 -4.17 17.59
CA LEU A 38 2.82 -3.72 18.87
C LEU A 38 2.23 -2.33 18.71
N LEU A 39 3.01 -1.44 18.08
CA LEU A 39 2.57 -0.07 17.85
C LEU A 39 1.23 -0.06 17.11
N PHE A 40 1.11 -0.96 16.14
CA PHE A 40 -0.11 -1.09 15.35
C PHE A 40 -1.30 -1.39 16.26
N ASN A 41 -1.04 -2.11 17.35
CA ASN A 41 -2.08 -2.47 18.30
C ASN A 41 -2.45 -1.28 19.18
N LEU A 42 -1.44 -0.65 19.78
CA LEU A 42 -1.66 0.50 20.65
C LEU A 42 -2.20 1.70 19.87
N GLN A 43 -1.68 1.90 18.66
CA GLN A 43 -2.13 3.00 17.82
C GLN A 43 -2.82 2.46 16.57
N PHE A 44 -2.87 3.28 15.52
CA PHE A 44 -3.49 2.90 14.25
C PHE A 44 -5.00 3.12 14.28
N GLU A 45 -5.59 3.08 15.48
CA GLU A 45 -7.02 3.27 15.65
C GLU A 45 -7.33 4.76 15.83
N GLU A 46 -6.40 5.46 16.48
CA GLU A 46 -6.55 6.89 16.72
C GLU A 46 -5.64 7.70 15.79
N ARG A 47 -4.53 7.08 15.39
CA ARG A 47 -3.58 7.73 14.50
C ARG A 47 -3.36 6.90 13.24
N GLY A 48 -4.44 6.33 12.72
CA GLY A 48 -4.34 5.51 11.52
C GLY A 48 -4.67 6.28 10.27
N GLY A 49 -3.79 6.21 9.29
CA GLY A 49 -4.01 6.91 8.02
C GLY A 49 -3.37 6.19 6.85
N VAL A 50 -4.16 5.95 5.81
CA VAL A 50 -3.66 5.27 4.62
C VAL A 50 -3.97 6.08 3.37
N GLU A 51 -2.91 6.59 2.73
CA GLU A 51 -3.07 7.39 1.52
C GLU A 51 -2.86 6.54 0.27
N PHE A 52 -3.11 7.14 -0.89
CA PHE A 52 -2.95 6.44 -2.17
C PHE A 52 -2.04 7.23 -3.11
N VAL A 53 -0.96 6.59 -3.54
CA VAL A 53 -0.02 7.23 -4.46
C VAL A 53 0.11 6.43 -5.76
N GLU A 54 1.13 6.73 -6.55
CA GLU A 54 1.35 6.02 -7.81
C GLU A 54 2.74 5.39 -7.85
N THR A 55 2.98 4.58 -8.88
CA THR A 55 4.27 3.91 -9.04
C THR A 55 5.39 4.93 -9.18
N ALA A 56 6.62 4.49 -8.96
CA ALA A 56 7.79 5.36 -9.05
C ALA A 56 8.69 4.94 -10.22
N ASP A 57 9.87 5.55 -10.29
CA ASP A 57 10.82 5.24 -11.36
C ASP A 57 12.02 4.48 -10.82
N ASP A 58 11.83 3.77 -9.72
CA ASP A 58 12.90 2.99 -9.10
C ASP A 58 12.34 2.01 -8.08
N TRP A 59 11.56 1.04 -8.56
CA TRP A 59 10.96 0.05 -7.69
C TRP A 59 11.80 -1.22 -7.63
N GLU A 60 12.53 -1.50 -8.71
CA GLU A 60 13.37 -2.69 -8.78
C GLU A 60 14.57 -2.58 -7.83
N GLU A 61 14.27 -2.54 -6.54
CA GLU A 61 15.32 -2.43 -5.52
C GLU A 61 14.83 -2.92 -4.16
N GLU A 62 13.68 -2.39 -3.74
CA GLU A 62 13.11 -2.77 -2.46
C GLU A 62 12.40 -4.11 -2.53
N ILE A 63 11.31 -4.18 -3.29
CA ILE A 63 10.55 -5.42 -3.43
C ILE A 63 11.27 -6.42 -4.34
N GLY A 64 11.88 -5.91 -5.40
CA GLY A 64 12.58 -6.76 -6.33
C GLY A 64 11.67 -7.40 -7.36
N VAL A 65 11.34 -6.65 -8.41
CA VAL A 65 10.48 -7.13 -9.48
C VAL A 65 10.10 -5.99 -10.41
N LEU A 66 9.89 -6.30 -11.68
CA LEU A 66 9.53 -5.29 -12.67
C LEU A 66 8.23 -4.59 -12.28
N ILE A 67 8.29 -3.27 -12.21
CA ILE A 67 7.12 -2.47 -11.85
C ILE A 67 6.81 -1.42 -12.91
N ASP A 68 5.91 -1.75 -13.83
CA ASP A 68 5.52 -0.84 -14.89
C ASP A 68 4.70 0.32 -14.33
N PRO A 69 5.21 1.57 -14.44
CA PRO A 69 4.49 2.76 -13.94
C PRO A 69 3.15 2.94 -14.63
N GLU A 70 2.21 3.56 -13.91
CA GLU A 70 0.87 3.80 -14.45
C GLU A 70 0.09 2.49 -14.59
N GLU A 71 0.71 1.38 -14.24
CA GLU A 71 0.08 0.07 -14.33
C GLU A 71 -0.10 -0.56 -12.94
N TYR A 72 0.51 0.06 -11.94
CA TYR A 72 0.42 -0.45 -10.57
C TYR A 72 0.10 0.68 -9.60
N ALA A 73 -0.89 0.46 -8.74
CA ALA A 73 -1.29 1.46 -7.76
C ALA A 73 -0.50 1.28 -6.48
N GLU A 74 0.15 2.34 -6.02
CA GLU A 74 0.95 2.27 -4.81
C GLU A 74 0.24 2.93 -3.64
N VAL A 75 -0.12 2.12 -2.64
CA VAL A 75 -0.80 2.62 -1.46
C VAL A 75 0.14 2.55 -0.26
N TRP A 76 0.03 3.53 0.64
CA TRP A 76 0.88 3.58 1.82
C TRP A 76 0.06 3.50 3.09
N VAL A 77 0.54 2.72 4.06
CA VAL A 77 -0.13 2.56 5.34
C VAL A 77 0.80 2.94 6.48
N GLY A 78 0.55 4.10 7.08
CA GLY A 78 1.40 4.57 8.17
C GLY A 78 0.65 4.73 9.48
N LEU A 79 1.02 5.77 10.23
CA LEU A 79 0.41 6.06 11.52
C LEU A 79 0.32 7.56 11.73
N VAL A 80 -0.20 8.26 10.73
CA VAL A 80 -0.34 9.70 10.78
C VAL A 80 -1.43 10.12 11.75
N ASN A 81 -1.40 11.38 12.16
CA ASN A 81 -2.39 11.91 13.09
C ASN A 81 -3.61 12.48 12.36
N GLU A 82 -4.15 13.60 12.82
CA GLU A 82 -5.34 14.20 12.21
C GLU A 82 -5.03 14.90 10.90
N GLN A 83 -4.01 15.74 10.89
CA GLN A 83 -3.62 16.49 9.69
C GLN A 83 -3.43 15.57 8.48
N ASP A 84 -3.24 14.27 8.74
CA ASP A 84 -3.03 13.29 7.67
C ASP A 84 -1.93 13.75 6.71
N GLU A 85 -0.80 14.15 7.27
CA GLU A 85 0.34 14.62 6.47
C GLU A 85 1.33 13.50 6.22
N MET A 86 0.86 12.25 6.28
CA MET A 86 1.69 11.07 6.05
C MET A 86 3.15 11.30 6.45
N ASP A 87 3.50 10.89 7.67
CA ASP A 87 4.86 11.05 8.15
C ASP A 87 5.26 9.87 9.04
N ASP A 88 5.04 8.66 8.53
CA ASP A 88 5.37 7.43 9.26
C ASP A 88 4.66 6.24 8.63
N VAL A 89 5.24 5.69 7.56
CA VAL A 89 4.65 4.54 6.89
C VAL A 89 5.14 3.23 7.49
N PHE A 90 4.21 2.31 7.71
CA PHE A 90 4.53 1.01 8.27
C PHE A 90 4.86 0.06 7.14
N ALA A 91 4.00 0.06 6.14
CA ALA A 91 4.16 -0.79 4.96
C ALA A 91 3.63 -0.08 3.74
N LYS A 92 3.90 -0.64 2.57
CA LYS A 92 3.43 -0.06 1.32
C LYS A 92 2.85 -1.16 0.45
N PHE A 93 1.84 -0.85 -0.36
CA PHE A 93 1.21 -1.88 -1.18
C PHE A 93 1.16 -1.49 -2.66
N LEU A 94 1.32 -2.51 -3.52
CA LEU A 94 1.28 -2.33 -4.96
C LEU A 94 0.40 -3.41 -5.59
N ILE A 95 -0.57 -2.99 -6.40
CA ILE A 95 -1.50 -3.93 -7.03
C ILE A 95 -1.73 -3.64 -8.50
N SER A 96 -1.95 -4.70 -9.28
CA SER A 96 -2.19 -4.59 -10.72
C SER A 96 -3.52 -3.90 -11.01
N HIS A 97 -3.47 -2.90 -11.89
CA HIS A 97 -4.67 -2.16 -12.28
C HIS A 97 -5.54 -2.97 -13.23
N ARG A 98 -4.89 -3.73 -14.10
CA ARG A 98 -5.60 -4.57 -15.08
C ARG A 98 -6.61 -5.49 -14.41
N GLU A 99 -7.28 -6.30 -15.21
CA GLU A 99 -8.28 -7.23 -14.71
C GLU A 99 -7.75 -8.66 -14.67
N GLU A 100 -7.16 -9.11 -15.78
CA GLU A 100 -6.60 -10.46 -15.86
C GLU A 100 -5.31 -10.52 -15.06
N ASP A 101 -5.17 -11.56 -14.24
CA ASP A 101 -3.97 -11.70 -13.41
C ASP A 101 -3.81 -10.49 -12.51
N ARG A 102 -3.96 -10.69 -11.20
CA ARG A 102 -3.81 -9.59 -10.26
C ARG A 102 -2.74 -9.91 -9.23
N GLU A 103 -1.63 -9.19 -9.29
CA GLU A 103 -0.51 -9.40 -8.38
C GLU A 103 -0.44 -8.27 -7.36
N PHE A 104 -0.29 -8.65 -6.08
CA PHE A 104 -0.19 -7.67 -5.00
C PHE A 104 1.10 -7.89 -4.23
N HIS A 105 1.75 -6.79 -3.84
CA HIS A 105 2.99 -6.88 -3.07
C HIS A 105 3.02 -5.83 -1.97
N VAL A 106 3.76 -6.13 -0.91
CA VAL A 106 3.86 -5.20 0.21
C VAL A 106 5.20 -5.30 0.93
N ILE A 107 5.72 -4.15 1.34
CA ILE A 107 6.99 -4.09 2.07
C ILE A 107 6.77 -3.68 3.51
N TRP A 108 7.44 -4.37 4.42
CA TRP A 108 7.32 -4.08 5.85
C TRP A 108 8.60 -3.46 6.38
N LYS A 109 8.46 -2.60 7.38
CA LYS A 109 9.62 -1.93 7.99
C LYS A 109 10.55 -2.95 8.65
N LYS A 110 11.82 -2.59 8.75
CA LYS A 110 12.81 -3.47 9.36
C LYS A 110 13.92 -2.67 10.02
#